data_6IZG
#
_entry.id   6IZG
#
_entity_poly.entity_id   1
_entity_poly.type   'polypeptide(L)'
_entity_poly.pdbx_seq_one_letter_code
;MSQNEEAPARSGGKVTFRIILTSERSQPFRVISIAEEAPLTAALRFAAEEFGIASVDSMAATTKDGTGINPAQTAGNVFM
KYGQEIRLIPRDRVG
;
_entity_poly.pdbx_strand_id   A
#
# COMPACT_ATOMS: atom_id res chain seq x y z
N MET A 1 -9.56 2.89 -22.89
CA MET A 1 -10.65 1.95 -22.51
C MET A 1 -10.46 1.48 -21.09
N SER A 2 -11.16 2.14 -20.14
CA SER A 2 -11.05 1.76 -18.76
C SER A 2 -12.34 2.13 -18.11
N GLN A 3 -12.77 1.33 -17.10
CA GLN A 3 -14.00 1.62 -16.42
C GLN A 3 -13.72 1.53 -14.96
N ASN A 4 -14.13 2.55 -14.18
CA ASN A 4 -13.89 2.54 -12.77
C ASN A 4 -14.98 1.73 -12.13
N GLU A 5 -14.59 0.84 -11.20
CA GLU A 5 -15.56 0.01 -10.53
C GLU A 5 -15.26 0.09 -9.07
N GLU A 6 -16.31 -0.03 -8.22
CA GLU A 6 -16.11 0.03 -6.80
C GLU A 6 -15.59 -1.30 -6.35
N ALA A 7 -14.78 -1.30 -5.28
CA ALA A 7 -14.24 -2.53 -4.76
C ALA A 7 -15.35 -3.25 -4.04
N PRO A 8 -15.29 -4.56 -4.05
CA PRO A 8 -16.30 -5.38 -3.40
C PRO A 8 -16.04 -5.54 -1.93
N ALA A 9 -16.07 -4.40 -1.19
CA ALA A 9 -15.84 -4.44 0.23
C ALA A 9 -17.17 -4.61 0.91
N ARG A 10 -18.27 -4.48 0.14
CA ARG A 10 -19.59 -4.61 0.72
C ARG A 10 -19.81 -6.04 1.08
N SER A 11 -19.37 -6.98 0.22
CA SER A 11 -19.53 -8.38 0.50
C SER A 11 -18.16 -9.00 0.50
N GLY A 12 -17.69 -9.46 1.67
CA GLY A 12 -16.38 -10.06 1.73
C GLY A 12 -15.77 -9.65 3.03
N GLY A 13 -14.43 -9.80 3.13
CA GLY A 13 -13.73 -9.42 4.33
C GLY A 13 -13.07 -8.10 4.07
N LYS A 14 -12.94 -7.27 5.12
CA LYS A 14 -12.33 -5.98 4.97
C LYS A 14 -11.02 -6.01 5.69
N VAL A 15 -9.97 -5.44 5.06
CA VAL A 15 -8.65 -5.43 5.66
C VAL A 15 -8.11 -4.03 5.50
N THR A 16 -7.43 -3.53 6.56
CA THR A 16 -6.87 -2.20 6.50
C THR A 16 -5.38 -2.35 6.64
N PHE A 17 -4.62 -1.44 5.99
CA PHE A 17 -3.19 -1.50 6.05
C PHE A 17 -2.70 -0.12 6.32
N ARG A 18 -1.67 -0.01 7.20
CA ARG A 18 -1.12 1.28 7.53
C ARG A 18 0.28 1.28 6.99
N ILE A 19 0.61 2.30 6.17
CA ILE A 19 1.91 2.37 5.58
C ILE A 19 2.55 3.67 6.02
N ILE A 20 3.80 3.59 6.50
CA ILE A 20 4.50 4.77 6.96
C ILE A 20 5.26 5.30 5.78
N LEU A 21 4.99 6.57 5.41
CA LEU A 21 5.65 7.17 4.28
C LEU A 21 6.77 8.03 4.78
N THR A 22 7.96 7.88 4.17
CA THR A 22 9.09 8.67 4.57
C THR A 22 9.19 9.86 3.64
N SER A 23 8.34 9.86 2.58
CA SER A 23 8.37 10.94 1.62
C SER A 23 7.42 12.01 2.06
N GLU A 24 6.54 11.72 3.05
CA GLU A 24 5.60 12.70 3.50
C GLU A 24 5.87 12.98 4.95
N ARG A 25 6.72 14.00 5.21
CA ARG A 25 7.06 14.37 6.57
C ARG A 25 5.83 14.89 7.26
N SER A 26 4.98 15.65 6.53
CA SER A 26 3.80 16.23 7.13
C SER A 26 2.86 15.16 7.61
N GLN A 27 2.74 14.05 6.86
CA GLN A 27 1.84 13.00 7.29
C GLN A 27 2.45 11.68 6.88
N PRO A 28 3.30 11.14 7.73
CA PRO A 28 3.94 9.88 7.46
C PRO A 28 3.11 8.70 7.86
N PHE A 29 1.86 8.63 7.36
CA PHE A 29 1.00 7.52 7.69
C PHE A 29 -0.24 7.61 6.85
N ARG A 30 -0.35 6.69 5.87
CA ARG A 30 -1.53 6.64 5.04
C ARG A 30 -2.14 5.30 5.24
N VAL A 31 -3.48 5.27 5.39
CA VAL A 31 -4.16 4.02 5.62
C VAL A 31 -4.98 3.72 4.39
N ILE A 32 -4.82 2.49 3.86
CA ILE A 32 -5.59 2.08 2.71
C ILE A 32 -6.54 1.02 3.21
N SER A 33 -7.80 1.07 2.74
CA SER A 33 -8.77 0.09 3.16
C SER A 33 -9.22 -0.61 1.93
N ILE A 34 -9.02 -1.94 1.89
CA ILE A 34 -9.43 -2.70 0.73
C ILE A 34 -9.99 -3.99 1.23
N ALA A 35 -10.80 -4.66 0.41
CA ALA A 35 -11.36 -5.91 0.82
C ALA A 35 -10.29 -6.95 0.70
N GLU A 36 -10.39 -8.02 1.52
CA GLU A 36 -9.42 -9.10 1.46
C GLU A 36 -9.50 -9.73 0.10
N GLU A 37 -10.73 -9.85 -0.42
CA GLU A 37 -10.94 -10.46 -1.71
C GLU A 37 -10.91 -9.40 -2.79
N ALA A 38 -10.53 -8.15 -2.44
CA ALA A 38 -10.49 -7.10 -3.42
C ALA A 38 -9.17 -7.17 -4.13
N PRO A 39 -9.14 -6.67 -5.35
CA PRO A 39 -7.93 -6.65 -6.15
C PRO A 39 -6.93 -5.63 -5.69
N LEU A 40 -5.66 -5.82 -6.10
CA LEU A 40 -4.59 -4.93 -5.73
C LEU A 40 -4.81 -3.56 -6.34
N THR A 41 -5.74 -3.45 -7.31
CA THR A 41 -5.98 -2.18 -7.96
C THR A 41 -6.57 -1.19 -6.99
N ALA A 42 -7.33 -1.66 -5.97
CA ALA A 42 -7.93 -0.76 -5.03
C ALA A 42 -6.83 -0.11 -4.23
N ALA A 43 -5.83 -0.92 -3.84
CA ALA A 43 -4.71 -0.42 -3.08
C ALA A 43 -3.92 0.53 -3.93
N LEU A 44 -3.76 0.19 -5.23
CA LEU A 44 -2.98 0.98 -6.15
C LEU A 44 -3.53 2.39 -6.25
N ARG A 45 -4.87 2.55 -6.20
CA ARG A 45 -5.45 3.88 -6.31
C ARG A 45 -4.95 4.76 -5.18
N PHE A 46 -4.87 4.22 -3.94
CA PHE A 46 -4.41 5.03 -2.83
C PHE A 46 -2.91 4.94 -2.79
N ALA A 47 -2.34 3.84 -3.31
CA ALA A 47 -0.91 3.65 -3.32
C ALA A 47 -0.26 4.72 -4.14
N ALA A 48 -0.93 5.17 -5.23
CA ALA A 48 -0.37 6.19 -6.08
C ALA A 48 -0.11 7.43 -5.27
N GLU A 49 -1.01 7.76 -4.31
CA GLU A 49 -0.81 8.92 -3.48
C GLU A 49 0.36 8.67 -2.57
N GLU A 50 0.46 7.41 -2.09
CA GLU A 50 1.53 7.05 -1.18
C GLU A 50 2.87 7.13 -1.87
N PHE A 51 2.95 6.70 -3.15
CA PHE A 51 4.23 6.73 -3.84
C PHE A 51 4.49 8.14 -4.27
N GLY A 52 3.42 8.92 -4.49
CA GLY A 52 3.55 10.30 -4.90
C GLY A 52 3.81 10.35 -6.37
N ILE A 53 4.00 9.19 -7.02
CA ILE A 53 4.24 9.15 -8.44
C ILE A 53 3.71 7.84 -8.93
N ALA A 54 3.43 7.74 -10.24
CA ALA A 54 2.94 6.50 -10.78
C ALA A 54 4.14 5.77 -11.32
N SER A 55 4.97 5.21 -10.42
CA SER A 55 6.14 4.52 -10.86
C SER A 55 6.48 3.47 -9.84
N VAL A 56 6.97 2.31 -10.32
CA VAL A 56 7.35 1.21 -9.47
C VAL A 56 8.62 1.56 -8.74
N ASP A 57 9.28 2.67 -9.15
CA ASP A 57 10.54 3.05 -8.54
C ASP A 57 10.34 3.39 -7.09
N SER A 58 9.10 3.74 -6.69
CA SER A 58 8.86 4.09 -5.30
C SER A 58 8.43 2.87 -4.54
N MET A 59 8.55 1.66 -5.13
CA MET A 59 8.13 0.47 -4.44
C MET A 59 9.33 -0.17 -3.81
N ALA A 60 9.92 0.51 -2.80
CA ALA A 60 11.03 -0.06 -2.08
C ALA A 60 10.61 -0.05 -0.65
N ALA A 61 9.65 -0.93 -0.32
CA ALA A 61 9.14 -0.99 1.03
C ALA A 61 9.97 -1.97 1.79
N THR A 62 10.04 -1.77 3.12
CA THR A 62 10.78 -2.65 3.96
C THR A 62 9.86 -3.04 5.08
N THR A 63 9.96 -4.30 5.52
CA THR A 63 9.11 -4.76 6.60
C THR A 63 9.96 -4.72 7.84
N LYS A 64 9.33 -4.97 9.00
CA LYS A 64 10.03 -4.92 10.26
C LYS A 64 11.08 -6.00 10.29
N ASP A 65 10.80 -7.16 9.66
CA ASP A 65 11.75 -8.25 9.67
C ASP A 65 12.91 -7.95 8.74
N GLY A 66 12.73 -7.07 7.73
CA GLY A 66 13.82 -6.78 6.84
C GLY A 66 13.26 -6.33 5.52
N THR A 67 13.63 -7.03 4.44
CA THR A 67 13.14 -6.68 3.12
C THR A 67 11.68 -7.01 3.05
N GLY A 68 10.85 -6.05 2.58
CA GLY A 68 9.43 -6.29 2.50
C GLY A 68 8.88 -5.44 1.40
N ILE A 69 9.35 -5.70 0.16
CA ILE A 69 8.89 -4.95 -0.98
C ILE A 69 7.56 -5.50 -1.38
N ASN A 70 6.58 -4.61 -1.70
CA ASN A 70 5.26 -5.08 -2.06
C ASN A 70 5.31 -5.47 -3.52
N PRO A 71 5.02 -6.74 -3.82
CA PRO A 71 5.02 -7.22 -5.17
C PRO A 71 3.66 -7.22 -5.82
N ALA A 72 2.84 -8.25 -5.50
CA ALA A 72 1.52 -8.34 -6.09
C ALA A 72 0.64 -7.27 -5.50
N GLN A 73 0.92 -6.88 -4.24
CA GLN A 73 0.16 -5.86 -3.57
C GLN A 73 -1.25 -6.34 -3.33
N THR A 74 -1.45 -7.68 -3.26
CA THR A 74 -2.78 -8.18 -3.02
C THR A 74 -3.03 -8.06 -1.54
N ALA A 75 -4.32 -7.98 -1.14
CA ALA A 75 -4.65 -7.84 0.26
C ALA A 75 -4.20 -9.04 1.04
N GLY A 76 -4.44 -10.25 0.49
CA GLY A 76 -4.08 -11.47 1.19
C GLY A 76 -2.59 -11.61 1.32
N ASN A 77 -1.83 -11.30 0.26
CA ASN A 77 -0.40 -11.49 0.29
C ASN A 77 0.25 -10.47 1.21
N VAL A 78 -0.21 -9.21 1.15
CA VAL A 78 0.39 -8.18 1.98
C VAL A 78 0.05 -8.45 3.43
N PHE A 79 -1.21 -8.84 3.72
CA PHE A 79 -1.64 -9.07 5.07
C PHE A 79 -0.79 -10.13 5.74
N MET A 80 -0.60 -11.27 5.06
CA MET A 80 0.14 -12.35 5.64
C MET A 80 1.61 -12.03 5.75
N LYS A 81 2.18 -11.32 4.74
CA LYS A 81 3.61 -11.08 4.77
C LYS A 81 3.99 -9.86 5.58
N TYR A 82 3.29 -8.71 5.42
CA TYR A 82 3.73 -7.52 6.14
C TYR A 82 2.62 -6.96 6.98
N GLY A 83 1.35 -7.14 6.56
CA GLY A 83 0.25 -6.61 7.31
C GLY A 83 0.41 -5.12 7.38
N GLN A 84 0.18 -4.55 8.58
CA GLN A 84 0.32 -3.13 8.77
C GLN A 84 1.67 -2.91 9.40
N GLU A 85 2.05 -1.62 9.54
CA GLU A 85 3.31 -1.24 10.15
C GLU A 85 4.44 -1.53 9.19
N ILE A 86 4.18 -1.34 7.88
CA ILE A 86 5.21 -1.55 6.89
C ILE A 86 5.71 -0.17 6.51
N ARG A 87 7.03 -0.05 6.23
CA ARG A 87 7.58 1.24 5.89
C ARG A 87 7.76 1.27 4.39
N LEU A 88 7.47 2.44 3.78
CA LEU A 88 7.61 2.58 2.35
C LEU A 88 8.74 3.54 2.10
N ILE A 89 9.73 3.11 1.28
CA ILE A 89 10.84 3.97 0.96
C ILE A 89 10.91 4.04 -0.55
N PRO A 90 11.08 5.24 -1.08
CA PRO A 90 11.22 5.42 -2.51
C PRO A 90 12.64 5.17 -2.97
N ARG A 91 12.81 4.76 -4.25
CA ARG A 91 14.15 4.50 -4.75
C ARG A 91 14.41 5.44 -5.87
N ASP A 92 15.62 6.07 -5.85
CA ASP A 92 16.04 7.00 -6.88
C ASP A 92 15.23 8.28 -6.78
N ARG A 93 14.56 8.49 -5.63
CA ARG A 93 13.78 9.70 -5.46
C ARG A 93 14.39 10.46 -4.30
N VAL A 94 15.00 9.72 -3.35
CA VAL A 94 15.62 10.35 -2.20
C VAL A 94 16.76 11.19 -2.70
N GLY A 95 17.57 10.64 -3.63
CA GLY A 95 18.69 11.39 -4.15
C GLY A 95 19.37 10.52 -5.20
N MET A 1 -0.97 -3.65 -17.07
CA MET A 1 -0.37 -3.45 -15.72
C MET A 1 -1.39 -2.87 -14.78
N SER A 2 -2.20 -1.90 -15.27
CA SER A 2 -3.21 -1.28 -14.44
C SER A 2 -4.50 -1.36 -15.19
N GLN A 3 -5.61 -1.49 -14.44
CA GLN A 3 -6.90 -1.57 -15.06
C GLN A 3 -7.85 -0.87 -14.13
N ASN A 4 -8.80 -0.10 -14.70
CA ASN A 4 -9.75 0.62 -13.88
C ASN A 4 -10.90 -0.31 -13.58
N GLU A 5 -10.97 -0.78 -12.32
CA GLU A 5 -12.03 -1.66 -11.91
C GLU A 5 -12.54 -1.15 -10.60
N GLU A 6 -13.84 -1.37 -10.33
CA GLU A 6 -14.42 -0.91 -9.09
C GLU A 6 -14.21 -2.00 -8.08
N ALA A 7 -13.67 -1.64 -6.90
CA ALA A 7 -13.43 -2.62 -5.88
C ALA A 7 -14.73 -2.84 -5.15
N PRO A 8 -15.09 -4.10 -4.97
CA PRO A 8 -16.32 -4.45 -4.27
C PRO A 8 -16.13 -4.51 -2.78
N ALA A 9 -15.80 -3.35 -2.17
CA ALA A 9 -15.60 -3.32 -0.74
C ALA A 9 -16.93 -3.12 -0.07
N ARG A 10 -17.97 -2.70 -0.84
CA ARG A 10 -19.26 -2.49 -0.25
C ARG A 10 -19.86 -3.82 0.12
N SER A 11 -19.70 -4.84 -0.74
CA SER A 11 -20.24 -6.15 -0.46
C SER A 11 -19.10 -7.12 -0.50
N GLY A 12 -18.74 -7.70 0.66
CA GLY A 12 -17.66 -8.66 0.70
C GLY A 12 -16.84 -8.36 1.91
N GLY A 13 -15.66 -9.02 2.01
CA GLY A 13 -14.80 -8.80 3.13
C GLY A 13 -13.86 -7.68 2.76
N LYS A 14 -13.29 -7.01 3.79
CA LYS A 14 -12.39 -5.92 3.53
C LYS A 14 -11.33 -5.94 4.57
N VAL A 15 -10.19 -5.31 4.24
CA VAL A 15 -9.08 -5.24 5.15
C VAL A 15 -8.53 -3.85 5.09
N THR A 16 -7.81 -3.44 6.16
CA THR A 16 -7.22 -2.13 6.20
C THR A 16 -5.78 -2.32 6.54
N PHE A 17 -4.90 -1.47 5.98
CA PHE A 17 -3.48 -1.61 6.26
C PHE A 17 -2.94 -0.23 6.46
N ARG A 18 -1.90 -0.11 7.30
CA ARG A 18 -1.29 1.17 7.55
C ARG A 18 0.03 1.15 6.85
N ILE A 19 0.29 2.18 6.03
CA ILE A 19 1.53 2.26 5.29
C ILE A 19 2.21 3.54 5.72
N ILE A 20 3.52 3.45 6.03
CA ILE A 20 4.23 4.63 6.47
C ILE A 20 5.25 4.99 5.43
N LEU A 21 5.11 6.21 4.84
CA LEU A 21 6.06 6.65 3.85
C LEU A 21 7.00 7.57 4.57
N THR A 22 8.32 7.22 4.57
CA THR A 22 9.30 8.01 5.27
C THR A 22 9.56 9.30 4.52
N SER A 23 9.17 9.36 3.24
CA SER A 23 9.41 10.56 2.46
C SER A 23 8.24 11.50 2.62
N GLU A 24 7.18 11.06 3.35
CA GLU A 24 6.04 11.93 3.52
C GLU A 24 5.90 12.21 4.99
N ARG A 25 6.88 12.94 5.55
CA ARG A 25 6.85 13.28 6.96
C ARG A 25 5.72 14.25 7.21
N SER A 26 5.24 14.91 6.14
CA SER A 26 4.16 15.86 6.27
C SER A 26 2.89 15.17 6.72
N GLN A 27 2.67 13.91 6.28
CA GLN A 27 1.45 13.24 6.68
C GLN A 27 1.70 11.76 6.56
N PRO A 28 2.41 11.24 7.51
CA PRO A 28 2.74 9.83 7.54
C PRO A 28 1.63 8.99 8.11
N PHE A 29 1.71 7.67 7.85
CA PHE A 29 0.74 6.73 8.37
C PHE A 29 -0.56 6.88 7.64
N ARG A 30 -0.60 6.51 6.35
CA ARG A 30 -1.83 6.61 5.60
C ARG A 30 -2.49 5.27 5.73
N VAL A 31 -3.84 5.26 5.81
CA VAL A 31 -4.54 4.01 5.97
C VAL A 31 -5.23 3.72 4.68
N ILE A 32 -4.92 2.54 4.09
CA ILE A 32 -5.54 2.16 2.86
C ILE A 32 -6.59 1.14 3.21
N SER A 33 -7.77 1.25 2.57
CA SER A 33 -8.83 0.33 2.83
C SER A 33 -9.17 -0.31 1.52
N ILE A 34 -9.07 -1.65 1.44
CA ILE A 34 -9.36 -2.32 0.20
C ILE A 34 -10.13 -3.54 0.54
N ALA A 35 -10.87 -4.09 -0.46
CA ALA A 35 -11.63 -5.29 -0.22
C ALA A 35 -10.64 -6.41 -0.17
N GLU A 36 -10.98 -7.49 0.58
CA GLU A 36 -10.10 -8.63 0.69
C GLU A 36 -9.94 -9.25 -0.67
N GLU A 37 -11.05 -9.29 -1.43
CA GLU A 37 -11.02 -9.89 -2.75
C GLU A 37 -10.79 -8.82 -3.79
N ALA A 38 -10.46 -7.58 -3.36
CA ALA A 38 -10.25 -6.52 -4.33
C ALA A 38 -8.83 -6.62 -4.83
N PRO A 39 -8.62 -6.11 -6.03
CA PRO A 39 -7.30 -6.10 -6.66
C PRO A 39 -6.31 -5.24 -5.95
N LEU A 40 -5.01 -5.55 -6.14
CA LEU A 40 -3.93 -4.80 -5.53
C LEU A 40 -3.93 -3.38 -6.04
N THR A 41 -4.66 -3.12 -7.14
CA THR A 41 -4.68 -1.80 -7.72
C THR A 41 -5.33 -0.82 -6.77
N ALA A 42 -6.27 -1.29 -5.91
CA ALA A 42 -6.93 -0.39 -4.99
C ALA A 42 -5.90 0.17 -4.05
N ALA A 43 -4.98 -0.70 -3.56
CA ALA A 43 -3.95 -0.26 -2.65
C ALA A 43 -3.02 0.66 -3.38
N LEU A 44 -2.72 0.32 -4.66
CA LEU A 44 -1.83 1.10 -5.47
C LEU A 44 -2.37 2.50 -5.63
N ARG A 45 -3.71 2.65 -5.79
CA ARG A 45 -4.27 3.97 -5.96
C ARG A 45 -3.99 4.82 -4.73
N PHE A 46 -4.16 4.24 -3.53
CA PHE A 46 -3.91 5.00 -2.32
C PHE A 46 -2.43 5.18 -2.13
N ALA A 47 -1.65 4.12 -2.47
CA ALA A 47 -0.22 4.15 -2.35
C ALA A 47 0.33 5.21 -3.27
N ALA A 48 -0.26 5.31 -4.47
CA ALA A 48 0.18 6.28 -5.46
C ALA A 48 0.00 7.67 -4.92
N GLU A 49 -0.95 7.88 -3.98
CA GLU A 49 -1.16 9.20 -3.44
C GLU A 49 0.05 9.60 -2.65
N GLU A 50 0.66 8.64 -1.93
CA GLU A 50 1.79 8.94 -1.10
C GLU A 50 2.99 9.34 -1.94
N PHE A 51 3.23 8.65 -3.08
CA PHE A 51 4.39 8.96 -3.90
C PHE A 51 4.05 10.03 -4.88
N GLY A 52 2.74 10.19 -5.17
CA GLY A 52 2.29 11.19 -6.09
C GLY A 52 2.31 10.61 -7.48
N ILE A 53 2.87 9.40 -7.66
CA ILE A 53 2.89 8.78 -8.95
C ILE A 53 2.82 7.30 -8.72
N ALA A 54 2.45 6.53 -9.76
CA ALA A 54 2.37 5.09 -9.62
C ALA A 54 3.33 4.52 -10.61
N SER A 55 4.46 3.98 -10.11
CA SER A 55 5.44 3.42 -11.03
C SER A 55 6.38 2.55 -10.22
N VAL A 56 7.55 2.26 -10.82
CA VAL A 56 8.55 1.43 -10.19
C VAL A 56 9.08 2.10 -8.95
N ASP A 57 9.18 3.45 -8.95
CA ASP A 57 9.74 4.13 -7.82
C ASP A 57 8.76 4.13 -6.68
N SER A 58 7.55 3.59 -6.91
CA SER A 58 6.55 3.57 -5.88
C SER A 58 6.54 2.21 -5.22
N MET A 59 7.55 1.35 -5.51
CA MET A 59 7.53 0.03 -4.91
C MET A 59 8.86 -0.33 -4.33
N ALA A 60 9.30 0.36 -3.24
CA ALA A 60 10.53 -0.02 -2.59
C ALA A 60 10.17 -0.12 -1.14
N ALA A 61 9.37 -1.13 -0.81
CA ALA A 61 8.90 -1.29 0.55
C ALA A 61 9.93 -2.08 1.31
N THR A 62 10.02 -1.82 2.62
CA THR A 62 10.95 -2.52 3.45
C THR A 62 10.24 -2.88 4.73
N THR A 63 10.68 -3.98 5.36
CA THR A 63 10.11 -4.42 6.62
C THR A 63 11.06 -4.00 7.70
N LYS A 64 10.65 -4.22 8.97
CA LYS A 64 11.47 -3.87 10.09
C LYS A 64 12.71 -4.74 10.04
N ASP A 65 12.54 -5.99 9.58
CA ASP A 65 13.63 -6.91 9.51
C ASP A 65 14.54 -6.55 8.35
N GLY A 66 14.01 -5.86 7.32
CA GLY A 66 14.85 -5.50 6.21
C GLY A 66 14.07 -5.63 4.94
N THR A 67 14.29 -6.74 4.20
CA THR A 67 13.62 -6.96 2.93
C THR A 67 12.14 -7.07 3.18
N GLY A 68 11.34 -6.30 2.41
CA GLY A 68 9.91 -6.34 2.57
C GLY A 68 9.31 -5.65 1.40
N ILE A 69 9.75 -6.01 0.18
CA ILE A 69 9.25 -5.39 -1.02
C ILE A 69 7.92 -6.03 -1.32
N ASN A 70 6.90 -5.20 -1.67
CA ASN A 70 5.59 -5.73 -1.96
C ASN A 70 5.63 -6.35 -3.34
N PRO A 71 5.29 -7.62 -3.43
CA PRO A 71 5.27 -8.30 -4.71
C PRO A 71 3.94 -8.21 -5.40
N ALA A 72 2.93 -8.98 -4.93
CA ALA A 72 1.63 -8.95 -5.56
C ALA A 72 0.83 -7.85 -4.92
N GLN A 73 1.12 -7.55 -3.63
CA GLN A 73 0.43 -6.50 -2.91
C GLN A 73 -1.05 -6.82 -2.82
N THR A 74 -1.41 -8.12 -2.79
CA THR A 74 -2.81 -8.48 -2.67
C THR A 74 -3.17 -8.31 -1.22
N ALA A 75 -4.47 -8.15 -0.90
CA ALA A 75 -4.89 -7.95 0.46
C ALA A 75 -4.53 -9.15 1.31
N GLY A 76 -4.77 -10.37 0.79
CA GLY A 76 -4.49 -11.56 1.56
C GLY A 76 -3.02 -11.73 1.79
N ASN A 77 -2.19 -11.44 0.77
CA ASN A 77 -0.76 -11.62 0.90
C ASN A 77 -0.19 -10.59 1.83
N VAL A 78 -0.62 -9.32 1.72
CA VAL A 78 -0.09 -8.27 2.55
C VAL A 78 -0.46 -8.53 3.99
N PHE A 79 -1.71 -8.95 4.25
CA PHE A 79 -2.14 -9.19 5.62
C PHE A 79 -1.26 -10.21 6.29
N MET A 80 -1.03 -11.35 5.62
CA MET A 80 -0.22 -12.40 6.22
C MET A 80 1.23 -12.01 6.26
N LYS A 81 1.73 -11.30 5.24
CA LYS A 81 3.15 -10.97 5.19
C LYS A 81 3.53 -9.79 6.05
N TYR A 82 2.83 -8.64 5.92
CA TYR A 82 3.25 -7.48 6.67
C TYR A 82 2.15 -7.00 7.57
N GLY A 83 0.88 -7.25 7.20
CA GLY A 83 -0.21 -6.79 8.02
C GLY A 83 -0.26 -5.30 7.89
N GLN A 84 -0.61 -4.62 9.00
CA GLN A 84 -0.69 -3.17 8.98
C GLN A 84 0.62 -2.62 9.46
N GLU A 85 1.75 -3.21 9.00
CA GLU A 85 3.05 -2.72 9.42
C GLU A 85 3.98 -2.87 8.25
N ILE A 86 4.04 -1.85 7.38
CA ILE A 86 4.92 -1.89 6.24
C ILE A 86 5.47 -0.50 6.02
N ARG A 87 6.79 -0.43 5.73
CA ARG A 87 7.41 0.85 5.50
C ARG A 87 7.54 0.98 4.01
N LEU A 88 7.19 2.14 3.45
CA LEU A 88 7.29 2.33 2.03
C LEU A 88 8.37 3.33 1.79
N ILE A 89 9.26 3.02 0.83
CA ILE A 89 10.33 3.92 0.49
C ILE A 89 10.33 3.97 -1.02
N PRO A 90 10.60 5.15 -1.58
CA PRO A 90 10.69 5.29 -3.01
C PRO A 90 11.99 4.78 -3.56
N ARG A 91 11.96 4.26 -4.81
CA ARG A 91 13.16 3.72 -5.40
C ARG A 91 13.68 4.72 -6.39
N ASP A 92 15.02 4.93 -6.38
CA ASP A 92 15.67 5.85 -7.30
C ASP A 92 15.24 7.26 -6.98
N ARG A 93 14.88 7.53 -5.70
CA ARG A 93 14.50 8.86 -5.32
C ARG A 93 15.06 9.13 -3.95
N VAL A 94 14.99 8.11 -3.06
CA VAL A 94 15.51 8.28 -1.72
C VAL A 94 17.02 8.32 -1.81
N GLY A 95 17.57 7.58 -2.78
CA GLY A 95 19.00 7.56 -2.96
C GLY A 95 19.31 6.63 -4.14
N MET A 1 -8.21 17.93 -11.91
CA MET A 1 -9.11 19.00 -11.41
C MET A 1 -10.11 18.44 -10.43
N SER A 2 -10.75 17.31 -10.79
CA SER A 2 -11.72 16.71 -9.92
C SER A 2 -11.79 15.26 -10.28
N GLN A 3 -12.34 14.44 -9.36
CA GLN A 3 -12.45 13.03 -9.61
C GLN A 3 -13.57 12.51 -8.76
N ASN A 4 -14.10 11.32 -9.12
CA ASN A 4 -15.17 10.74 -8.36
C ASN A 4 -14.55 9.91 -7.27
N GLU A 5 -14.63 10.38 -6.02
CA GLU A 5 -14.06 9.66 -4.92
C GLU A 5 -15.10 8.72 -4.39
N GLU A 6 -14.75 7.43 -4.30
CA GLU A 6 -15.68 6.45 -3.81
C GLU A 6 -14.87 5.27 -3.37
N ALA A 7 -15.47 4.42 -2.51
CA ALA A 7 -14.77 3.25 -2.05
C ALA A 7 -14.72 2.26 -3.19
N PRO A 8 -13.65 1.50 -3.24
CA PRO A 8 -13.47 0.50 -4.29
C PRO A 8 -14.40 -0.66 -4.15
N ALA A 9 -14.90 -0.90 -2.93
CA ALA A 9 -15.81 -2.00 -2.70
C ALA A 9 -16.86 -1.50 -1.77
N ARG A 10 -18.02 -1.08 -2.33
CA ARG A 10 -19.11 -0.59 -1.51
C ARG A 10 -19.69 -1.75 -0.77
N SER A 11 -19.82 -2.91 -1.45
CA SER A 11 -20.37 -4.08 -0.81
C SER A 11 -19.34 -5.16 -0.90
N GLY A 12 -19.22 -5.96 0.17
CA GLY A 12 -18.25 -7.03 0.18
C GLY A 12 -17.47 -6.92 1.45
N GLY A 13 -16.36 -7.67 1.54
CA GLY A 13 -15.54 -7.61 2.73
C GLY A 13 -14.74 -6.35 2.65
N LYS A 14 -14.26 -5.86 3.82
CA LYS A 14 -13.50 -4.65 3.84
C LYS A 14 -12.34 -4.86 4.78
N VAL A 15 -11.14 -4.44 4.35
CA VAL A 15 -9.96 -4.58 5.17
C VAL A 15 -9.21 -3.29 5.05
N THR A 16 -8.63 -2.80 6.16
CA THR A 16 -7.90 -1.56 6.12
C THR A 16 -6.47 -1.87 6.47
N PHE A 17 -5.53 -1.20 5.77
CA PHE A 17 -4.13 -1.44 6.03
C PHE A 17 -3.47 -0.10 6.16
N ARG A 18 -2.47 -0.01 7.07
CA ARG A 18 -1.77 1.23 7.28
C ARG A 18 -0.39 1.07 6.71
N ILE A 19 0.04 2.06 5.91
CA ILE A 19 1.34 2.03 5.30
C ILE A 19 2.08 3.28 5.73
N ILE A 20 3.34 3.11 6.19
CA ILE A 20 4.11 4.23 6.66
C ILE A 20 5.00 4.69 5.53
N LEU A 21 4.93 6.01 5.21
CA LEU A 21 5.74 6.57 4.16
C LEU A 21 6.91 7.25 4.80
N THR A 22 8.10 7.11 4.18
CA THR A 22 9.28 7.76 4.71
C THR A 22 9.46 9.06 3.97
N SER A 23 8.78 9.21 2.82
CA SER A 23 8.91 10.42 2.04
C SER A 23 8.02 11.50 2.62
N GLU A 24 7.07 11.12 3.48
CA GLU A 24 6.19 12.08 4.07
C GLU A 24 6.43 12.04 5.55
N ARG A 25 7.48 12.77 6.00
CA ARG A 25 7.81 12.79 7.42
C ARG A 25 6.70 13.44 8.19
N SER A 26 6.09 14.52 7.64
CA SER A 26 5.05 15.22 8.35
C SER A 26 3.80 14.38 8.45
N GLN A 27 3.49 13.57 7.41
CA GLN A 27 2.29 12.75 7.45
C GLN A 27 2.65 11.36 7.00
N PRO A 28 3.30 10.61 7.84
CA PRO A 28 3.71 9.25 7.52
C PRO A 28 2.67 8.23 7.85
N PHE A 29 1.42 8.42 7.36
CA PHE A 29 0.38 7.48 7.66
C PHE A 29 -0.64 7.53 6.56
N ARG A 30 -0.54 6.63 5.57
CA ARG A 30 -1.52 6.57 4.52
C ARG A 30 -2.28 5.30 4.73
N VAL A 31 -3.63 5.39 4.70
CA VAL A 31 -4.44 4.23 4.93
C VAL A 31 -5.10 3.85 3.65
N ILE A 32 -4.93 2.57 3.24
CA ILE A 32 -5.55 2.08 2.05
C ILE A 32 -6.67 1.17 2.49
N SER A 33 -7.83 1.25 1.83
CA SER A 33 -8.94 0.41 2.20
C SER A 33 -9.27 -0.39 0.98
N ILE A 34 -9.18 -1.73 1.11
CA ILE A 34 -9.47 -2.58 -0.01
C ILE A 34 -10.15 -3.79 0.53
N ALA A 35 -10.91 -4.49 -0.33
CA ALA A 35 -11.59 -5.67 0.10
C ALA A 35 -10.57 -6.79 0.14
N GLU A 36 -10.83 -7.82 0.96
CA GLU A 36 -9.92 -8.94 1.05
C GLU A 36 -9.87 -9.61 -0.29
N GLU A 37 -11.04 -9.68 -0.96
CA GLU A 37 -11.13 -10.33 -2.25
C GLU A 37 -10.93 -9.30 -3.35
N ALA A 38 -10.55 -8.06 -2.99
CA ALA A 38 -10.37 -7.04 -3.99
C ALA A 38 -8.98 -7.18 -4.56
N PRO A 39 -8.82 -6.73 -5.78
CA PRO A 39 -7.53 -6.78 -6.45
C PRO A 39 -6.59 -5.72 -5.98
N LEU A 40 -5.28 -5.90 -6.29
CA LEU A 40 -4.25 -4.97 -5.90
C LEU A 40 -4.47 -3.65 -6.59
N THR A 41 -5.35 -3.62 -7.62
CA THR A 41 -5.60 -2.40 -8.36
C THR A 41 -6.13 -1.34 -7.43
N ALA A 42 -7.01 -1.73 -6.47
CA ALA A 42 -7.58 -0.76 -5.56
C ALA A 42 -6.49 -0.17 -4.73
N ALA A 43 -5.51 -1.01 -4.30
CA ALA A 43 -4.43 -0.53 -3.49
C ALA A 43 -3.59 0.45 -4.28
N LEU A 44 -3.38 0.16 -5.59
CA LEU A 44 -2.58 1.01 -6.43
C LEU A 44 -3.19 2.39 -6.50
N ARG A 45 -4.54 2.49 -6.53
CA ARG A 45 -5.17 3.79 -6.61
C ARG A 45 -4.78 4.60 -5.40
N PHE A 46 -4.84 3.99 -4.20
CA PHE A 46 -4.48 4.70 -2.99
C PHE A 46 -2.98 4.84 -2.95
N ALA A 47 -2.26 3.87 -3.54
CA ALA A 47 -0.82 3.89 -3.57
C ALA A 47 -0.36 5.11 -4.33
N ALA A 48 -1.09 5.47 -5.41
CA ALA A 48 -0.75 6.62 -6.21
C ALA A 48 -0.80 7.86 -5.35
N GLU A 49 -1.76 7.90 -4.40
CA GLU A 49 -1.92 9.06 -3.53
C GLU A 49 -0.72 9.17 -2.62
N GLU A 50 -0.14 8.01 -2.24
CA GLU A 50 0.96 8.00 -1.30
C GLU A 50 2.14 8.79 -1.81
N PHE A 51 2.51 8.65 -3.11
CA PHE A 51 3.66 9.37 -3.61
C PHE A 51 3.25 10.46 -4.54
N GLY A 52 2.05 10.35 -5.15
CA GLY A 52 1.61 11.36 -6.09
C GLY A 52 2.21 11.07 -7.42
N ILE A 53 2.98 9.97 -7.51
CA ILE A 53 3.63 9.60 -8.76
C ILE A 53 3.48 8.12 -8.89
N ALA A 54 4.16 7.53 -9.92
CA ALA A 54 4.08 6.10 -10.11
C ALA A 54 4.77 5.46 -8.93
N SER A 55 3.98 4.74 -8.12
CA SER A 55 4.51 4.10 -6.93
C SER A 55 5.36 2.92 -7.32
N VAL A 56 5.31 2.48 -8.60
CA VAL A 56 6.10 1.35 -9.01
C VAL A 56 7.56 1.73 -8.97
N ASP A 57 7.89 3.00 -9.24
CA ASP A 57 9.27 3.44 -9.23
C ASP A 57 9.70 3.64 -7.79
N SER A 58 8.73 3.67 -6.86
CA SER A 58 9.02 3.87 -5.46
C SER A 58 8.74 2.60 -4.72
N MET A 59 8.68 1.46 -5.45
CA MET A 59 8.38 0.21 -4.82
C MET A 59 9.63 -0.37 -4.25
N ALA A 60 10.19 0.31 -3.23
CA ALA A 60 11.35 -0.22 -2.55
C ALA A 60 10.93 -0.25 -1.11
N ALA A 61 10.00 -1.16 -0.80
CA ALA A 61 9.48 -1.26 0.54
C ALA A 61 10.41 -2.13 1.33
N THR A 62 10.48 -1.85 2.64
CA THR A 62 11.31 -2.63 3.51
C THR A 62 10.54 -2.91 4.76
N THR A 63 10.83 -4.07 5.39
CA THR A 63 10.18 -4.42 6.63
C THR A 63 11.13 -4.09 7.74
N LYS A 64 10.63 -4.19 8.99
CA LYS A 64 11.44 -3.90 10.15
C LYS A 64 12.53 -4.93 10.22
N ASP A 65 12.21 -6.17 9.79
CA ASP A 65 13.15 -7.25 9.85
C ASP A 65 14.20 -7.10 8.77
N GLY A 66 13.88 -6.37 7.67
CA GLY A 66 14.87 -6.22 6.63
C GLY A 66 14.17 -6.02 5.32
N THR A 67 14.32 -7.01 4.40
CA THR A 67 13.70 -6.90 3.10
C THR A 67 12.21 -7.03 3.26
N GLY A 68 11.47 -6.30 2.40
CA GLY A 68 10.03 -6.34 2.47
C GLY A 68 9.50 -5.64 1.27
N ILE A 69 9.97 -6.05 0.08
CA ILE A 69 9.54 -5.42 -1.15
C ILE A 69 8.18 -5.95 -1.47
N ASN A 70 7.25 -5.07 -1.92
CA ASN A 70 5.92 -5.50 -2.21
C ASN A 70 5.91 -6.31 -3.48
N PRO A 71 5.28 -7.48 -3.43
CA PRO A 71 5.20 -8.33 -4.59
C PRO A 71 4.00 -8.06 -5.45
N ALA A 72 2.79 -8.50 -4.99
CA ALA A 72 1.60 -8.28 -5.78
C ALA A 72 0.74 -7.27 -5.08
N GLN A 73 1.01 -7.03 -3.78
CA GLN A 73 0.24 -6.06 -3.01
C GLN A 73 -1.19 -6.53 -2.88
N THR A 74 -1.41 -7.85 -2.75
CA THR A 74 -2.75 -8.35 -2.60
C THR A 74 -3.13 -8.13 -1.16
N ALA A 75 -4.45 -8.07 -0.87
CA ALA A 75 -4.91 -7.85 0.48
C ALA A 75 -4.46 -8.98 1.37
N GLY A 76 -4.53 -10.23 0.87
CA GLY A 76 -4.16 -11.38 1.64
C GLY A 76 -2.69 -11.35 1.94
N ASN A 77 -1.85 -10.92 0.97
CA ASN A 77 -0.42 -10.93 1.17
C ASN A 77 -0.02 -9.88 2.16
N VAL A 78 -0.59 -8.65 2.07
CA VAL A 78 -0.20 -7.60 2.99
C VAL A 78 -0.70 -7.90 4.38
N PHE A 79 -1.86 -8.59 4.47
CA PHE A 79 -2.45 -8.90 5.76
C PHE A 79 -1.50 -9.69 6.62
N MET A 80 -0.88 -10.77 6.06
CA MET A 80 -0.02 -11.59 6.87
C MET A 80 1.44 -11.22 6.69
N LYS A 81 1.85 -10.81 5.48
CA LYS A 81 3.24 -10.50 5.23
C LYS A 81 3.69 -9.31 6.03
N TYR A 82 2.88 -8.24 6.10
CA TYR A 82 3.34 -7.05 6.81
C TYR A 82 2.49 -6.81 8.02
N GLY A 83 1.20 -7.19 8.00
CA GLY A 83 0.36 -7.00 9.16
C GLY A 83 0.17 -5.53 9.44
N GLN A 84 -0.06 -4.73 8.38
CA GLN A 84 -0.27 -3.30 8.54
C GLN A 84 0.96 -2.66 9.15
N GLU A 85 2.16 -3.07 8.71
CA GLU A 85 3.36 -2.48 9.26
C GLU A 85 4.43 -2.60 8.22
N ILE A 86 4.55 -1.58 7.34
CA ILE A 86 5.56 -1.61 6.31
C ILE A 86 6.04 -0.21 6.08
N ARG A 87 7.35 -0.08 5.73
CA ARG A 87 7.91 1.23 5.45
C ARG A 87 8.16 1.26 3.97
N LEU A 88 7.68 2.32 3.27
CA LEU A 88 7.91 2.39 1.85
C LEU A 88 9.05 3.34 1.61
N ILE A 89 10.05 2.90 0.83
CA ILE A 89 11.19 3.72 0.54
C ILE A 89 11.20 3.92 -0.96
N PRO A 90 11.37 5.16 -1.40
CA PRO A 90 11.44 5.47 -2.80
C PRO A 90 12.84 5.44 -3.35
N ARG A 91 13.47 4.25 -3.32
CA ARG A 91 14.82 4.12 -3.81
C ARG A 91 14.77 4.06 -5.31
N ASP A 92 15.88 4.47 -5.96
CA ASP A 92 15.97 4.46 -7.41
C ASP A 92 14.93 5.38 -7.97
N ARG A 93 14.66 6.51 -7.29
CA ARG A 93 13.69 7.44 -7.76
C ARG A 93 13.95 8.75 -7.07
N VAL A 94 13.37 8.92 -5.86
CA VAL A 94 13.57 10.14 -5.12
C VAL A 94 15.00 10.16 -4.64
N GLY A 95 15.48 9.01 -4.12
CA GLY A 95 16.83 8.93 -3.65
C GLY A 95 16.83 9.35 -2.17
N MET A 1 -23.92 -12.66 -14.50
CA MET A 1 -24.60 -11.82 -15.51
C MET A 1 -23.86 -10.52 -15.69
N SER A 2 -23.55 -9.82 -14.58
CA SER A 2 -22.84 -8.57 -14.65
C SER A 2 -21.71 -8.64 -13.68
N GLN A 3 -20.59 -7.96 -14.00
CA GLN A 3 -19.45 -7.98 -13.12
C GLN A 3 -19.05 -6.54 -12.92
N ASN A 4 -18.53 -6.23 -11.71
CA ASN A 4 -18.12 -4.88 -11.43
C ASN A 4 -16.63 -4.86 -11.49
N GLU A 5 -16.06 -3.81 -12.15
CA GLU A 5 -14.63 -3.69 -12.27
C GLU A 5 -14.06 -3.44 -10.89
N GLU A 6 -14.76 -2.62 -10.08
CA GLU A 6 -14.29 -2.33 -8.75
C GLU A 6 -15.03 -3.23 -7.81
N ALA A 7 -14.30 -3.85 -6.86
CA ALA A 7 -14.92 -4.72 -5.90
C ALA A 7 -15.64 -3.87 -4.90
N PRO A 8 -16.89 -4.20 -4.62
CA PRO A 8 -17.68 -3.47 -3.66
C PRO A 8 -17.28 -3.74 -2.24
N ALA A 9 -17.37 -2.72 -1.36
CA ALA A 9 -17.01 -2.91 0.01
C ALA A 9 -18.26 -3.21 0.79
N ARG A 10 -19.44 -3.04 0.15
CA ARG A 10 -20.69 -3.29 0.82
C ARG A 10 -20.84 -4.77 1.03
N SER A 11 -20.46 -5.58 0.01
CA SER A 11 -20.58 -7.00 0.13
C SER A 11 -19.21 -7.59 -0.08
N GLY A 12 -18.70 -8.30 0.93
CA GLY A 12 -17.39 -8.90 0.82
C GLY A 12 -16.67 -8.63 2.10
N GLY A 13 -15.33 -8.81 2.08
CA GLY A 13 -14.54 -8.57 3.24
C GLY A 13 -13.84 -7.27 3.05
N LYS A 14 -13.78 -6.45 4.10
CA LYS A 14 -13.14 -5.15 4.01
C LYS A 14 -11.94 -5.18 4.90
N VAL A 15 -10.79 -4.67 4.39
CA VAL A 15 -9.58 -4.66 5.18
C VAL A 15 -8.92 -3.32 4.98
N THR A 16 -8.35 -2.78 6.07
CA THR A 16 -7.67 -1.49 6.00
C THR A 16 -6.27 -1.74 6.46
N PHE A 17 -5.27 -1.28 5.67
CA PHE A 17 -3.89 -1.48 6.04
C PHE A 17 -3.27 -0.13 6.22
N ARG A 18 -2.48 0.02 7.31
CA ARG A 18 -1.83 1.28 7.57
C ARG A 18 -0.43 1.16 7.05
N ILE A 19 -0.03 2.12 6.19
CA ILE A 19 1.28 2.09 5.59
C ILE A 19 2.00 3.32 6.03
N ILE A 20 3.27 3.16 6.49
CA ILE A 20 4.04 4.29 6.95
C ILE A 20 4.86 4.78 5.79
N LEU A 21 4.73 6.08 5.46
CA LEU A 21 5.47 6.64 4.36
C LEU A 21 6.66 7.35 4.92
N THR A 22 7.86 6.89 4.53
CA THR A 22 9.09 7.48 5.01
C THR A 22 9.25 8.85 4.42
N SER A 23 8.90 9.02 3.12
CA SER A 23 9.09 10.29 2.46
C SER A 23 8.02 11.28 2.87
N GLU A 24 6.90 10.81 3.46
CA GLU A 24 5.87 11.74 3.85
C GLU A 24 6.07 12.04 5.30
N ARG A 25 7.04 12.94 5.60
CA ARG A 25 7.32 13.31 6.96
C ARG A 25 6.13 14.02 7.55
N SER A 26 5.45 14.86 6.75
CA SER A 26 4.31 15.60 7.24
C SER A 26 3.19 14.67 7.60
N GLN A 27 3.02 13.55 6.87
CA GLN A 27 1.96 12.63 7.20
C GLN A 27 2.44 11.24 6.89
N PRO A 28 3.13 10.65 7.83
CA PRO A 28 3.66 9.31 7.68
C PRO A 28 2.67 8.26 8.06
N PHE A 29 1.38 8.49 7.74
CA PHE A 29 0.36 7.53 8.09
C PHE A 29 -0.67 7.58 7.00
N ARG A 30 -0.51 6.73 5.96
CA ARG A 30 -1.46 6.69 4.89
C ARG A 30 -2.11 5.35 4.98
N VAL A 31 -3.46 5.33 5.02
CA VAL A 31 -4.16 4.07 5.13
C VAL A 31 -4.83 3.80 3.83
N ILE A 32 -4.76 2.53 3.39
CA ILE A 32 -5.40 2.13 2.17
C ILE A 32 -6.55 1.27 2.58
N SER A 33 -7.72 1.45 1.91
CA SER A 33 -8.87 0.65 2.24
C SER A 33 -9.18 -0.14 1.01
N ILE A 34 -9.15 -1.48 1.13
CA ILE A 34 -9.42 -2.31 0.00
C ILE A 34 -10.18 -3.49 0.49
N ALA A 35 -10.86 -4.20 -0.42
CA ALA A 35 -11.60 -5.37 -0.03
C ALA A 35 -10.62 -6.50 0.03
N GLU A 36 -10.91 -7.52 0.86
CA GLU A 36 -10.02 -8.65 0.98
C GLU A 36 -9.98 -9.37 -0.35
N GLU A 37 -11.14 -9.40 -1.04
CA GLU A 37 -11.23 -10.07 -2.32
C GLU A 37 -11.00 -9.07 -3.42
N ALA A 38 -10.60 -7.82 -3.07
CA ALA A 38 -10.39 -6.82 -4.09
C ALA A 38 -9.00 -6.99 -4.64
N PRO A 39 -8.81 -6.55 -5.86
CA PRO A 39 -7.53 -6.63 -6.53
C PRO A 39 -6.56 -5.60 -6.03
N LEU A 40 -5.26 -5.81 -6.35
CA LEU A 40 -4.21 -4.90 -5.94
C LEU A 40 -4.42 -3.55 -6.59
N THR A 41 -5.30 -3.47 -7.59
CA THR A 41 -5.55 -2.22 -8.29
C THR A 41 -6.08 -1.19 -7.32
N ALA A 42 -6.97 -1.61 -6.39
CA ALA A 42 -7.54 -0.67 -5.45
C ALA A 42 -6.44 -0.11 -4.58
N ALA A 43 -5.49 -0.97 -4.17
CA ALA A 43 -4.40 -0.52 -3.33
C ALA A 43 -3.54 0.44 -4.12
N LEU A 44 -3.33 0.15 -5.41
CA LEU A 44 -2.52 0.98 -6.27
C LEU A 44 -3.09 2.38 -6.32
N ARG A 45 -4.43 2.51 -6.35
CA ARG A 45 -5.05 3.82 -6.43
C ARG A 45 -4.62 4.63 -5.23
N PHE A 46 -4.68 4.03 -4.01
CA PHE A 46 -4.29 4.75 -2.82
C PHE A 46 -2.78 4.85 -2.79
N ALA A 47 -2.11 3.82 -3.36
CA ALA A 47 -0.67 3.78 -3.39
C ALA A 47 -0.16 4.95 -4.19
N ALA A 48 -0.91 5.37 -5.22
CA ALA A 48 -0.50 6.48 -6.05
C ALA A 48 -0.36 7.71 -5.19
N GLU A 49 -1.27 7.89 -4.21
CA GLU A 49 -1.20 9.04 -3.34
C GLU A 49 0.00 8.89 -2.44
N GLU A 50 0.28 7.63 -2.01
CA GLU A 50 1.37 7.37 -1.11
C GLU A 50 2.69 7.68 -1.76
N PHE A 51 2.89 7.30 -3.04
CA PHE A 51 4.17 7.53 -3.68
C PHE A 51 4.17 8.91 -4.30
N GLY A 52 2.98 9.42 -4.66
CA GLY A 52 2.89 10.75 -5.22
C GLY A 52 3.21 10.70 -6.70
N ILE A 53 3.59 9.52 -7.24
CA ILE A 53 3.89 9.44 -8.65
C ILE A 53 3.10 8.34 -9.28
N ALA A 54 2.75 7.31 -8.48
CA ALA A 54 1.99 6.19 -8.99
C ALA A 54 2.88 5.41 -9.91
N SER A 55 4.01 4.91 -9.36
CA SER A 55 4.93 4.17 -10.17
C SER A 55 5.54 3.10 -9.31
N VAL A 56 5.90 1.97 -9.96
CA VAL A 56 6.50 0.86 -9.29
C VAL A 56 7.90 1.25 -8.86
N ASP A 57 8.42 2.36 -9.43
CA ASP A 57 9.77 2.78 -9.13
C ASP A 57 9.88 3.15 -7.67
N SER A 58 8.76 3.51 -7.01
CA SER A 58 8.82 3.89 -5.63
C SER A 58 8.40 2.74 -4.75
N MET A 59 8.29 1.52 -5.32
CA MET A 59 7.88 0.40 -4.52
C MET A 59 9.11 -0.26 -3.95
N ALA A 60 9.81 0.47 -3.06
CA ALA A 60 10.96 -0.09 -2.41
C ALA A 60 10.60 -0.08 -0.95
N ALA A 61 9.66 -0.98 -0.59
CA ALA A 61 9.21 -1.04 0.76
C ALA A 61 10.16 -1.90 1.53
N THR A 62 10.32 -1.59 2.84
CA THR A 62 11.20 -2.36 3.65
C THR A 62 10.48 -2.64 4.94
N THR A 63 10.77 -3.83 5.50
CA THR A 63 10.17 -4.19 6.76
C THR A 63 11.21 -3.98 7.81
N LYS A 64 10.80 -3.97 9.09
CA LYS A 64 11.75 -3.78 10.18
C LYS A 64 12.68 -4.97 10.21
N ASP A 65 12.24 -6.11 9.64
CA ASP A 65 13.06 -7.31 9.63
C ASP A 65 14.14 -7.15 8.59
N GLY A 66 13.91 -6.29 7.57
CA GLY A 66 14.91 -6.12 6.54
C GLY A 66 14.21 -5.84 5.25
N THR A 67 14.32 -6.79 4.29
CA THR A 67 13.69 -6.61 3.00
C THR A 67 12.22 -6.87 3.15
N GLY A 68 11.41 -6.14 2.35
CA GLY A 68 9.98 -6.31 2.42
C GLY A 68 9.38 -5.51 1.32
N ILE A 69 9.83 -5.78 0.08
CA ILE A 69 9.33 -5.05 -1.07
C ILE A 69 8.00 -5.64 -1.43
N ASN A 70 7.00 -4.76 -1.75
CA ASN A 70 5.69 -5.26 -2.06
C ASN A 70 5.71 -5.86 -3.45
N PRO A 71 5.26 -7.09 -3.56
CA PRO A 71 5.21 -7.77 -4.84
C PRO A 71 3.93 -7.52 -5.59
N ALA A 72 2.83 -8.21 -5.18
CA ALA A 72 1.56 -8.03 -5.86
C ALA A 72 0.76 -7.02 -5.08
N GLN A 73 1.00 -6.94 -3.75
CA GLN A 73 0.30 -6.00 -2.91
C GLN A 73 -1.16 -6.42 -2.77
N THR A 74 -1.42 -7.75 -2.74
CA THR A 74 -2.79 -8.20 -2.59
C THR A 74 -3.12 -8.08 -1.13
N ALA A 75 -4.43 -7.96 -0.79
CA ALA A 75 -4.83 -7.83 0.60
C ALA A 75 -4.44 -9.05 1.38
N GLY A 76 -4.65 -10.25 0.80
CA GLY A 76 -4.35 -11.48 1.49
C GLY A 76 -2.87 -11.61 1.71
N ASN A 77 -2.05 -11.23 0.72
CA ASN A 77 -0.62 -11.39 0.84
C ASN A 77 -0.05 -10.44 1.86
N VAL A 78 -0.48 -9.16 1.86
CA VAL A 78 0.11 -8.20 2.78
C VAL A 78 -0.44 -8.41 4.18
N PHE A 79 -1.65 -9.00 4.29
CA PHE A 79 -2.25 -9.21 5.59
C PHE A 79 -1.34 -10.06 6.44
N MET A 80 -0.83 -11.18 5.89
CA MET A 80 0.01 -12.06 6.68
C MET A 80 1.47 -11.71 6.48
N LYS A 81 1.84 -11.20 5.28
CA LYS A 81 3.24 -10.92 5.02
C LYS A 81 3.71 -9.74 5.84
N TYR A 82 2.91 -8.65 5.96
CA TYR A 82 3.40 -7.51 6.72
C TYR A 82 2.47 -7.21 7.86
N GLY A 83 1.15 -7.43 7.67
CA GLY A 83 0.21 -7.14 8.73
C GLY A 83 0.28 -5.67 9.06
N GLN A 84 0.43 -4.81 8.01
CA GLN A 84 0.54 -3.38 8.21
C GLN A 84 1.90 -3.11 8.81
N GLU A 85 2.14 -1.82 9.14
CA GLU A 85 3.38 -1.41 9.76
C GLU A 85 4.55 -1.65 8.84
N ILE A 86 4.39 -1.32 7.54
CA ILE A 86 5.48 -1.48 6.60
C ILE A 86 5.92 -0.09 6.21
N ARG A 87 7.23 0.07 5.88
CA ARG A 87 7.73 1.38 5.51
C ARG A 87 7.90 1.40 4.01
N LEU A 88 7.51 2.53 3.37
CA LEU A 88 7.67 2.63 1.93
C LEU A 88 8.77 3.61 1.66
N ILE A 89 9.74 3.20 0.80
CA ILE A 89 10.83 4.07 0.46
C ILE A 89 10.91 4.10 -1.05
N PRO A 90 11.14 5.27 -1.61
CA PRO A 90 11.27 5.42 -3.04
C PRO A 90 12.70 5.32 -3.49
N ARG A 91 13.30 4.11 -3.35
CA ARG A 91 14.67 3.91 -3.75
C ARG A 91 14.72 3.82 -5.25
N ASP A 92 15.86 4.26 -5.84
CA ASP A 92 16.04 4.22 -7.27
C ASP A 92 15.01 5.11 -7.92
N ARG A 93 14.71 6.25 -7.26
CA ARG A 93 13.75 7.17 -7.81
C ARG A 93 14.14 8.54 -7.34
N VAL A 94 13.90 8.82 -6.04
CA VAL A 94 14.26 10.11 -5.49
C VAL A 94 15.75 10.21 -5.48
N GLY A 95 16.43 9.12 -5.07
CA GLY A 95 17.88 9.13 -5.04
C GLY A 95 18.35 7.69 -4.79
N MET A 1 -19.80 -6.77 -18.40
CA MET A 1 -20.81 -5.70 -18.64
C MET A 1 -20.48 -4.46 -17.86
N SER A 2 -20.12 -4.64 -16.57
CA SER A 2 -19.78 -3.50 -15.75
C SER A 2 -18.50 -3.84 -15.05
N GLN A 3 -17.67 -2.81 -14.80
CA GLN A 3 -16.41 -3.03 -14.14
C GLN A 3 -16.28 -1.96 -13.09
N ASN A 4 -15.93 -2.38 -11.85
CA ASN A 4 -15.77 -1.42 -10.78
C ASN A 4 -14.31 -1.20 -10.60
N GLU A 5 -13.89 0.09 -10.51
CA GLU A 5 -12.49 0.40 -10.34
C GLU A 5 -12.06 -0.12 -8.98
N GLU A 6 -12.93 0.06 -7.96
CA GLU A 6 -12.61 -0.40 -6.64
C GLU A 6 -13.70 -1.33 -6.22
N ALA A 7 -13.32 -2.46 -5.57
CA ALA A 7 -14.30 -3.41 -5.14
C ALA A 7 -14.87 -2.91 -3.83
N PRO A 8 -16.13 -3.17 -3.59
CA PRO A 8 -16.80 -2.75 -2.38
C PRO A 8 -16.39 -3.57 -1.19
N ALA A 9 -16.40 -2.94 0.01
CA ALA A 9 -16.03 -3.64 1.22
C ALA A 9 -17.30 -4.16 1.84
N ARG A 10 -18.45 -3.93 1.17
CA ARG A 10 -19.72 -4.38 1.69
C ARG A 10 -19.77 -5.88 1.61
N SER A 11 -19.20 -6.46 0.53
CA SER A 11 -19.22 -7.90 0.37
C SER A 11 -17.79 -8.36 0.32
N GLY A 12 -17.54 -9.59 0.82
CA GLY A 12 -16.21 -10.13 0.81
C GLY A 12 -15.64 -9.95 2.19
N GLY A 13 -15.21 -8.71 2.49
CA GLY A 13 -14.63 -8.44 3.78
C GLY A 13 -14.00 -7.09 3.72
N LYS A 14 -13.28 -6.71 4.78
CA LYS A 14 -12.63 -5.42 4.80
C LYS A 14 -11.34 -5.60 5.52
N VAL A 15 -10.26 -5.05 4.94
CA VAL A 15 -8.97 -5.15 5.55
C VAL A 15 -8.31 -3.80 5.37
N THR A 16 -7.60 -3.33 6.41
CA THR A 16 -6.94 -2.05 6.31
C THR A 16 -5.48 -2.28 6.58
N PHE A 17 -4.62 -1.45 5.95
CA PHE A 17 -3.20 -1.58 6.15
C PHE A 17 -2.67 -0.20 6.36
N ARG A 18 -1.66 -0.08 7.26
CA ARG A 18 -1.07 1.20 7.53
C ARG A 18 0.24 1.22 6.81
N ILE A 19 0.46 2.30 6.03
CA ILE A 19 1.67 2.43 5.27
C ILE A 19 2.40 3.61 5.82
N ILE A 20 3.66 3.41 6.27
CA ILE A 20 4.41 4.52 6.80
C ILE A 20 5.19 5.08 5.64
N LEU A 21 4.84 6.32 5.25
CA LEU A 21 5.50 6.96 4.14
C LEU A 21 6.52 7.90 4.71
N THR A 22 7.81 7.68 4.40
CA THR A 22 8.85 8.53 4.93
C THR A 22 9.03 9.73 4.03
N SER A 23 8.35 9.74 2.86
CA SER A 23 8.48 10.84 1.95
C SER A 23 7.62 11.99 2.42
N GLU A 24 6.66 11.72 3.32
CA GLU A 24 5.81 12.79 3.82
C GLU A 24 6.00 12.86 5.30
N ARG A 25 6.86 13.79 5.75
CA ARG A 25 7.12 13.97 7.17
C ARG A 25 5.88 14.46 7.84
N SER A 26 5.10 15.32 7.15
CA SER A 26 3.90 15.89 7.72
C SER A 26 2.90 14.80 8.05
N GLN A 27 2.81 13.76 7.19
CA GLN A 27 1.86 12.71 7.46
C GLN A 27 2.47 11.41 7.02
N PRO A 28 3.24 10.81 7.89
CA PRO A 28 3.89 9.54 7.60
C PRO A 28 3.03 8.36 7.93
N PHE A 29 1.76 8.39 7.50
CA PHE A 29 0.89 7.28 7.77
C PHE A 29 -0.35 7.41 6.91
N ARG A 30 -0.37 6.64 5.80
CA ARG A 30 -1.51 6.65 4.92
C ARG A 30 -2.15 5.30 5.10
N VAL A 31 -3.47 5.27 5.33
CA VAL A 31 -4.14 4.01 5.56
C VAL A 31 -4.91 3.66 4.33
N ILE A 32 -4.65 2.46 3.76
CA ILE A 32 -5.37 2.02 2.60
C ILE A 32 -6.40 1.04 3.08
N SER A 33 -7.62 1.12 2.52
CA SER A 33 -8.67 0.21 2.91
C SER A 33 -9.11 -0.50 1.68
N ILE A 34 -9.00 -1.84 1.69
CA ILE A 34 -9.41 -2.60 0.55
C ILE A 34 -10.05 -3.85 1.07
N ALA A 35 -10.87 -4.50 0.22
CA ALA A 35 -11.51 -5.73 0.66
C ALA A 35 -10.48 -6.81 0.60
N GLU A 36 -10.67 -7.89 1.39
CA GLU A 36 -9.73 -8.98 1.40
C GLU A 36 -9.72 -9.61 0.03
N GLU A 37 -10.92 -9.70 -0.61
CA GLU A 37 -11.02 -10.30 -1.91
C GLU A 37 -10.90 -9.22 -2.96
N ALA A 38 -10.54 -7.98 -2.57
CA ALA A 38 -10.42 -6.91 -3.54
C ALA A 38 -9.07 -7.02 -4.19
N PRO A 39 -8.98 -6.51 -5.40
CA PRO A 39 -7.75 -6.53 -6.15
C PRO A 39 -6.76 -5.50 -5.67
N LEU A 40 -5.48 -5.69 -6.05
CA LEU A 40 -4.42 -4.79 -5.66
C LEU A 40 -4.65 -3.43 -6.28
N THR A 41 -5.56 -3.35 -7.28
CA THR A 41 -5.83 -2.10 -7.96
C THR A 41 -6.33 -1.08 -6.98
N ALA A 42 -7.19 -1.51 -6.01
CA ALA A 42 -7.74 -0.57 -5.06
C ALA A 42 -6.63 0.01 -4.24
N ALA A 43 -5.64 -0.83 -3.85
CA ALA A 43 -4.55 -0.36 -3.04
C ALA A 43 -3.72 0.61 -3.85
N LEU A 44 -3.52 0.31 -5.15
CA LEU A 44 -2.73 1.16 -6.02
C LEU A 44 -3.32 2.54 -6.11
N ARG A 45 -4.66 2.67 -5.95
CA ARG A 45 -5.29 3.97 -6.04
C ARG A 45 -4.74 4.86 -4.94
N PHE A 46 -4.60 4.31 -3.72
CA PHE A 46 -4.09 5.09 -2.61
C PHE A 46 -2.59 5.03 -2.64
N ALA A 47 -2.04 3.92 -3.17
CA ALA A 47 -0.60 3.75 -3.24
C ALA A 47 -0.03 4.83 -4.14
N ALA A 48 -0.77 5.18 -5.22
CA ALA A 48 -0.31 6.18 -6.14
C ALA A 48 -0.14 7.49 -5.41
N GLU A 49 -1.04 7.79 -4.44
CA GLU A 49 -0.93 9.02 -3.70
C GLU A 49 0.29 8.95 -2.83
N GLU A 50 0.56 7.76 -2.26
CA GLU A 50 1.70 7.58 -1.39
C GLU A 50 2.98 7.75 -2.15
N PHE A 51 3.05 7.21 -3.39
CA PHE A 51 4.27 7.32 -4.16
C PHE A 51 4.35 8.68 -4.79
N GLY A 52 3.19 9.29 -5.04
CA GLY A 52 3.12 10.61 -5.63
C GLY A 52 3.28 10.48 -7.12
N ILE A 53 3.57 9.26 -7.62
CA ILE A 53 3.71 9.06 -9.05
C ILE A 53 3.34 7.63 -9.30
N ALA A 54 3.00 7.31 -10.57
CA ALA A 54 2.65 5.95 -10.90
C ALA A 54 3.92 5.32 -11.41
N SER A 55 4.80 4.90 -10.49
CA SER A 55 6.04 4.30 -10.90
C SER A 55 6.45 3.30 -9.86
N VAL A 56 7.02 2.18 -10.34
CA VAL A 56 7.49 1.12 -9.48
C VAL A 56 8.73 1.57 -8.75
N ASP A 57 9.32 2.72 -9.16
CA ASP A 57 10.56 3.18 -8.56
C ASP A 57 10.32 3.52 -7.11
N SER A 58 9.06 3.82 -6.73
CA SER A 58 8.78 4.18 -5.37
C SER A 58 8.32 2.95 -4.62
N MET A 59 8.40 1.75 -5.24
CA MET A 59 7.96 0.56 -4.57
C MET A 59 9.16 -0.10 -3.94
N ALA A 60 9.76 0.57 -2.93
CA ALA A 60 10.85 -0.02 -2.23
C ALA A 60 10.40 -0.08 -0.80
N ALA A 61 9.50 -1.04 -0.52
CA ALA A 61 8.97 -1.15 0.81
C ALA A 61 9.89 -2.02 1.61
N THR A 62 9.99 -1.72 2.91
CA THR A 62 10.83 -2.50 3.77
C THR A 62 10.03 -2.79 5.00
N THR A 63 10.23 -3.99 5.56
CA THR A 63 9.53 -4.38 6.76
C THR A 63 10.52 -4.20 7.89
N LYS A 64 10.01 -4.14 9.13
CA LYS A 64 10.88 -3.97 10.29
C LYS A 64 11.75 -5.19 10.42
N ASP A 65 11.17 -6.37 10.11
CA ASP A 65 11.90 -7.61 10.25
C ASP A 65 12.92 -7.77 9.14
N GLY A 66 12.72 -7.11 7.98
CA GLY A 66 13.70 -7.25 6.92
C GLY A 66 13.13 -6.65 5.68
N THR A 67 13.81 -6.87 4.53
CA THR A 67 13.35 -6.32 3.28
C THR A 67 12.04 -6.95 2.94
N GLY A 68 11.03 -6.12 2.61
CA GLY A 68 9.73 -6.62 2.29
C GLY A 68 9.12 -5.69 1.29
N ILE A 69 9.57 -5.83 0.02
CA ILE A 69 9.06 -4.99 -1.04
C ILE A 69 7.73 -5.55 -1.45
N ASN A 70 6.74 -4.65 -1.73
CA ASN A 70 5.43 -5.13 -2.10
C ASN A 70 5.48 -5.64 -3.52
N PRO A 71 5.10 -6.90 -3.71
CA PRO A 71 5.09 -7.50 -5.01
C PRO A 71 3.77 -7.36 -5.72
N ALA A 72 2.76 -8.17 -5.31
CA ALA A 72 1.47 -8.11 -5.94
C ALA A 72 0.65 -7.06 -5.23
N GLN A 73 0.94 -6.86 -3.93
CA GLN A 73 0.23 -5.89 -3.13
C GLN A 73 -1.20 -6.32 -2.96
N THR A 74 -1.46 -7.65 -2.98
CA THR A 74 -2.81 -8.13 -2.80
C THR A 74 -3.08 -8.08 -1.32
N ALA A 75 -4.37 -8.01 -0.93
CA ALA A 75 -4.72 -7.94 0.47
C ALA A 75 -4.28 -9.18 1.22
N GLY A 76 -4.47 -10.38 0.61
CA GLY A 76 -4.13 -11.61 1.30
C GLY A 76 -2.65 -11.72 1.53
N ASN A 77 -1.81 -11.44 0.51
CA ASN A 77 -0.38 -11.58 0.67
C ASN A 77 0.17 -10.51 1.58
N VAL A 78 -0.31 -9.27 1.45
CA VAL A 78 0.22 -8.20 2.28
C VAL A 78 -0.14 -8.44 3.72
N PHE A 79 -1.39 -8.85 4.00
CA PHE A 79 -1.82 -9.06 5.37
C PHE A 79 -0.96 -10.10 6.06
N MET A 80 -0.77 -11.26 5.41
CA MET A 80 -0.01 -12.33 6.02
C MET A 80 1.46 -12.01 6.08
N LYS A 81 2.02 -11.38 5.03
CA LYS A 81 3.45 -11.17 4.99
C LYS A 81 3.88 -9.90 5.71
N TYR A 82 3.16 -8.76 5.55
CA TYR A 82 3.64 -7.54 6.18
C TYR A 82 2.62 -7.02 7.16
N GLY A 83 1.33 -7.30 6.93
CA GLY A 83 0.32 -6.83 7.83
C GLY A 83 0.21 -5.33 7.68
N GLN A 84 -0.10 -4.64 8.79
CA GLN A 84 -0.25 -3.21 8.79
C GLN A 84 1.04 -2.60 9.28
N GLU A 85 2.19 -3.29 9.12
CA GLU A 85 3.45 -2.74 9.59
C GLU A 85 4.45 -2.79 8.47
N ILE A 86 4.34 -1.84 7.52
CA ILE A 86 5.26 -1.80 6.42
C ILE A 86 5.51 -0.35 6.08
N ARG A 87 6.77 0.00 5.71
CA ARG A 87 7.06 1.37 5.36
C ARG A 87 7.49 1.38 3.91
N LEU A 88 7.17 2.48 3.19
CA LEU A 88 7.53 2.57 1.80
C LEU A 88 8.55 3.67 1.62
N ILE A 89 9.62 3.37 0.87
CA ILE A 89 10.63 4.35 0.58
C ILE A 89 10.90 4.25 -0.89
N PRO A 90 11.37 5.33 -1.47
CA PRO A 90 11.69 5.36 -2.89
C PRO A 90 13.04 4.79 -3.20
N ARG A 91 13.16 4.22 -4.42
CA ARG A 91 14.41 3.62 -4.83
C ARG A 91 14.85 4.34 -6.08
N ASP A 92 16.15 4.74 -6.13
CA ASP A 92 16.70 5.44 -7.27
C ASP A 92 15.96 6.73 -7.45
N ARG A 93 15.61 7.40 -6.33
CA ARG A 93 14.91 8.66 -6.41
C ARG A 93 15.69 9.63 -5.56
N VAL A 94 15.83 9.29 -4.25
CA VAL A 94 16.55 10.15 -3.34
C VAL A 94 18.00 10.19 -3.79
N GLY A 95 18.56 9.02 -4.14
CA GLY A 95 19.93 8.98 -4.58
C GLY A 95 20.26 7.54 -4.96
N MET A 1 -19.55 -8.20 -13.51
CA MET A 1 -20.96 -8.07 -13.06
C MET A 1 -21.14 -6.80 -12.27
N SER A 2 -20.25 -6.56 -11.28
CA SER A 2 -20.35 -5.37 -10.48
C SER A 2 -19.00 -4.74 -10.46
N GLN A 3 -18.96 -3.39 -10.36
CA GLN A 3 -17.70 -2.69 -10.32
C GLN A 3 -17.42 -2.35 -8.89
N ASN A 4 -16.14 -2.44 -8.50
CA ASN A 4 -15.77 -2.14 -7.14
C ASN A 4 -15.42 -0.68 -7.08
N GLU A 5 -16.39 0.14 -6.60
CA GLU A 5 -16.13 1.55 -6.50
C GLU A 5 -16.93 2.06 -5.33
N GLU A 6 -16.24 2.67 -4.34
CA GLU A 6 -16.89 3.19 -3.16
C GLU A 6 -17.67 2.09 -2.49
N ALA A 7 -17.03 0.90 -2.35
CA ALA A 7 -17.70 -0.21 -1.72
C ALA A 7 -17.74 0.05 -0.24
N PRO A 8 -18.89 -0.13 0.36
CA PRO A 8 -19.05 0.09 1.79
C PRO A 8 -18.46 -1.02 2.61
N ALA A 9 -17.97 -0.68 3.82
CA ALA A 9 -17.38 -1.68 4.67
C ALA A 9 -18.46 -2.23 5.55
N ARG A 10 -19.47 -2.89 4.92
CA ARG A 10 -20.56 -3.45 5.68
C ARG A 10 -20.67 -4.91 5.33
N SER A 11 -20.48 -5.24 4.03
CA SER A 11 -20.57 -6.62 3.61
C SER A 11 -19.27 -7.00 3.00
N GLY A 12 -18.91 -8.30 3.12
CA GLY A 12 -17.66 -8.77 2.56
C GLY A 12 -16.60 -8.67 3.61
N GLY A 13 -15.37 -9.10 3.27
CA GLY A 13 -14.29 -9.04 4.22
C GLY A 13 -13.49 -7.82 3.90
N LYS A 14 -13.25 -6.98 4.92
CA LYS A 14 -12.49 -5.76 4.72
C LYS A 14 -11.25 -5.83 5.54
N VAL A 15 -10.15 -5.31 4.97
CA VAL A 15 -8.89 -5.32 5.63
C VAL A 15 -8.30 -3.93 5.46
N THR A 16 -7.67 -3.40 6.52
CA THR A 16 -7.07 -2.10 6.44
C THR A 16 -5.59 -2.28 6.64
N PHE A 17 -4.78 -1.46 5.96
CA PHE A 17 -3.36 -1.58 6.08
C PHE A 17 -2.81 -0.20 6.34
N ARG A 18 -1.86 -0.10 7.28
CA ARG A 18 -1.26 1.16 7.60
C ARG A 18 0.12 1.13 7.05
N ILE A 19 0.44 2.12 6.18
CA ILE A 19 1.75 2.18 5.58
C ILE A 19 2.39 3.46 6.01
N ILE A 20 3.64 3.38 6.50
CA ILE A 20 4.34 4.56 6.96
C ILE A 20 5.10 5.09 5.77
N LEU A 21 4.75 6.32 5.35
CA LEU A 21 5.41 6.93 4.22
C LEU A 21 6.42 7.91 4.78
N THR A 22 7.71 7.69 4.47
CA THR A 22 8.75 8.56 4.97
C THR A 22 8.93 9.73 4.03
N SER A 23 8.24 9.71 2.87
CA SER A 23 8.39 10.79 1.93
C SER A 23 7.58 11.98 2.37
N GLU A 24 6.63 11.77 3.30
CA GLU A 24 5.82 12.88 3.77
C GLU A 24 6.00 13.00 5.24
N ARG A 25 6.86 13.95 5.67
CA ARG A 25 7.12 14.16 7.07
C ARG A 25 5.88 14.67 7.74
N SER A 26 5.09 15.51 7.03
CA SER A 26 3.90 16.09 7.61
C SER A 26 2.90 15.01 7.96
N GLN A 27 2.80 13.95 7.14
CA GLN A 27 1.85 12.90 7.43
C GLN A 27 2.45 11.60 7.00
N PRO A 28 3.24 11.00 7.87
CA PRO A 28 3.88 9.74 7.58
C PRO A 28 3.02 8.56 7.92
N PHE A 29 1.80 8.50 7.33
CA PHE A 29 0.92 7.41 7.60
C PHE A 29 -0.26 7.53 6.69
N ARG A 30 -0.42 6.54 5.80
CA ARG A 30 -1.54 6.51 4.90
C ARG A 30 -2.19 5.18 5.12
N VAL A 31 -3.52 5.17 5.32
CA VAL A 31 -4.21 3.93 5.57
C VAL A 31 -5.04 3.62 4.36
N ILE A 32 -4.82 2.42 3.78
CA ILE A 32 -5.59 2.02 2.63
C ILE A 32 -6.60 1.02 3.12
N SER A 33 -7.85 1.13 2.62
CA SER A 33 -8.88 0.20 3.02
C SER A 33 -9.29 -0.53 1.79
N ILE A 34 -9.14 -1.86 1.79
CA ILE A 34 -9.50 -2.63 0.63
C ILE A 34 -10.10 -3.91 1.12
N ALA A 35 -10.87 -4.59 0.27
CA ALA A 35 -11.46 -5.84 0.69
C ALA A 35 -10.38 -6.89 0.60
N GLU A 36 -10.51 -7.95 1.42
CA GLU A 36 -9.55 -9.02 1.42
C GLU A 36 -9.58 -9.68 0.06
N GLU A 37 -10.81 -9.79 -0.50
CA GLU A 37 -10.99 -10.42 -1.78
C GLU A 37 -10.95 -9.37 -2.87
N ALA A 38 -10.60 -8.12 -2.53
CA ALA A 38 -10.55 -7.08 -3.53
C ALA A 38 -9.23 -7.15 -4.24
N PRO A 39 -9.20 -6.66 -5.45
CA PRO A 39 -7.98 -6.65 -6.25
C PRO A 39 -6.99 -5.61 -5.80
N LEU A 40 -5.72 -5.80 -6.23
CA LEU A 40 -4.64 -4.89 -5.87
C LEU A 40 -4.89 -3.53 -6.47
N THR A 41 -5.86 -3.42 -7.41
CA THR A 41 -6.14 -2.16 -8.06
C THR A 41 -6.56 -1.13 -7.04
N ALA A 42 -7.39 -1.52 -6.04
CA ALA A 42 -7.86 -0.57 -5.06
C ALA A 42 -6.69 -0.04 -4.28
N ALA A 43 -5.74 -0.94 -3.92
CA ALA A 43 -4.58 -0.52 -3.16
C ALA A 43 -3.74 0.40 -3.99
N LEU A 44 -3.60 0.10 -5.30
CA LEU A 44 -2.79 0.88 -6.20
C LEU A 44 -3.30 2.30 -6.26
N ARG A 45 -4.64 2.49 -6.23
CA ARG A 45 -5.21 3.82 -6.31
C ARG A 45 -4.68 4.65 -5.16
N PHE A 46 -4.68 4.09 -3.93
CA PHE A 46 -4.21 4.85 -2.79
C PHE A 46 -2.70 4.79 -2.77
N ALA A 47 -2.12 3.70 -3.31
CA ALA A 47 -0.69 3.53 -3.35
C ALA A 47 -0.07 4.62 -4.17
N ALA A 48 -0.77 5.07 -5.24
CA ALA A 48 -0.25 6.10 -6.10
C ALA A 48 0.00 7.35 -5.29
N GLU A 49 -0.90 7.65 -4.32
CA GLU A 49 -0.72 8.83 -3.50
C GLU A 49 0.48 8.62 -2.62
N GLU A 50 0.65 7.38 -2.13
CA GLU A 50 1.75 7.05 -1.26
C GLU A 50 3.06 7.17 -2.01
N PHE A 51 3.08 6.74 -3.29
CA PHE A 51 4.32 6.80 -4.04
C PHE A 51 4.56 8.21 -4.46
N GLY A 52 3.48 8.99 -4.64
CA GLY A 52 3.59 10.37 -5.04
C GLY A 52 3.84 10.45 -6.51
N ILE A 53 4.05 9.28 -7.17
CA ILE A 53 4.28 9.26 -8.59
C ILE A 53 3.76 7.95 -9.09
N ALA A 54 3.49 7.87 -10.41
CA ALA A 54 3.00 6.63 -10.96
C ALA A 54 4.19 5.90 -11.49
N SER A 55 4.99 5.29 -10.58
CA SER A 55 6.16 4.58 -11.01
C SER A 55 6.44 3.49 -10.02
N VAL A 56 6.93 2.35 -10.54
CA VAL A 56 7.28 1.21 -9.72
C VAL A 56 8.52 1.53 -8.94
N ASP A 57 9.22 2.62 -9.29
CA ASP A 57 10.47 2.97 -8.63
C ASP A 57 10.22 3.27 -7.19
N SER A 58 8.95 3.59 -6.81
CA SER A 58 8.66 3.90 -5.44
C SER A 58 8.20 2.65 -4.72
N MET A 59 8.36 1.47 -5.36
CA MET A 59 7.92 0.24 -4.75
C MET A 59 9.08 -0.36 -4.02
N ALA A 60 9.55 0.32 -2.94
CA ALA A 60 10.62 -0.22 -2.17
C ALA A 60 10.13 -0.25 -0.76
N ALA A 61 9.21 -1.20 -0.48
CA ALA A 61 8.68 -1.31 0.85
C ALA A 61 9.62 -2.19 1.61
N THR A 62 9.85 -1.87 2.90
CA THR A 62 10.74 -2.66 3.68
C THR A 62 10.07 -2.89 4.99
N THR A 63 10.33 -4.08 5.57
CA THR A 63 9.77 -4.39 6.85
C THR A 63 10.86 -4.19 7.85
N LYS A 64 10.47 -4.07 9.12
CA LYS A 64 11.42 -3.85 10.18
C LYS A 64 12.28 -5.07 10.32
N ASP A 65 11.68 -6.26 10.09
CA ASP A 65 12.39 -7.50 10.21
C ASP A 65 13.31 -7.73 9.03
N GLY A 66 13.03 -7.10 7.86
CA GLY A 66 13.91 -7.33 6.74
C GLY A 66 13.28 -6.79 5.50
N THR A 67 13.71 -7.31 4.33
CA THR A 67 13.18 -6.87 3.06
C THR A 67 11.76 -7.36 2.93
N GLY A 68 10.83 -6.45 2.59
CA GLY A 68 9.45 -6.82 2.44
C GLY A 68 8.86 -5.92 1.41
N ILE A 69 9.31 -6.08 0.15
CA ILE A 69 8.83 -5.25 -0.94
C ILE A 69 7.49 -5.80 -1.37
N ASN A 70 6.51 -4.90 -1.64
CA ASN A 70 5.20 -5.35 -2.03
C ASN A 70 5.25 -5.67 -3.50
N PRO A 71 4.91 -6.90 -3.87
CA PRO A 71 4.92 -7.32 -5.25
C PRO A 71 3.61 -7.11 -5.96
N ALA A 72 2.61 -7.99 -5.69
CA ALA A 72 1.33 -7.89 -6.35
C ALA A 72 0.49 -6.89 -5.61
N GLN A 73 0.83 -6.63 -4.32
CA GLN A 73 0.08 -5.68 -3.50
C GLN A 73 -1.31 -6.21 -3.28
N THR A 74 -1.48 -7.55 -3.21
CA THR A 74 -2.80 -8.09 -2.96
C THR A 74 -3.04 -7.96 -1.49
N ALA A 75 -4.31 -7.94 -1.07
CA ALA A 75 -4.63 -7.80 0.33
C ALA A 75 -4.07 -8.97 1.10
N GLY A 76 -4.23 -10.18 0.55
CA GLY A 76 -3.76 -11.37 1.23
C GLY A 76 -2.25 -11.39 1.33
N ASN A 77 -1.55 -10.95 0.26
CA ASN A 77 -0.10 -11.00 0.27
C ASN A 77 0.46 -9.99 1.24
N VAL A 78 -0.12 -8.77 1.28
CA VAL A 78 0.41 -7.75 2.17
C VAL A 78 0.12 -8.16 3.59
N PHE A 79 -1.12 -8.66 3.84
CA PHE A 79 -1.53 -9.07 5.17
C PHE A 79 -0.60 -10.14 5.70
N MET A 80 -0.35 -11.17 4.87
CA MET A 80 0.49 -12.27 5.30
C MET A 80 1.91 -11.82 5.54
N LYS A 81 2.43 -10.89 4.72
CA LYS A 81 3.82 -10.51 4.90
C LYS A 81 3.98 -9.63 6.11
N TYR A 82 3.37 -8.41 6.12
CA TYR A 82 3.53 -7.56 7.29
C TYR A 82 2.20 -7.04 7.75
N GLY A 83 1.24 -6.88 6.83
CA GLY A 83 -0.03 -6.32 7.20
C GLY A 83 0.19 -4.85 7.46
N GLN A 84 -0.06 -4.42 8.71
CA GLN A 84 0.13 -3.05 9.06
C GLN A 84 1.51 -2.88 9.60
N GLU A 85 1.96 -1.61 9.68
CA GLU A 85 3.28 -1.26 10.21
C GLU A 85 4.36 -1.58 9.22
N ILE A 86 4.06 -1.47 7.91
CA ILE A 86 5.07 -1.71 6.90
C ILE A 86 5.57 -0.35 6.48
N ARG A 87 6.89 -0.22 6.19
CA ARG A 87 7.43 1.07 5.81
C ARG A 87 7.57 1.10 4.32
N LEU A 88 7.18 2.22 3.69
CA LEU A 88 7.28 2.33 2.25
C LEU A 88 8.27 3.41 1.93
N ILE A 89 9.30 3.09 1.11
CA ILE A 89 10.27 4.09 0.72
C ILE A 89 10.46 3.97 -0.76
N PRO A 90 10.86 5.05 -1.38
CA PRO A 90 11.12 5.09 -2.80
C PRO A 90 12.57 4.92 -3.14
N ARG A 91 12.87 4.65 -4.44
CA ARG A 91 14.23 4.49 -4.86
C ARG A 91 14.50 5.54 -5.89
N ASP A 92 15.68 6.21 -5.76
CA ASP A 92 16.07 7.26 -6.71
C ASP A 92 15.23 8.49 -6.49
N ARG A 93 14.31 8.45 -5.49
CA ARG A 93 13.48 9.61 -5.23
C ARG A 93 13.70 9.99 -3.79
N VAL A 94 14.63 9.29 -3.10
CA VAL A 94 14.91 9.58 -1.72
C VAL A 94 15.49 10.96 -1.63
N GLY A 95 16.43 11.29 -2.55
CA GLY A 95 17.03 12.60 -2.53
C GLY A 95 18.28 12.54 -1.65
N MET A 1 -11.43 20.33 -8.16
CA MET A 1 -11.22 20.79 -6.76
C MET A 1 -11.57 19.71 -5.78
N SER A 2 -12.71 19.02 -6.02
CA SER A 2 -13.11 17.97 -5.13
C SER A 2 -13.93 17.01 -5.95
N GLN A 3 -13.83 15.71 -5.62
CA GLN A 3 -14.57 14.71 -6.36
C GLN A 3 -14.95 13.65 -5.38
N ASN A 4 -16.21 13.15 -5.47
CA ASN A 4 -16.67 12.13 -4.58
C ASN A 4 -16.05 10.83 -4.99
N GLU A 5 -15.62 10.02 -4.00
CA GLU A 5 -15.01 8.75 -4.28
C GLU A 5 -15.66 7.75 -3.40
N GLU A 6 -15.77 6.48 -3.88
CA GLU A 6 -16.39 5.45 -3.09
C GLU A 6 -15.37 4.37 -2.89
N ALA A 7 -15.23 3.90 -1.64
CA ALA A 7 -14.29 2.85 -1.35
C ALA A 7 -14.97 1.55 -1.70
N PRO A 8 -14.18 0.54 -2.02
CA PRO A 8 -14.71 -0.77 -2.36
C PRO A 8 -15.09 -1.58 -1.15
N ALA A 9 -15.97 -1.02 -0.31
CA ALA A 9 -16.40 -1.70 0.88
C ALA A 9 -17.69 -2.42 0.57
N ARG A 10 -18.12 -2.38 -0.71
CA ARG A 10 -19.34 -3.04 -1.10
C ARG A 10 -19.12 -4.53 -1.07
N SER A 11 -17.84 -4.95 -1.11
CA SER A 11 -17.51 -6.36 -1.07
C SER A 11 -17.78 -6.83 0.34
N GLY A 12 -18.17 -8.13 0.49
CA GLY A 12 -18.46 -8.66 1.81
C GLY A 12 -17.15 -8.99 2.46
N GLY A 13 -16.33 -7.96 2.72
CA GLY A 13 -15.06 -8.16 3.36
C GLY A 13 -14.30 -6.89 3.20
N LYS A 14 -13.58 -6.48 4.27
CA LYS A 14 -12.82 -5.25 4.20
C LYS A 14 -11.58 -5.44 5.02
N VAL A 15 -10.47 -4.83 4.58
CA VAL A 15 -9.22 -4.92 5.30
C VAL A 15 -8.62 -3.55 5.29
N THR A 16 -8.01 -3.13 6.43
CA THR A 16 -7.42 -1.83 6.52
C THR A 16 -5.95 -2.02 6.80
N PHE A 17 -5.09 -1.34 6.02
CA PHE A 17 -3.66 -1.45 6.20
C PHE A 17 -3.12 -0.07 6.39
N ARG A 18 -2.09 0.08 7.23
CA ARG A 18 -1.48 1.36 7.45
C ARG A 18 -0.15 1.33 6.78
N ILE A 19 0.14 2.37 5.98
CA ILE A 19 1.38 2.43 5.25
C ILE A 19 2.17 3.56 5.85
N ILE A 20 3.45 3.29 6.23
CA ILE A 20 4.25 4.34 6.80
C ILE A 20 5.00 4.98 5.67
N LEU A 21 4.70 6.27 5.40
CA LEU A 21 5.36 6.97 4.32
C LEU A 21 6.46 7.79 4.92
N THR A 22 7.72 7.52 4.52
CA THR A 22 8.83 8.26 5.08
C THR A 22 9.09 9.48 4.23
N SER A 23 8.40 9.58 3.07
CA SER A 23 8.60 10.72 2.20
C SER A 23 7.82 11.89 2.72
N GLU A 24 6.84 11.62 3.63
CA GLU A 24 6.05 12.71 4.18
C GLU A 24 6.21 12.65 5.68
N ARG A 25 7.15 13.47 6.21
CA ARG A 25 7.39 13.51 7.64
C ARG A 25 6.16 14.04 8.33
N SER A 26 5.48 15.02 7.71
CA SER A 26 4.31 15.63 8.32
C SER A 26 3.21 14.62 8.46
N GLN A 27 3.08 13.67 7.53
CA GLN A 27 2.02 12.68 7.63
C GLN A 27 2.56 11.37 7.14
N PRO A 28 3.23 10.65 8.01
CA PRO A 28 3.80 9.37 7.67
C PRO A 28 2.87 8.22 7.97
N PHE A 29 1.57 8.41 7.69
CA PHE A 29 0.62 7.36 7.95
C PHE A 29 -0.51 7.49 6.95
N ARG A 30 -0.39 6.79 5.79
CA ARG A 30 -1.46 6.83 4.83
C ARG A 30 -2.21 5.55 5.03
N VAL A 31 -3.54 5.64 5.23
CA VAL A 31 -4.31 4.45 5.48
C VAL A 31 -5.00 4.06 4.21
N ILE A 32 -4.79 2.78 3.78
CA ILE A 32 -5.42 2.30 2.58
C ILE A 32 -6.45 1.31 3.02
N SER A 33 -7.64 1.35 2.39
CA SER A 33 -8.69 0.42 2.74
C SER A 33 -9.04 -0.29 1.49
N ILE A 34 -8.90 -1.63 1.51
CA ILE A 34 -9.21 -2.41 0.32
C ILE A 34 -9.88 -3.65 0.81
N ALA A 35 -10.69 -4.28 -0.07
CA ALA A 35 -11.37 -5.48 0.30
C ALA A 35 -10.38 -6.60 0.25
N GLU A 36 -10.65 -7.68 1.01
CA GLU A 36 -9.76 -8.83 1.01
C GLU A 36 -9.76 -9.43 -0.37
N GLU A 37 -10.94 -9.43 -1.01
CA GLU A 37 -11.07 -9.99 -2.34
C GLU A 37 -10.83 -8.91 -3.37
N ALA A 38 -10.39 -7.71 -2.95
CA ALA A 38 -10.16 -6.63 -3.89
C ALA A 38 -8.79 -6.83 -4.48
N PRO A 39 -8.60 -6.32 -5.67
CA PRO A 39 -7.34 -6.42 -6.37
C PRO A 39 -6.30 -5.49 -5.83
N LEU A 40 -5.01 -5.78 -6.16
CA LEU A 40 -3.90 -4.97 -5.71
C LEU A 40 -3.98 -3.59 -6.32
N THR A 41 -4.84 -3.43 -7.35
CA THR A 41 -4.96 -2.15 -8.02
C THR A 41 -5.42 -1.09 -7.06
N ALA A 42 -6.36 -1.43 -6.13
CA ALA A 42 -6.85 -0.45 -5.21
C ALA A 42 -5.73 0.03 -4.32
N ALA A 43 -4.85 -0.90 -3.87
CA ALA A 43 -3.75 -0.53 -3.02
C ALA A 43 -2.82 0.37 -3.78
N LEU A 44 -2.54 0.02 -5.06
CA LEU A 44 -1.66 0.79 -5.89
C LEU A 44 -2.21 2.18 -6.07
N ARG A 45 -3.54 2.31 -6.21
CA ARG A 45 -4.13 3.61 -6.40
C ARG A 45 -3.86 4.48 -5.20
N PHE A 46 -4.07 3.92 -3.98
CA PHE A 46 -3.83 4.69 -2.78
C PHE A 46 -2.35 4.85 -2.58
N ALA A 47 -1.58 3.82 -2.93
CA ALA A 47 -0.14 3.84 -2.78
C ALA A 47 0.42 4.94 -3.65
N ALA A 48 -0.15 5.10 -4.87
CA ALA A 48 0.31 6.10 -5.80
C ALA A 48 0.09 7.48 -5.22
N GLU A 49 -0.92 7.62 -4.33
CA GLU A 49 -1.21 8.92 -3.75
C GLU A 49 -0.08 9.30 -2.83
N GLU A 50 0.54 8.31 -2.17
CA GLU A 50 1.60 8.57 -1.23
C GLU A 50 2.78 9.24 -1.89
N PHE A 51 3.14 8.82 -3.12
CA PHE A 51 4.31 9.40 -3.77
C PHE A 51 3.87 10.35 -4.85
N GLY A 52 2.59 10.29 -5.24
CA GLY A 52 2.09 11.18 -6.26
C GLY A 52 2.33 10.59 -7.63
N ILE A 53 3.01 9.42 -7.72
CA ILE A 53 3.25 8.83 -9.01
C ILE A 53 2.91 7.37 -8.89
N ALA A 54 2.45 6.78 -10.01
CA ALA A 54 2.12 5.38 -10.02
C ALA A 54 3.14 4.71 -10.87
N SER A 55 4.19 4.14 -10.23
CA SER A 55 5.22 3.49 -10.98
C SER A 55 5.96 2.60 -10.02
N VAL A 56 6.92 1.82 -10.58
CA VAL A 56 7.71 0.92 -9.78
C VAL A 56 8.56 1.71 -8.81
N ASP A 57 8.71 3.04 -9.05
CA ASP A 57 9.54 3.85 -8.19
C ASP A 57 8.83 4.03 -6.87
N SER A 58 7.53 3.67 -6.83
CA SER A 58 6.76 3.83 -5.62
C SER A 58 6.67 2.49 -4.92
N MET A 59 7.44 1.48 -5.38
CA MET A 59 7.34 0.17 -4.77
C MET A 59 8.66 -0.26 -4.22
N ALA A 60 9.18 0.42 -3.17
CA ALA A 60 10.40 -0.02 -2.56
C ALA A 60 10.06 -0.11 -1.10
N ALA A 61 9.23 -1.11 -0.76
CA ALA A 61 8.81 -1.27 0.61
C ALA A 61 9.85 -2.09 1.34
N THR A 62 9.98 -1.82 2.65
CA THR A 62 10.93 -2.54 3.45
C THR A 62 10.24 -2.90 4.74
N THR A 63 10.68 -4.02 5.34
CA THR A 63 10.11 -4.44 6.60
C THR A 63 11.08 -4.05 7.67
N LYS A 64 10.68 -4.27 8.94
CA LYS A 64 11.53 -3.95 10.05
C LYS A 64 12.73 -4.85 9.98
N ASP A 65 12.51 -6.10 9.50
CA ASP A 65 13.57 -7.06 9.40
C ASP A 65 14.47 -6.70 8.24
N GLY A 66 13.95 -5.97 7.24
CA GLY A 66 14.78 -5.59 6.12
C GLY A 66 14.01 -5.78 4.85
N THR A 67 14.22 -6.93 4.18
CA THR A 67 13.55 -7.20 2.92
C THR A 67 12.07 -7.29 3.16
N GLY A 68 11.29 -6.56 2.33
CA GLY A 68 9.85 -6.58 2.47
C GLY A 68 9.28 -5.80 1.33
N ILE A 69 9.73 -6.11 0.10
CA ILE A 69 9.26 -5.40 -1.06
C ILE A 69 7.92 -5.98 -1.43
N ASN A 70 6.97 -5.13 -1.86
CA ASN A 70 5.66 -5.61 -2.20
C ASN A 70 5.74 -6.30 -3.54
N PRO A 71 5.34 -7.56 -3.60
CA PRO A 71 5.35 -8.31 -4.82
C PRO A 71 4.06 -8.21 -5.57
N ALA A 72 3.02 -8.96 -5.13
CA ALA A 72 1.75 -8.92 -5.79
C ALA A 72 0.93 -7.85 -5.15
N GLN A 73 1.18 -7.57 -3.85
CA GLN A 73 0.47 -6.56 -3.12
C GLN A 73 -0.98 -6.92 -3.03
N THR A 74 -1.31 -8.23 -2.97
CA THR A 74 -2.70 -8.63 -2.86
C THR A 74 -3.07 -8.40 -1.42
N ALA A 75 -4.38 -8.23 -1.15
CA ALA A 75 -4.82 -7.98 0.21
C ALA A 75 -4.48 -9.15 1.10
N GLY A 76 -4.67 -10.39 0.61
CA GLY A 76 -4.41 -11.56 1.42
C GLY A 76 -2.94 -11.69 1.74
N ASN A 77 -2.06 -11.43 0.75
CA ASN A 77 -0.64 -11.58 0.98
C ASN A 77 -0.15 -10.50 1.90
N VAL A 78 -0.63 -9.25 1.71
CA VAL A 78 -0.17 -8.15 2.52
C VAL A 78 -0.60 -8.34 3.94
N PHE A 79 -1.86 -8.77 4.16
CA PHE A 79 -2.35 -8.94 5.52
C PHE A 79 -1.52 -9.92 6.29
N MET A 80 -1.26 -11.10 5.71
CA MET A 80 -0.51 -12.12 6.41
C MET A 80 0.96 -11.77 6.48
N LYS A 81 1.52 -11.16 5.42
CA LYS A 81 2.94 -10.90 5.40
C LYS A 81 3.33 -9.62 6.11
N TYR A 82 2.60 -8.50 5.88
CA TYR A 82 3.03 -7.24 6.51
C TYR A 82 1.96 -6.71 7.42
N GLY A 83 0.68 -7.00 7.12
CA GLY A 83 -0.39 -6.50 7.93
C GLY A 83 -0.41 -5.01 7.82
N GLN A 84 -0.55 -4.31 8.96
CA GLN A 84 -0.58 -2.87 8.97
C GLN A 84 0.77 -2.36 9.40
N GLU A 85 1.86 -3.11 9.09
CA GLU A 85 3.17 -2.67 9.48
C GLU A 85 4.08 -2.83 8.30
N ILE A 86 4.14 -1.79 7.44
CA ILE A 86 5.00 -1.83 6.29
C ILE A 86 5.56 -0.45 6.09
N ARG A 87 6.88 -0.38 5.77
CA ARG A 87 7.51 0.90 5.55
C ARG A 87 7.62 1.09 4.07
N LEU A 88 7.32 2.30 3.57
CA LEU A 88 7.37 2.55 2.15
C LEU A 88 8.50 3.49 1.85
N ILE A 89 9.37 3.09 0.90
CA ILE A 89 10.49 3.91 0.50
C ILE A 89 10.42 3.99 -1.01
N PRO A 90 10.72 5.14 -1.57
CA PRO A 90 10.75 5.29 -3.01
C PRO A 90 12.00 4.74 -3.63
N ARG A 91 11.93 4.30 -4.89
CA ARG A 91 13.07 3.74 -5.55
C ARG A 91 13.51 4.70 -6.61
N ASP A 92 14.86 4.87 -6.75
CA ASP A 92 15.42 5.76 -7.74
C ASP A 92 14.99 7.18 -7.42
N ARG A 93 14.95 7.52 -6.12
CA ARG A 93 14.57 8.85 -5.71
C ARG A 93 15.52 9.26 -4.63
N VAL A 94 15.52 8.50 -3.50
CA VAL A 94 16.41 8.81 -2.40
C VAL A 94 17.82 8.63 -2.88
N GLY A 95 18.08 7.53 -3.61
CA GLY A 95 19.41 7.28 -4.10
C GLY A 95 19.37 6.00 -4.95
N MET A 1 -6.97 1.62 -24.36
CA MET A 1 -5.68 1.76 -23.63
C MET A 1 -5.88 1.51 -22.15
N SER A 2 -6.91 2.15 -21.56
CA SER A 2 -7.18 1.98 -20.16
C SER A 2 -8.63 1.65 -20.03
N GLN A 3 -8.98 0.84 -19.00
CA GLN A 3 -10.35 0.46 -18.79
C GLN A 3 -10.64 0.70 -17.34
N ASN A 4 -11.90 1.05 -17.03
CA ASN A 4 -12.27 1.29 -15.66
C ASN A 4 -12.55 -0.03 -15.01
N GLU A 5 -12.25 -0.13 -13.70
CA GLU A 5 -12.49 -1.36 -12.99
C GLU A 5 -13.12 -0.99 -11.68
N GLU A 6 -13.96 -1.89 -11.15
CA GLU A 6 -14.61 -1.63 -9.88
C GLU A 6 -14.27 -2.77 -8.97
N ALA A 7 -13.81 -2.45 -7.75
CA ALA A 7 -13.46 -3.47 -6.80
C ALA A 7 -14.74 -3.93 -6.14
N PRO A 8 -14.77 -5.18 -5.75
CA PRO A 8 -15.93 -5.75 -5.09
C PRO A 8 -15.94 -5.48 -3.61
N ALA A 9 -15.99 -4.19 -3.23
CA ALA A 9 -16.00 -3.84 -1.84
C ALA A 9 -17.42 -3.83 -1.35
N ARG A 10 -18.39 -3.80 -2.29
CA ARG A 10 -19.78 -3.78 -1.89
C ARG A 10 -20.14 -5.12 -1.31
N SER A 11 -19.65 -6.21 -1.94
CA SER A 11 -19.94 -7.54 -1.44
C SER A 11 -18.64 -8.20 -1.15
N GLY A 12 -18.35 -8.46 0.14
CA GLY A 12 -17.11 -9.09 0.50
C GLY A 12 -16.73 -8.62 1.85
N GLY A 13 -15.48 -8.94 2.27
CA GLY A 13 -15.02 -8.51 3.57
C GLY A 13 -14.30 -7.20 3.38
N LYS A 14 -13.67 -6.71 4.46
CA LYS A 14 -12.95 -5.46 4.37
C LYS A 14 -11.75 -5.58 5.27
N VAL A 15 -10.61 -5.02 4.81
CA VAL A 15 -9.40 -5.08 5.58
C VAL A 15 -8.72 -3.74 5.43
N THR A 16 -8.14 -3.22 6.53
CA THR A 16 -7.46 -1.94 6.46
C THR A 16 -6.02 -2.20 6.75
N PHE A 17 -5.10 -1.45 6.10
CA PHE A 17 -3.70 -1.63 6.32
C PHE A 17 -3.09 -0.29 6.57
N ARG A 18 -2.17 -0.23 7.56
CA ARG A 18 -1.51 1.01 7.91
C ARG A 18 -0.18 1.00 7.22
N ILE A 19 0.11 2.08 6.45
CA ILE A 19 1.36 2.15 5.75
C ILE A 19 2.06 3.42 6.14
N ILE A 20 3.36 3.31 6.51
CA ILE A 20 4.12 4.47 6.92
C ILE A 20 4.83 4.97 5.70
N LEU A 21 4.66 6.29 5.40
CA LEU A 21 5.26 6.86 4.23
C LEU A 21 6.51 7.58 4.64
N THR A 22 7.67 7.04 4.26
CA THR A 22 8.94 7.66 4.58
C THR A 22 9.08 8.91 3.75
N SER A 23 8.63 8.85 2.48
CA SER A 23 8.77 9.97 1.58
C SER A 23 7.73 11.03 1.88
N GLU A 24 6.67 10.68 2.63
CA GLU A 24 5.66 11.67 2.93
C GLU A 24 5.65 11.87 4.41
N ARG A 25 6.76 12.46 4.93
CA ARG A 25 6.88 12.73 6.35
C ARG A 25 5.83 13.74 6.73
N SER A 26 5.47 14.62 5.76
CA SER A 26 4.49 15.65 6.00
C SER A 26 3.16 15.04 6.37
N GLN A 27 2.79 13.89 5.76
CA GLN A 27 1.51 13.31 6.05
C GLN A 27 1.68 11.82 6.06
N PRO A 28 2.23 11.31 7.14
CA PRO A 28 2.46 9.90 7.29
C PRO A 28 1.29 9.18 7.85
N PHE A 29 1.39 7.84 7.85
CA PHE A 29 0.34 6.99 8.38
C PHE A 29 -0.84 7.02 7.47
N ARG A 30 -0.65 6.58 6.20
CA ARG A 30 -1.73 6.56 5.26
C ARG A 30 -2.33 5.19 5.35
N VAL A 31 -3.67 5.11 5.48
CA VAL A 31 -4.31 3.83 5.61
C VAL A 31 -5.07 3.55 4.34
N ILE A 32 -4.92 2.31 3.81
CA ILE A 32 -5.64 1.92 2.62
C ILE A 32 -6.69 0.95 3.06
N SER A 33 -7.90 1.07 2.49
CA SER A 33 -8.96 0.14 2.84
C SER A 33 -9.32 -0.59 1.60
N ILE A 34 -9.16 -1.92 1.62
CA ILE A 34 -9.49 -2.71 0.47
C ILE A 34 -10.06 -3.99 0.97
N ALA A 35 -10.84 -4.69 0.10
CA ALA A 35 -11.42 -5.94 0.50
C ALA A 35 -10.32 -6.97 0.47
N GLU A 36 -10.48 -8.04 1.26
CA GLU A 36 -9.48 -9.09 1.30
C GLU A 36 -9.41 -9.72 -0.07
N GLU A 37 -10.58 -9.85 -0.73
CA GLU A 37 -10.63 -10.45 -2.04
C GLU A 37 -10.53 -9.38 -3.10
N ALA A 38 -10.24 -8.12 -2.70
CA ALA A 38 -10.13 -7.06 -3.67
C ALA A 38 -8.74 -7.06 -4.23
N PRO A 39 -8.62 -6.60 -5.46
CA PRO A 39 -7.34 -6.53 -6.15
C PRO A 39 -6.57 -5.30 -5.80
N LEU A 40 -5.30 -5.25 -6.26
CA LEU A 40 -4.41 -4.12 -6.03
C LEU A 40 -5.00 -2.86 -6.62
N THR A 41 -5.99 -2.99 -7.52
CA THR A 41 -6.56 -1.82 -8.17
C THR A 41 -7.13 -0.86 -7.15
N ALA A 42 -7.83 -1.36 -6.10
CA ALA A 42 -8.43 -0.49 -5.13
C ALA A 42 -7.35 0.21 -4.33
N ALA A 43 -6.28 -0.52 -3.98
CA ALA A 43 -5.22 0.05 -3.18
C ALA A 43 -4.42 1.02 -4.01
N LEU A 44 -4.37 0.83 -5.34
CA LEU A 44 -3.60 1.68 -6.22
C LEU A 44 -4.03 3.12 -6.12
N ARG A 45 -5.35 3.37 -5.95
CA ARG A 45 -5.82 4.74 -5.87
C ARG A 45 -5.16 5.44 -4.71
N PHE A 46 -5.07 4.77 -3.54
CA PHE A 46 -4.46 5.38 -2.38
C PHE A 46 -2.97 5.21 -2.46
N ALA A 47 -2.52 4.10 -3.09
CA ALA A 47 -1.10 3.80 -3.21
C ALA A 47 -0.43 4.88 -4.01
N ALA A 48 -1.10 5.39 -5.05
CA ALA A 48 -0.51 6.42 -5.89
C ALA A 48 -0.22 7.63 -5.05
N GLU A 49 -1.13 7.95 -4.10
CA GLU A 49 -0.92 9.10 -3.24
C GLU A 49 0.22 8.80 -2.31
N GLU A 50 0.29 7.54 -1.83
CA GLU A 50 1.33 7.14 -0.90
C GLU A 50 2.70 7.24 -1.51
N PHE A 51 2.86 6.81 -2.78
CA PHE A 51 4.18 6.86 -3.39
C PHE A 51 4.40 8.25 -3.94
N GLY A 52 3.29 8.94 -4.27
CA GLY A 52 3.37 10.27 -4.79
C GLY A 52 3.62 10.22 -6.27
N ILE A 53 3.86 9.01 -6.82
CA ILE A 53 4.08 8.87 -8.23
C ILE A 53 3.59 7.51 -8.61
N ALA A 54 3.25 7.32 -9.91
CA ALA A 54 2.80 6.03 -10.35
C ALA A 54 3.99 5.35 -10.95
N SER A 55 4.91 4.87 -10.10
CA SER A 55 6.09 4.22 -10.60
C SER A 55 6.53 3.21 -9.58
N VAL A 56 7.09 2.10 -10.09
CA VAL A 56 7.59 1.03 -9.27
C VAL A 56 8.83 1.48 -8.57
N ASP A 57 9.41 2.64 -8.99
CA ASP A 57 10.64 3.11 -8.42
C ASP A 57 10.45 3.43 -6.95
N SER A 58 9.20 3.68 -6.53
CA SER A 58 8.95 4.01 -5.15
C SER A 58 8.52 2.77 -4.40
N MET A 59 8.62 1.58 -5.04
CA MET A 59 8.19 0.37 -4.38
C MET A 59 9.39 -0.30 -3.78
N ALA A 60 10.01 0.34 -2.76
CA ALA A 60 11.11 -0.26 -2.08
C ALA A 60 10.72 -0.23 -0.63
N ALA A 61 9.75 -1.07 -0.27
CA ALA A 61 9.27 -1.11 1.08
C ALA A 61 10.12 -2.09 1.84
N THR A 62 10.22 -1.88 3.16
CA THR A 62 10.99 -2.77 3.97
C THR A 62 10.19 -3.09 5.19
N THR A 63 10.34 -4.34 5.69
CA THR A 63 9.65 -4.77 6.89
C THR A 63 10.63 -4.68 8.02
N LYS A 64 10.15 -4.92 9.24
CA LYS A 64 11.00 -4.87 10.40
C LYS A 64 12.02 -5.99 10.29
N ASP A 65 11.64 -7.08 9.58
CA ASP A 65 12.54 -8.20 9.44
C ASP A 65 13.60 -7.82 8.43
N GLY A 66 13.28 -6.89 7.51
CA GLY A 66 14.24 -6.48 6.52
C GLY A 66 13.61 -6.57 5.17
N THR A 67 13.47 -7.80 4.64
CA THR A 67 12.89 -7.99 3.33
C THR A 67 11.41 -7.75 3.43
N GLY A 68 10.90 -6.83 2.59
CA GLY A 68 9.49 -6.53 2.59
C GLY A 68 9.19 -5.79 1.34
N ILE A 69 9.67 -6.30 0.20
CA ILE A 69 9.47 -5.66 -1.07
C ILE A 69 8.07 -5.96 -1.51
N ASN A 70 7.37 -4.93 -2.05
CA ASN A 70 6.00 -5.10 -2.48
C ASN A 70 6.02 -5.86 -3.78
N PRO A 71 5.38 -7.02 -3.82
CA PRO A 71 5.31 -7.81 -5.01
C PRO A 71 4.12 -7.52 -5.87
N ALA A 72 2.97 -8.17 -5.55
CA ALA A 72 1.76 -7.95 -6.32
C ALA A 72 0.87 -7.03 -5.53
N GLN A 73 1.20 -6.85 -4.23
CA GLN A 73 0.45 -5.98 -3.35
C GLN A 73 -0.99 -6.42 -3.28
N THR A 74 -1.23 -7.75 -3.23
CA THR A 74 -2.59 -8.23 -3.11
C THR A 74 -2.95 -8.08 -1.66
N ALA A 75 -4.25 -8.02 -1.32
CA ALA A 75 -4.65 -7.85 0.07
C ALA A 75 -4.16 -9.00 0.91
N GLY A 76 -4.24 -10.23 0.38
CA GLY A 76 -3.82 -11.39 1.12
C GLY A 76 -2.33 -11.35 1.36
N ASN A 77 -1.54 -10.92 0.36
CA ASN A 77 -0.10 -10.90 0.52
C ASN A 77 0.32 -9.82 1.47
N VAL A 78 -0.29 -8.62 1.39
CA VAL A 78 0.12 -7.53 2.24
C VAL A 78 -0.38 -7.76 3.64
N PHE A 79 -1.39 -8.63 3.82
CA PHE A 79 -1.91 -8.90 5.14
C PHE A 79 -0.78 -9.36 6.03
N MET A 80 0.02 -10.33 5.55
CA MET A 80 1.10 -10.83 6.35
C MET A 80 2.38 -10.10 6.04
N LYS A 81 2.59 -9.71 4.75
CA LYS A 81 3.83 -9.05 4.38
C LYS A 81 3.94 -7.69 5.03
N TYR A 82 2.84 -6.89 5.10
CA TYR A 82 2.98 -5.58 5.70
C TYR A 82 2.82 -5.71 7.18
N GLY A 83 1.99 -6.67 7.65
CA GLY A 83 1.81 -6.85 9.07
C GLY A 83 1.17 -5.61 9.64
N GLN A 84 0.45 -4.84 8.77
CA GLN A 84 -0.20 -3.61 9.19
C GLN A 84 0.85 -2.62 9.66
N GLU A 85 2.08 -2.73 9.12
CA GLU A 85 3.13 -1.81 9.49
C GLU A 85 4.26 -2.02 8.53
N ILE A 86 4.32 -1.18 7.47
CA ILE A 86 5.35 -1.34 6.47
C ILE A 86 5.92 0.02 6.21
N ARG A 87 7.25 0.09 5.95
CA ARG A 87 7.89 1.36 5.68
C ARG A 87 8.09 1.43 4.20
N LEU A 88 7.59 2.50 3.53
CA LEU A 88 7.78 2.61 2.10
C LEU A 88 8.95 3.53 1.88
N ILE A 89 9.92 3.07 1.07
CA ILE A 89 11.08 3.89 0.77
C ILE A 89 11.22 3.90 -0.73
N PRO A 90 11.47 5.07 -1.29
CA PRO A 90 11.65 5.20 -2.72
C PRO A 90 13.09 5.02 -3.14
N ARG A 91 13.31 4.67 -4.43
CA ARG A 91 14.65 4.48 -4.93
C ARG A 91 14.88 5.47 -6.02
N ASP A 92 16.13 5.99 -6.10
CA ASP A 92 16.49 6.97 -7.10
C ASP A 92 15.70 8.24 -6.86
N ARG A 93 15.39 8.52 -5.57
CA ARG A 93 14.64 9.71 -5.25
C ARG A 93 15.40 10.39 -4.14
N VAL A 94 15.56 9.69 -3.00
CA VAL A 94 16.28 10.25 -1.88
C VAL A 94 17.71 10.44 -2.29
N GLY A 95 18.29 9.44 -2.99
CA GLY A 95 19.66 9.56 -3.42
C GLY A 95 20.00 8.31 -4.22
N MET A 1 -20.31 -0.65 -18.36
CA MET A 1 -20.13 0.29 -19.50
C MET A 1 -20.07 1.71 -19.00
N SER A 2 -18.99 2.03 -18.25
CA SER A 2 -18.85 3.37 -17.73
C SER A 2 -17.46 3.82 -18.06
N GLN A 3 -17.28 5.14 -18.29
CA GLN A 3 -15.99 5.68 -18.61
C GLN A 3 -15.07 5.48 -17.43
N ASN A 4 -15.61 5.71 -16.22
CA ASN A 4 -14.81 5.55 -15.02
C ASN A 4 -15.22 4.25 -14.39
N GLU A 5 -14.22 3.45 -13.97
CA GLU A 5 -14.51 2.18 -13.35
C GLU A 5 -14.22 2.33 -11.89
N GLU A 6 -15.23 2.02 -11.04
CA GLU A 6 -15.05 2.12 -9.62
C GLU A 6 -14.45 0.84 -9.14
N ALA A 7 -13.84 0.85 -7.93
CA ALA A 7 -13.24 -0.35 -7.39
C ALA A 7 -14.36 -1.27 -7.00
N PRO A 8 -14.13 -2.56 -7.13
CA PRO A 8 -15.12 -3.57 -6.80
C PRO A 8 -15.13 -3.90 -5.34
N ALA A 9 -15.53 -2.93 -4.49
CA ALA A 9 -15.58 -3.16 -3.08
C ALA A 9 -16.98 -3.61 -2.75
N ARG A 10 -17.47 -4.63 -3.48
CA ARG A 10 -18.81 -5.13 -3.25
C ARG A 10 -18.73 -6.17 -2.17
N SER A 11 -17.51 -6.64 -1.86
CA SER A 11 -17.34 -7.64 -0.83
C SER A 11 -17.59 -6.98 0.49
N GLY A 12 -18.23 -7.73 1.42
CA GLY A 12 -18.53 -7.18 2.72
C GLY A 12 -17.30 -7.30 3.58
N GLY A 13 -16.24 -7.95 3.05
CA GLY A 13 -15.03 -8.11 3.82
C GLY A 13 -14.09 -7.04 3.37
N LYS A 14 -13.39 -6.42 4.33
CA LYS A 14 -12.46 -5.36 3.99
C LYS A 14 -11.30 -5.45 4.92
N VAL A 15 -10.14 -4.97 4.44
CA VAL A 15 -8.94 -5.00 5.24
C VAL A 15 -8.27 -3.67 5.07
N THR A 16 -7.72 -3.12 6.18
CA THR A 16 -7.04 -1.85 6.10
C THR A 16 -5.59 -2.10 6.41
N PHE A 17 -4.70 -1.31 5.79
CA PHE A 17 -3.29 -1.48 6.01
C PHE A 17 -2.71 -0.11 6.21
N ARG A 18 -1.75 -0.01 7.15
CA ARG A 18 -1.12 1.26 7.41
C ARG A 18 0.25 1.17 6.82
N ILE A 19 0.60 2.17 5.99
CA ILE A 19 1.90 2.18 5.36
C ILE A 19 2.57 3.44 5.80
N ILE A 20 3.83 3.31 6.28
CA ILE A 20 4.55 4.47 6.75
C ILE A 20 5.34 5.01 5.60
N LEU A 21 5.01 6.27 5.20
CA LEU A 21 5.70 6.90 4.10
C LEU A 21 6.71 7.84 4.69
N THR A 22 7.97 7.77 4.18
CA THR A 22 9.00 8.65 4.68
C THR A 22 9.05 9.87 3.82
N SER A 23 8.26 9.87 2.72
CA SER A 23 8.25 11.01 1.82
C SER A 23 7.36 12.08 2.40
N GLU A 24 6.52 11.73 3.39
CA GLU A 24 5.64 12.69 3.98
C GLU A 24 5.99 12.79 5.44
N ARG A 25 6.91 13.73 5.77
CA ARG A 25 7.33 13.92 7.14
C ARG A 25 6.18 14.42 7.96
N SER A 26 5.34 15.30 7.37
CA SER A 26 4.23 15.89 8.09
C SER A 26 3.22 14.82 8.47
N GLN A 27 3.03 13.80 7.62
CA GLN A 27 2.06 12.77 7.94
C GLN A 27 2.55 11.48 7.35
N PRO A 28 3.39 10.80 8.10
CA PRO A 28 3.93 9.52 7.67
C PRO A 28 3.03 8.37 8.02
N PHE A 29 1.74 8.49 7.65
CA PHE A 29 0.80 7.45 7.96
C PHE A 29 -0.28 7.49 6.91
N ARG A 30 -0.10 6.69 5.83
CA ARG A 30 -1.12 6.64 4.80
C ARG A 30 -1.81 5.34 4.98
N VAL A 31 -3.16 5.37 5.07
CA VAL A 31 -3.91 4.16 5.29
C VAL A 31 -4.64 3.82 4.03
N ILE A 32 -4.40 2.60 3.51
CA ILE A 32 -5.08 2.16 2.32
C ILE A 32 -6.15 1.22 2.77
N SER A 33 -7.34 1.32 2.16
CA SER A 33 -8.43 0.46 2.54
C SER A 33 -8.84 -0.27 1.29
N ILE A 34 -8.74 -1.60 1.32
CA ILE A 34 -9.09 -2.37 0.15
C ILE A 34 -9.80 -3.58 0.64
N ALA A 35 -10.63 -4.20 -0.23
CA ALA A 35 -11.33 -5.39 0.17
C ALA A 35 -10.34 -6.51 0.14
N GLU A 36 -10.54 -7.54 0.99
CA GLU A 36 -9.65 -8.68 1.02
C GLU A 36 -9.70 -9.35 -0.33
N GLU A 37 -10.90 -9.40 -0.93
CA GLU A 37 -11.08 -10.04 -2.22
C GLU A 37 -10.91 -9.02 -3.31
N ALA A 38 -10.52 -7.78 -2.97
CA ALA A 38 -10.36 -6.75 -3.99
C ALA A 38 -9.00 -6.90 -4.59
N PRO A 39 -8.85 -6.42 -5.81
CA PRO A 39 -7.59 -6.46 -6.52
C PRO A 39 -6.59 -5.47 -6.02
N LEU A 40 -5.31 -5.71 -6.35
CA LEU A 40 -4.23 -4.83 -5.92
C LEU A 40 -4.36 -3.47 -6.55
N THR A 41 -5.22 -3.33 -7.58
CA THR A 41 -5.37 -2.05 -8.24
C THR A 41 -5.94 -1.03 -7.28
N ALA A 42 -6.74 -1.46 -6.29
CA ALA A 42 -7.32 -0.52 -5.35
C ALA A 42 -6.20 0.05 -4.52
N ALA A 43 -5.24 -0.80 -4.13
CA ALA A 43 -4.13 -0.37 -3.33
C ALA A 43 -3.28 0.57 -4.14
N LEU A 44 -3.11 0.26 -5.44
CA LEU A 44 -2.30 1.08 -6.32
C LEU A 44 -2.85 2.49 -6.38
N ARG A 45 -4.19 2.65 -6.39
CA ARG A 45 -4.75 3.99 -6.46
C ARG A 45 -4.34 4.76 -5.23
N PHE A 46 -4.39 4.13 -4.04
CA PHE A 46 -4.01 4.82 -2.82
C PHE A 46 -2.51 4.95 -2.81
N ALA A 47 -1.82 3.94 -3.39
CA ALA A 47 -0.37 3.93 -3.44
C ALA A 47 0.09 5.13 -4.24
N ALA A 48 -0.67 5.47 -5.30
CA ALA A 48 -0.32 6.60 -6.14
C ALA A 48 -0.30 7.86 -5.30
N GLU A 49 -1.21 7.97 -4.32
CA GLU A 49 -1.27 9.14 -3.48
C GLU A 49 -0.04 9.20 -2.61
N GLU A 50 0.46 8.02 -2.19
CA GLU A 50 1.59 7.95 -1.30
C GLU A 50 2.83 8.56 -1.89
N PHE A 51 3.12 8.33 -3.20
CA PHE A 51 4.33 8.91 -3.77
C PHE A 51 3.96 10.03 -4.71
N GLY A 52 2.65 10.17 -5.00
CA GLY A 52 2.19 11.22 -5.89
C GLY A 52 2.21 10.73 -7.30
N ILE A 53 2.74 9.52 -7.57
CA ILE A 53 2.74 9.02 -8.92
C ILE A 53 2.45 7.55 -8.84
N ALA A 54 1.80 7.00 -9.88
CA ALA A 54 1.52 5.59 -9.89
C ALA A 54 2.65 4.94 -10.62
N SER A 55 3.68 4.51 -9.86
CA SER A 55 4.82 3.92 -10.49
C SER A 55 5.41 2.93 -9.54
N VAL A 56 6.00 1.87 -10.13
CA VAL A 56 6.63 0.81 -9.37
C VAL A 56 7.91 1.36 -8.76
N ASP A 57 8.33 2.57 -9.19
CA ASP A 57 9.59 3.14 -8.72
C ASP A 57 9.54 3.38 -7.24
N SER A 58 8.34 3.50 -6.65
CA SER A 58 8.23 3.76 -5.24
C SER A 58 7.84 2.49 -4.51
N MET A 59 7.92 1.33 -5.17
CA MET A 59 7.54 0.10 -4.52
C MET A 59 8.76 -0.56 -3.97
N ALA A 60 9.39 0.09 -2.97
CA ALA A 60 10.52 -0.49 -2.31
C ALA A 60 10.17 -0.49 -0.87
N ALA A 61 9.29 -1.41 -0.47
CA ALA A 61 8.85 -1.48 0.89
C ALA A 61 9.85 -2.31 1.65
N THR A 62 9.98 -2.03 2.95
CA THR A 62 10.88 -2.77 3.78
C THR A 62 10.15 -3.07 5.04
N THR A 63 10.50 -4.22 5.65
CA THR A 63 9.87 -4.60 6.89
C THR A 63 10.81 -4.25 7.99
N LYS A 64 10.29 -4.20 9.22
CA LYS A 64 11.09 -3.87 10.36
C LYS A 64 12.08 -4.99 10.58
N ASP A 65 11.75 -6.20 10.09
CA ASP A 65 12.61 -7.34 10.25
C ASP A 65 13.71 -7.27 9.20
N GLY A 66 13.47 -6.59 8.06
CA GLY A 66 14.49 -6.51 7.05
C GLY A 66 13.84 -6.23 5.73
N THR A 67 14.01 -7.16 4.76
CA THR A 67 13.44 -6.96 3.44
C THR A 67 11.97 -7.28 3.50
N GLY A 68 11.17 -6.57 2.68
CA GLY A 68 9.75 -6.81 2.67
C GLY A 68 9.16 -5.94 1.61
N ILE A 69 9.59 -6.16 0.35
CA ILE A 69 9.10 -5.39 -0.76
C ILE A 69 7.77 -5.94 -1.15
N ASN A 70 6.79 -5.05 -1.46
CA ASN A 70 5.47 -5.51 -1.83
C ASN A 70 5.53 -6.01 -3.25
N PRO A 71 5.12 -7.24 -3.47
CA PRO A 71 5.14 -7.83 -4.79
C PRO A 71 3.89 -7.55 -5.59
N ALA A 72 2.82 -8.34 -5.34
CA ALA A 72 1.58 -8.14 -6.08
C ALA A 72 0.74 -7.14 -5.35
N GLN A 73 1.04 -6.90 -4.05
CA GLN A 73 0.31 -5.95 -3.26
C GLN A 73 -1.10 -6.43 -3.06
N THR A 74 -1.31 -7.77 -3.00
CA THR A 74 -2.66 -8.28 -2.79
C THR A 74 -2.93 -8.16 -1.32
N ALA A 75 -4.21 -8.08 -0.93
CA ALA A 75 -4.57 -7.92 0.46
C ALA A 75 -4.14 -9.14 1.25
N GLY A 76 -4.37 -10.34 0.70
CA GLY A 76 -4.03 -11.56 1.40
C GLY A 76 -2.54 -11.70 1.57
N ASN A 77 -1.76 -11.36 0.53
CA ASN A 77 -0.33 -11.53 0.60
C ASN A 77 0.31 -10.56 1.55
N VAL A 78 -0.13 -9.29 1.56
CA VAL A 78 0.50 -8.32 2.43
C VAL A 78 0.01 -8.47 3.84
N PHE A 79 -1.26 -8.87 4.04
CA PHE A 79 -1.80 -9.00 5.38
C PHE A 79 -0.99 -9.98 6.19
N MET A 80 -0.77 -11.18 5.64
CA MET A 80 -0.04 -12.19 6.37
C MET A 80 1.43 -11.88 6.45
N LYS A 81 2.02 -11.35 5.35
CA LYS A 81 3.45 -11.12 5.34
C LYS A 81 3.86 -9.87 6.08
N TYR A 82 3.13 -8.73 5.92
CA TYR A 82 3.58 -7.51 6.57
C TYR A 82 2.51 -6.95 7.47
N GLY A 83 1.23 -7.19 7.14
CA GLY A 83 0.17 -6.67 7.96
C GLY A 83 0.12 -5.18 7.77
N GLN A 84 -0.25 -4.47 8.84
CA GLN A 84 -0.33 -3.02 8.80
C GLN A 84 0.99 -2.45 9.27
N GLU A 85 2.07 -3.25 9.26
CA GLU A 85 3.35 -2.76 9.72
C GLU A 85 4.30 -2.88 8.57
N ILE A 86 4.25 -1.93 7.62
CA ILE A 86 5.13 -1.96 6.48
C ILE A 86 5.58 -0.54 6.20
N ARG A 87 6.87 -0.38 5.84
CA ARG A 87 7.39 0.94 5.53
C ARG A 87 7.58 0.97 4.04
N LEU A 88 7.14 2.08 3.39
CA LEU A 88 7.28 2.17 1.95
C LEU A 88 8.27 3.25 1.63
N ILE A 89 9.31 2.93 0.83
CA ILE A 89 10.29 3.92 0.46
C ILE A 89 10.64 3.71 -1.00
N PRO A 90 11.12 4.77 -1.63
CA PRO A 90 11.54 4.73 -3.00
C PRO A 90 13.03 4.56 -3.13
N ARG A 91 13.55 3.40 -2.70
CA ARG A 91 14.97 3.17 -2.74
C ARG A 91 15.20 1.98 -3.62
N ASP A 92 16.10 2.13 -4.60
CA ASP A 92 16.44 1.10 -5.56
C ASP A 92 16.66 1.82 -6.84
N ARG A 93 15.64 2.58 -7.24
CA ARG A 93 15.68 3.35 -8.45
C ARG A 93 16.63 4.50 -8.27
N VAL A 94 16.66 5.09 -7.05
CA VAL A 94 17.56 6.19 -6.79
C VAL A 94 18.98 5.70 -6.96
N GLY A 95 19.29 4.52 -6.39
CA GLY A 95 20.63 3.99 -6.51
C GLY A 95 20.66 2.65 -5.77
N MET A 1 -15.06 12.73 9.19
CA MET A 1 -13.67 13.17 8.88
C MET A 1 -12.73 12.00 8.95
N SER A 2 -12.39 11.43 7.79
CA SER A 2 -11.49 10.30 7.75
C SER A 2 -10.45 10.61 6.73
N GLN A 3 -9.20 10.12 6.97
CA GLN A 3 -8.13 10.35 6.02
C GLN A 3 -8.44 9.61 4.76
N ASN A 4 -8.98 8.39 4.89
CA ASN A 4 -9.32 7.60 3.73
C ASN A 4 -10.74 7.92 3.35
N GLU A 5 -11.02 7.94 2.04
CA GLU A 5 -12.36 8.23 1.59
C GLU A 5 -12.52 7.57 0.26
N GLU A 6 -13.80 7.27 -0.12
CA GLU A 6 -14.08 6.63 -1.39
C GLU A 6 -13.45 5.26 -1.37
N ALA A 7 -13.57 4.56 -0.23
CA ALA A 7 -12.99 3.25 -0.13
C ALA A 7 -13.92 2.28 -0.84
N PRO A 8 -13.34 1.43 -1.67
CA PRO A 8 -14.11 0.46 -2.41
C PRO A 8 -14.53 -0.71 -1.56
N ALA A 9 -15.58 -1.44 -2.00
CA ALA A 9 -16.07 -2.58 -1.26
C ALA A 9 -16.67 -2.09 0.03
N ARG A 10 -17.74 -1.26 -0.09
CA ARG A 10 -18.38 -0.73 1.10
C ARG A 10 -19.14 -1.85 1.77
N SER A 11 -19.52 -2.89 0.98
CA SER A 11 -20.24 -4.00 1.55
C SER A 11 -19.42 -5.22 1.29
N GLY A 12 -19.02 -5.92 2.36
CA GLY A 12 -18.22 -7.11 2.21
C GLY A 12 -17.14 -7.05 3.23
N GLY A 13 -16.07 -7.86 3.04
CA GLY A 13 -14.98 -7.85 3.97
C GLY A 13 -14.17 -6.61 3.70
N LYS A 14 -13.57 -6.04 4.76
CA LYS A 14 -12.78 -4.84 4.60
C LYS A 14 -11.57 -4.97 5.47
N VAL A 15 -10.41 -4.54 4.96
CA VAL A 15 -9.18 -4.60 5.73
C VAL A 15 -8.50 -3.27 5.55
N THR A 16 -7.92 -2.74 6.65
CA THR A 16 -7.24 -1.46 6.57
C THR A 16 -5.79 -1.73 6.87
N PHE A 17 -4.89 -1.23 5.98
CA PHE A 17 -3.49 -1.42 6.17
C PHE A 17 -2.89 -0.05 6.33
N ARG A 18 -1.91 0.06 7.26
CA ARG A 18 -1.27 1.33 7.50
C ARG A 18 0.06 1.28 6.82
N ILE A 19 0.37 2.33 6.02
CA ILE A 19 1.62 2.40 5.32
C ILE A 19 2.33 3.60 5.84
N ILE A 20 3.60 3.42 6.28
CA ILE A 20 4.35 4.55 6.80
C ILE A 20 5.11 5.14 5.65
N LEU A 21 4.86 6.44 5.37
CA LEU A 21 5.54 7.10 4.27
C LEU A 21 6.65 7.90 4.86
N THR A 22 7.86 7.78 4.26
CA THR A 22 8.99 8.55 4.76
C THR A 22 9.08 9.82 3.96
N SER A 23 8.36 9.88 2.82
CA SER A 23 8.41 11.07 1.99
C SER A 23 7.49 12.10 2.56
N GLU A 24 6.56 11.70 3.47
CA GLU A 24 5.65 12.64 4.06
C GLU A 24 5.98 12.72 5.51
N ARG A 25 6.93 13.63 5.85
CA ARG A 25 7.33 13.80 7.24
C ARG A 25 6.18 14.35 8.03
N SER A 26 5.40 15.28 7.42
CA SER A 26 4.29 15.90 8.11
C SER A 26 3.25 14.86 8.45
N GLN A 27 3.02 13.88 7.55
CA GLN A 27 2.00 12.88 7.84
C GLN A 27 2.48 11.57 7.29
N PRO A 28 3.26 10.86 8.08
CA PRO A 28 3.78 9.57 7.68
C PRO A 28 2.86 8.45 8.03
N PHE A 29 1.56 8.59 7.65
CA PHE A 29 0.60 7.57 7.95
C PHE A 29 -0.50 7.64 6.93
N ARG A 30 -0.37 6.83 5.84
CA ARG A 30 -1.40 6.81 4.83
C ARG A 30 -1.98 5.44 4.91
N VAL A 31 -3.33 5.34 5.02
CA VAL A 31 -3.94 4.05 5.15
C VAL A 31 -4.70 3.73 3.89
N ILE A 32 -4.61 2.45 3.45
CA ILE A 32 -5.32 2.01 2.28
C ILE A 32 -6.36 1.07 2.78
N SER A 33 -7.58 1.14 2.22
CA SER A 33 -8.64 0.25 2.64
C SER A 33 -8.99 -0.58 1.46
N ILE A 34 -8.82 -1.92 1.59
CA ILE A 34 -9.13 -2.81 0.52
C ILE A 34 -9.68 -4.05 1.14
N ALA A 35 -10.52 -4.78 0.37
CA ALA A 35 -11.10 -5.99 0.88
C ALA A 35 -10.11 -7.10 0.68
N GLU A 36 -10.27 -8.21 1.44
CA GLU A 36 -9.39 -9.34 1.30
C GLU A 36 -9.57 -9.89 -0.09
N GLU A 37 -10.82 -9.85 -0.58
CA GLU A 37 -11.14 -10.37 -1.88
C GLU A 37 -11.01 -9.28 -2.91
N ALA A 38 -10.55 -8.07 -2.51
CA ALA A 38 -10.42 -6.99 -3.46
C ALA A 38 -9.11 -7.13 -4.17
N PRO A 39 -9.05 -6.63 -5.38
CA PRO A 39 -7.84 -6.67 -6.17
C PRO A 39 -6.82 -5.66 -5.75
N LEU A 40 -5.55 -5.88 -6.17
CA LEU A 40 -4.47 -4.99 -5.83
C LEU A 40 -4.69 -3.65 -6.48
N THR A 41 -5.62 -3.58 -7.46
CA THR A 41 -5.89 -2.35 -8.16
C THR A 41 -6.38 -1.30 -7.18
N ALA A 42 -7.22 -1.70 -6.20
CA ALA A 42 -7.73 -0.74 -5.24
C ALA A 42 -6.58 -0.16 -4.46
N ALA A 43 -5.60 -1.02 -4.10
CA ALA A 43 -4.47 -0.55 -3.34
C ALA A 43 -3.67 0.41 -4.17
N LEU A 44 -3.52 0.12 -5.48
CA LEU A 44 -2.74 0.96 -6.38
C LEU A 44 -3.33 2.35 -6.43
N ARG A 45 -4.67 2.47 -6.36
CA ARG A 45 -5.30 3.78 -6.43
C ARG A 45 -4.82 4.64 -5.28
N PHE A 46 -4.72 4.07 -4.07
CA PHE A 46 -4.27 4.85 -2.94
C PHE A 46 -2.76 4.83 -2.92
N ALA A 47 -2.17 3.77 -3.49
CA ALA A 47 -0.72 3.63 -3.54
C ALA A 47 -0.14 4.76 -4.34
N ALA A 48 -0.86 5.21 -5.40
CA ALA A 48 -0.38 6.28 -6.24
C ALA A 48 -0.17 7.52 -5.40
N GLU A 49 -1.08 7.77 -4.43
CA GLU A 49 -0.94 8.93 -3.58
C GLU A 49 0.25 8.73 -2.70
N GLU A 50 0.46 7.48 -2.23
CA GLU A 50 1.56 7.17 -1.36
C GLU A 50 2.87 7.35 -2.08
N PHE A 51 2.95 6.95 -3.36
CA PHE A 51 4.20 7.07 -4.08
C PHE A 51 4.36 8.50 -4.52
N GLY A 52 3.24 9.20 -4.72
CA GLY A 52 3.28 10.59 -5.13
C GLY A 52 3.51 10.65 -6.62
N ILE A 53 3.75 9.48 -7.26
CA ILE A 53 3.97 9.46 -8.68
C ILE A 53 3.46 8.14 -9.16
N ALA A 54 3.18 8.02 -10.48
CA ALA A 54 2.71 6.78 -11.01
C ALA A 54 3.92 6.04 -11.51
N SER A 55 4.71 5.47 -10.58
CA SER A 55 5.89 4.75 -10.98
C SER A 55 6.15 3.67 -9.98
N VAL A 56 6.55 2.49 -10.50
CA VAL A 56 6.86 1.34 -9.68
C VAL A 56 8.15 1.59 -8.94
N ASP A 57 8.90 2.65 -9.34
CA ASP A 57 10.19 2.91 -8.73
C ASP A 57 10.01 3.30 -7.29
N SER A 58 8.78 3.64 -6.87
CA SER A 58 8.56 4.04 -5.51
C SER A 58 8.12 2.84 -4.71
N MET A 59 8.20 1.62 -5.29
CA MET A 59 7.78 0.44 -4.58
C MET A 59 9.00 -0.16 -3.94
N ALA A 60 9.58 0.55 -2.96
CA ALA A 60 10.72 0.02 -2.25
C ALA A 60 10.30 -0.04 -0.81
N ALA A 61 9.46 -1.04 -0.49
CA ALA A 61 8.98 -1.18 0.85
C ALA A 61 9.89 -2.13 1.58
N THR A 62 10.11 -1.85 2.88
CA THR A 62 10.95 -2.71 3.67
C THR A 62 10.22 -2.93 4.96
N THR A 63 10.38 -4.13 5.54
CA THR A 63 9.72 -4.41 6.80
C THR A 63 10.76 -4.28 7.87
N LYS A 64 10.30 -4.18 9.12
CA LYS A 64 11.19 -4.05 10.24
C LYS A 64 11.98 -5.33 10.39
N ASP A 65 11.33 -6.47 10.09
CA ASP A 65 11.98 -7.75 10.22
C ASP A 65 12.98 -7.96 9.10
N GLY A 66 12.80 -7.32 7.93
CA GLY A 66 13.75 -7.53 6.86
C GLY A 66 13.19 -6.97 5.59
N THR A 67 13.70 -7.46 4.45
CA THR A 67 13.24 -6.97 3.16
C THR A 67 11.82 -7.43 2.96
N GLY A 68 10.93 -6.49 2.60
CA GLY A 68 9.55 -6.84 2.37
C GLY A 68 9.04 -5.92 1.30
N ILE A 69 9.51 -6.16 0.06
CA ILE A 69 9.12 -5.35 -1.06
C ILE A 69 7.75 -5.80 -1.51
N ASN A 70 6.87 -4.85 -1.90
CA ASN A 70 5.54 -5.22 -2.31
C ASN A 70 5.62 -5.82 -3.69
N PRO A 71 5.14 -7.04 -3.85
CA PRO A 71 5.13 -7.70 -5.13
C PRO A 71 3.87 -7.46 -5.91
N ALA A 72 2.78 -8.18 -5.56
CA ALA A 72 1.52 -8.00 -6.24
C ALA A 72 0.72 -7.00 -5.48
N GLN A 73 0.97 -6.92 -4.14
CA GLN A 73 0.27 -5.99 -3.29
C GLN A 73 -1.15 -6.45 -3.11
N THR A 74 -1.38 -7.78 -3.04
CA THR A 74 -2.72 -8.28 -2.83
C THR A 74 -3.00 -8.11 -1.36
N ALA A 75 -4.29 -8.04 -0.99
CA ALA A 75 -4.66 -7.85 0.39
C ALA A 75 -4.20 -9.03 1.22
N GLY A 76 -4.37 -10.25 0.69
CA GLY A 76 -4.00 -11.44 1.44
C GLY A 76 -2.51 -11.50 1.65
N ASN A 77 -1.72 -11.14 0.62
CA ASN A 77 -0.28 -11.24 0.74
C ASN A 77 0.23 -10.18 1.69
N VAL A 78 -0.31 -8.95 1.60
CA VAL A 78 0.16 -7.88 2.45
C VAL A 78 -0.17 -8.18 3.88
N PHE A 79 -1.41 -8.66 4.14
CA PHE A 79 -1.83 -8.92 5.51
C PHE A 79 -0.93 -9.93 6.17
N MET A 80 -0.70 -11.07 5.50
CA MET A 80 0.11 -12.13 6.09
C MET A 80 1.57 -11.75 6.16
N LYS A 81 2.11 -11.08 5.12
CA LYS A 81 3.53 -10.81 5.10
C LYS A 81 3.91 -9.54 5.84
N TYR A 82 3.14 -8.43 5.72
CA TYR A 82 3.58 -7.21 6.36
C TYR A 82 2.55 -6.69 7.32
N GLY A 83 1.26 -6.96 7.05
CA GLY A 83 0.22 -6.48 7.93
C GLY A 83 0.15 -4.99 7.77
N GLN A 84 -0.21 -4.29 8.87
CA GLN A 84 -0.32 -2.85 8.86
C GLN A 84 0.96 -2.28 9.40
N GLU A 85 2.11 -2.97 9.22
CA GLU A 85 3.36 -2.45 9.74
C GLU A 85 4.38 -2.60 8.67
N ILE A 86 4.44 -1.61 7.75
CA ILE A 86 5.41 -1.66 6.69
C ILE A 86 5.89 -0.25 6.40
N ARG A 87 7.20 -0.13 6.08
CA ARG A 87 7.76 1.16 5.78
C ARG A 87 7.87 1.22 4.28
N LEU A 88 7.32 2.29 3.67
CA LEU A 88 7.37 2.40 2.22
C LEU A 88 8.26 3.55 1.88
N ILE A 89 9.32 3.29 1.08
CA ILE A 89 10.21 4.34 0.68
C ILE A 89 10.42 4.20 -0.81
N PRO A 90 10.75 5.29 -1.44
CA PRO A 90 11.01 5.30 -2.86
C PRO A 90 12.42 4.91 -3.20
N ARG A 91 12.62 4.37 -4.43
CA ARG A 91 13.93 3.94 -4.85
C ARG A 91 14.36 4.86 -5.96
N ASP A 92 15.66 5.28 -5.92
CA ASP A 92 16.21 6.16 -6.93
C ASP A 92 15.61 7.53 -6.76
N ARG A 93 15.20 7.87 -5.52
CA ARG A 93 14.64 9.16 -5.25
C ARG A 93 15.18 9.60 -3.92
N VAL A 94 14.80 8.85 -2.86
CA VAL A 94 15.28 9.17 -1.53
C VAL A 94 16.27 8.11 -1.17
N GLY A 95 15.89 6.83 -1.33
CA GLY A 95 16.77 5.74 -0.99
C GLY A 95 17.61 5.42 -2.25
N MET A 1 -9.03 9.06 15.99
CA MET A 1 -9.46 10.47 15.78
C MET A 1 -10.08 10.66 14.42
N SER A 2 -9.90 9.68 13.52
CA SER A 2 -10.47 9.78 12.20
C SER A 2 -10.68 8.38 11.72
N GLN A 3 -11.77 8.16 10.94
CA GLN A 3 -12.06 6.84 10.43
C GLN A 3 -12.29 6.99 8.96
N ASN A 4 -11.84 5.98 8.18
CA ASN A 4 -12.00 6.02 6.75
C ASN A 4 -13.30 5.33 6.43
N GLU A 5 -14.35 6.12 6.11
CA GLU A 5 -15.62 5.54 5.77
C GLU A 5 -15.89 5.88 4.34
N GLU A 6 -16.02 4.85 3.49
CA GLU A 6 -16.28 5.08 2.10
C GLU A 6 -17.18 3.97 1.63
N ALA A 7 -16.59 2.83 1.25
CA ALA A 7 -17.37 1.71 0.80
C ALA A 7 -17.84 0.98 2.04
N PRO A 8 -19.01 0.38 1.95
CA PRO A 8 -19.57 -0.36 3.07
C PRO A 8 -18.83 -1.63 3.37
N ALA A 9 -18.18 -2.22 2.33
CA ALA A 9 -17.43 -3.44 2.51
C ALA A 9 -18.38 -4.52 2.96
N ARG A 10 -19.61 -4.53 2.39
CA ARG A 10 -20.59 -5.52 2.76
C ARG A 10 -20.15 -6.86 2.23
N SER A 11 -19.61 -6.87 0.99
CA SER A 11 -19.18 -8.12 0.40
C SER A 11 -17.71 -7.99 0.10
N GLY A 12 -17.00 -9.13 0.15
CA GLY A 12 -15.57 -9.13 -0.12
C GLY A 12 -14.83 -9.02 1.18
N GLY A 13 -15.57 -8.74 2.28
CA GLY A 13 -14.93 -8.63 3.57
C GLY A 13 -14.37 -7.25 3.69
N LYS A 14 -13.61 -7.01 4.78
CA LYS A 14 -13.02 -5.71 4.98
C LYS A 14 -11.69 -5.91 5.61
N VAL A 15 -10.68 -5.21 5.09
CA VAL A 15 -9.35 -5.32 5.62
C VAL A 15 -8.79 -3.93 5.67
N THR A 16 -8.07 -3.61 6.76
CA THR A 16 -7.48 -2.29 6.88
C THR A 16 -6.00 -2.48 6.66
N PHE A 17 -5.44 -1.72 5.70
CA PHE A 17 -4.05 -1.83 5.40
C PHE A 17 -3.49 -0.44 5.54
N ARG A 18 -2.41 -0.29 6.33
CA ARG A 18 -1.83 1.02 6.53
C ARG A 18 -0.41 0.96 6.08
N ILE A 19 -0.02 1.96 5.27
CA ILE A 19 1.33 2.02 4.77
C ILE A 19 1.96 3.25 5.35
N ILE A 20 3.18 3.11 5.94
CA ILE A 20 3.83 4.26 6.52
C ILE A 20 4.82 4.77 5.51
N LEU A 21 4.67 6.07 5.14
CA LEU A 21 5.57 6.67 4.19
C LEU A 21 6.54 7.49 5.01
N THR A 22 7.86 7.22 4.84
CA THR A 22 8.85 7.94 5.61
C THR A 22 9.28 9.16 4.84
N SER A 23 8.82 9.30 3.57
CA SER A 23 9.21 10.44 2.77
C SER A 23 8.28 11.60 3.07
N GLU A 24 7.17 11.35 3.80
CA GLU A 24 6.25 12.42 4.12
C GLU A 24 6.07 12.42 5.60
N ARG A 25 6.82 13.30 6.30
CA ARG A 25 6.73 13.40 7.73
C ARG A 25 5.36 13.94 8.10
N SER A 26 4.83 14.87 7.28
CA SER A 26 3.54 15.47 7.57
C SER A 26 2.45 14.43 7.56
N GLN A 27 2.53 13.44 6.65
CA GLN A 27 1.50 12.43 6.59
C GLN A 27 2.15 11.10 6.31
N PRO A 28 2.66 10.47 7.34
CA PRO A 28 3.32 9.21 7.23
C PRO A 28 2.42 8.03 7.50
N PHE A 29 1.09 8.22 7.40
CA PHE A 29 0.19 7.13 7.66
C PHE A 29 -0.91 7.18 6.64
N ARG A 30 -0.73 6.44 5.52
CA ARG A 30 -1.74 6.39 4.51
C ARG A 30 -2.58 5.18 4.84
N VAL A 31 -3.89 5.37 5.05
CA VAL A 31 -4.74 4.26 5.40
C VAL A 31 -5.56 3.92 4.19
N ILE A 32 -5.42 2.67 3.69
CA ILE A 32 -6.17 2.25 2.55
C ILE A 32 -7.07 1.15 3.02
N SER A 33 -8.39 1.33 2.81
CA SER A 33 -9.34 0.33 3.21
C SER A 33 -9.65 -0.46 1.99
N ILE A 34 -9.38 -1.78 2.02
CA ILE A 34 -9.63 -2.60 0.87
C ILE A 34 -10.30 -3.84 1.32
N ALA A 35 -11.03 -4.51 0.41
CA ALA A 35 -11.71 -5.72 0.77
C ALA A 35 -10.68 -6.83 0.71
N GLU A 36 -10.95 -7.95 1.41
CA GLU A 36 -10.03 -9.05 1.41
C GLU A 36 -9.94 -9.60 0.00
N GLU A 37 -11.09 -9.65 -0.70
CA GLU A 37 -11.12 -10.17 -2.04
C GLU A 37 -10.95 -9.03 -3.02
N ALA A 38 -10.63 -7.81 -2.54
CA ALA A 38 -10.48 -6.69 -3.43
C ALA A 38 -9.12 -6.77 -4.07
N PRO A 39 -9.01 -6.21 -5.24
CA PRO A 39 -7.75 -6.21 -5.99
C PRO A 39 -6.74 -5.24 -5.44
N LEU A 40 -5.46 -5.46 -5.79
CA LEU A 40 -4.38 -4.63 -5.33
C LEU A 40 -4.51 -3.24 -5.91
N THR A 41 -5.37 -3.06 -6.93
CA THR A 41 -5.54 -1.77 -7.56
C THR A 41 -6.10 -0.77 -6.58
N ALA A 42 -6.90 -1.22 -5.59
CA ALA A 42 -7.47 -0.30 -4.64
C ALA A 42 -6.36 0.31 -3.84
N ALA A 43 -5.37 -0.52 -3.45
CA ALA A 43 -4.25 -0.03 -2.68
C ALA A 43 -3.43 0.89 -3.54
N LEU A 44 -3.26 0.54 -4.83
CA LEU A 44 -2.45 1.35 -5.73
C LEU A 44 -3.01 2.74 -5.85
N ARG A 45 -4.35 2.89 -5.85
CA ARG A 45 -4.94 4.20 -6.01
C ARG A 45 -4.51 5.11 -4.88
N PHE A 46 -4.49 4.61 -3.62
CA PHE A 46 -4.11 5.45 -2.51
C PHE A 46 -2.62 5.42 -2.35
N ALA A 47 -1.98 4.27 -2.68
CA ALA A 47 -0.55 4.14 -2.57
C ALA A 47 0.10 5.13 -3.51
N ALA A 48 -0.48 5.30 -4.71
CA ALA A 48 0.06 6.21 -5.69
C ALA A 48 0.01 7.62 -5.17
N GLU A 49 -0.95 7.92 -4.26
CA GLU A 49 -1.07 9.26 -3.71
C GLU A 49 0.12 9.57 -2.86
N GLU A 50 0.66 8.54 -2.18
CA GLU A 50 1.77 8.73 -1.27
C GLU A 50 2.99 9.28 -2.00
N PHE A 51 3.29 8.79 -3.21
CA PHE A 51 4.48 9.26 -3.91
C PHE A 51 4.09 10.17 -5.04
N GLY A 52 2.85 10.07 -5.52
CA GLY A 52 2.41 10.89 -6.62
C GLY A 52 2.77 10.21 -7.91
N ILE A 53 3.45 9.05 -7.83
CA ILE A 53 3.81 8.33 -9.01
C ILE A 53 3.61 6.88 -8.74
N ALA A 54 3.12 6.17 -9.75
CA ALA A 54 2.87 4.75 -9.61
C ALA A 54 3.83 4.07 -10.54
N SER A 55 5.05 3.78 -10.05
CA SER A 55 6.03 3.14 -10.88
C SER A 55 6.99 2.44 -9.98
N VAL A 56 8.10 1.93 -10.57
CA VAL A 56 9.09 1.20 -9.82
C VAL A 56 9.85 2.15 -8.91
N ASP A 57 9.72 3.48 -9.14
CA ASP A 57 10.44 4.44 -8.34
C ASP A 57 9.84 4.49 -6.96
N SER A 58 8.65 3.89 -6.78
CA SER A 58 8.01 3.91 -5.48
C SER A 58 7.95 2.50 -4.94
N MET A 59 8.73 1.56 -5.52
CA MET A 59 8.67 0.19 -5.06
C MET A 59 9.95 -0.16 -4.36
N ALA A 60 10.21 0.44 -3.19
CA ALA A 60 11.36 0.07 -2.42
C ALA A 60 10.87 0.01 -1.00
N ALA A 61 10.03 -1.01 -0.72
CA ALA A 61 9.46 -1.15 0.58
C ALA A 61 10.38 -1.95 1.44
N THR A 62 10.43 -1.60 2.75
CA THR A 62 11.28 -2.31 3.66
C THR A 62 10.47 -2.56 4.90
N THR A 63 10.69 -3.73 5.52
CA THR A 63 9.99 -4.06 6.74
C THR A 63 10.97 -3.85 7.86
N LYS A 64 10.47 -3.81 9.11
CA LYS A 64 11.33 -3.63 10.25
C LYS A 64 12.22 -4.84 10.42
N ASP A 65 11.86 -5.98 9.77
CA ASP A 65 12.65 -7.18 9.92
C ASP A 65 13.68 -7.26 8.83
N GLY A 66 13.43 -6.60 7.68
CA GLY A 66 14.40 -6.67 6.60
C GLY A 66 13.73 -6.14 5.36
N THR A 67 14.34 -6.42 4.19
CA THR A 67 13.78 -5.95 2.95
C THR A 67 12.50 -6.69 2.70
N GLY A 68 11.41 -5.94 2.43
CA GLY A 68 10.13 -6.55 2.17
C GLY A 68 9.57 -5.85 0.99
N ILE A 69 9.89 -6.37 -0.22
CA ILE A 69 9.44 -5.75 -1.45
C ILE A 69 8.01 -6.17 -1.68
N ASN A 70 7.18 -5.21 -2.18
CA ASN A 70 5.79 -5.52 -2.44
C ASN A 70 5.72 -6.33 -3.71
N PRO A 71 5.13 -7.51 -3.63
CA PRO A 71 5.00 -8.37 -4.78
C PRO A 71 3.72 -8.16 -5.54
N ALA A 72 2.60 -8.77 -5.06
CA ALA A 72 1.34 -8.64 -5.74
C ALA A 72 0.51 -7.58 -5.05
N GLN A 73 0.84 -7.29 -3.77
CA GLN A 73 0.11 -6.29 -3.01
C GLN A 73 -1.33 -6.70 -2.87
N THR A 74 -1.63 -8.01 -2.78
CA THR A 74 -3.00 -8.43 -2.62
C THR A 74 -3.33 -8.21 -1.16
N ALA A 75 -4.63 -8.06 -0.84
CA ALA A 75 -5.02 -7.81 0.54
C ALA A 75 -4.64 -8.97 1.42
N GLY A 76 -4.95 -10.21 0.99
CA GLY A 76 -4.67 -11.37 1.80
C GLY A 76 -3.20 -11.64 1.87
N ASN A 77 -2.48 -11.48 0.76
CA ASN A 77 -1.06 -11.79 0.74
C ASN A 77 -0.28 -10.79 1.56
N VAL A 78 -0.60 -9.48 1.44
CA VAL A 78 0.16 -8.48 2.16
C VAL A 78 -0.20 -8.50 3.62
N PHE A 79 -1.48 -8.84 3.95
CA PHE A 79 -1.91 -8.86 5.32
C PHE A 79 -1.07 -9.83 6.11
N MET A 80 -0.88 -11.06 5.59
CA MET A 80 -0.13 -12.05 6.31
C MET A 80 1.35 -11.87 6.08
N LYS A 81 1.76 -11.10 5.05
CA LYS A 81 3.16 -10.94 4.78
C LYS A 81 3.75 -9.84 5.64
N TYR A 82 3.20 -8.62 5.55
CA TYR A 82 3.77 -7.52 6.30
C TYR A 82 2.72 -6.93 7.19
N GLY A 83 1.44 -7.03 6.78
CA GLY A 83 0.38 -6.49 7.59
C GLY A 83 0.47 -4.99 7.52
N GLN A 84 -0.16 -4.30 8.49
CA GLN A 84 -0.12 -2.86 8.50
C GLN A 84 1.16 -2.43 9.20
N GLU A 85 2.31 -2.95 8.74
CA GLU A 85 3.57 -2.59 9.34
C GLU A 85 4.62 -2.65 8.28
N ILE A 86 4.51 -1.78 7.25
CA ILE A 86 5.48 -1.76 6.19
C ILE A 86 5.82 -0.32 5.92
N ARG A 87 7.11 -0.05 5.59
CA ARG A 87 7.53 1.30 5.33
C ARG A 87 7.83 1.37 3.86
N LEU A 88 7.42 2.49 3.19
CA LEU A 88 7.70 2.62 1.77
C LEU A 88 8.82 3.60 1.60
N ILE A 89 9.81 3.22 0.76
CA ILE A 89 10.92 4.08 0.49
C ILE A 89 11.01 4.13 -1.02
N PRO A 90 11.35 5.29 -1.56
CA PRO A 90 11.50 5.44 -2.99
C PRO A 90 12.75 4.81 -3.52
N ARG A 91 12.77 4.51 -4.83
CA ARG A 91 13.93 3.88 -5.42
C ARG A 91 14.47 4.81 -6.46
N ASP A 92 15.80 5.07 -6.40
CA ASP A 92 16.47 5.94 -7.35
C ASP A 92 16.06 7.37 -7.10
N ARG A 93 15.33 7.63 -6.00
CA ARG A 93 14.93 8.98 -5.69
C ARG A 93 15.24 9.24 -4.25
N VAL A 94 15.98 8.30 -3.61
CA VAL A 94 16.34 8.45 -2.22
C VAL A 94 17.24 9.65 -2.09
N GLY A 95 18.22 9.78 -3.00
CA GLY A 95 19.12 10.90 -2.94
C GLY A 95 20.24 10.66 -3.95
N MET A 1 -7.89 -16.42 -19.36
CA MET A 1 -9.38 -16.51 -19.29
C MET A 1 -9.86 -16.08 -17.92
N SER A 2 -9.82 -14.76 -17.67
CA SER A 2 -10.26 -14.25 -16.39
C SER A 2 -10.68 -12.83 -16.60
N GLN A 3 -11.48 -12.29 -15.66
CA GLN A 3 -11.94 -10.92 -15.77
C GLN A 3 -11.60 -10.25 -14.48
N ASN A 4 -11.32 -8.93 -14.54
CA ASN A 4 -10.99 -8.20 -13.35
C ASN A 4 -12.26 -7.62 -12.83
N GLU A 5 -12.51 -7.80 -11.51
CA GLU A 5 -13.71 -7.28 -10.91
C GLU A 5 -13.30 -6.58 -9.66
N GLU A 6 -14.06 -5.53 -9.28
CA GLU A 6 -13.74 -4.79 -8.08
C GLU A 6 -14.77 -5.14 -7.05
N ALA A 7 -14.30 -5.44 -5.82
CA ALA A 7 -15.22 -5.79 -4.76
C ALA A 7 -15.86 -4.52 -4.28
N PRO A 8 -17.11 -4.62 -3.85
CA PRO A 8 -17.83 -3.48 -3.35
C PRO A 8 -17.35 -3.02 -2.01
N ALA A 9 -17.35 -1.69 -1.78
CA ALA A 9 -16.89 -1.16 -0.52
C ALA A 9 -18.09 -0.82 0.33
N ARG A 10 -19.31 -1.06 -0.20
CA ARG A 10 -20.50 -0.75 0.56
C ARG A 10 -20.80 -1.90 1.47
N SER A 11 -21.03 -3.09 0.89
CA SER A 11 -21.33 -4.26 1.69
C SER A 11 -20.30 -5.29 1.36
N GLY A 12 -19.54 -5.75 2.37
CA GLY A 12 -18.54 -6.75 2.13
C GLY A 12 -17.57 -6.68 3.26
N GLY A 13 -16.44 -7.42 3.13
CA GLY A 13 -15.44 -7.41 4.17
C GLY A 13 -14.34 -6.52 3.68
N LYS A 14 -13.93 -5.56 4.53
CA LYS A 14 -12.89 -4.63 4.15
C LYS A 14 -11.82 -4.71 5.18
N VAL A 15 -10.56 -4.49 4.73
CA VAL A 15 -9.43 -4.54 5.61
C VAL A 15 -8.63 -3.29 5.36
N THR A 16 -8.11 -2.67 6.44
CA THR A 16 -7.32 -1.48 6.27
C THR A 16 -5.92 -1.81 6.67
N PHE A 17 -4.93 -1.22 5.96
CA PHE A 17 -3.55 -1.48 6.27
C PHE A 17 -2.88 -0.16 6.43
N ARG A 18 -2.03 -0.03 7.47
CA ARG A 18 -1.35 1.21 7.71
C ARG A 18 0.05 1.08 7.17
N ILE A 19 0.44 2.04 6.30
CA ILE A 19 1.75 2.04 5.72
C ILE A 19 2.35 3.37 6.11
N ILE A 20 3.59 3.35 6.66
CA ILE A 20 4.18 4.59 7.09
C ILE A 20 5.11 5.09 6.03
N LEU A 21 4.90 6.36 5.64
CA LEU A 21 5.73 7.00 4.63
C LEU A 21 6.69 7.89 5.36
N THR A 22 8.00 7.78 5.02
CA THR A 22 8.97 8.64 5.67
C THR A 22 9.22 9.82 4.77
N SER A 23 8.63 9.80 3.55
CA SER A 23 8.83 10.89 2.62
C SER A 23 7.77 11.93 2.84
N GLU A 24 6.75 11.62 3.66
CA GLU A 24 5.70 12.59 3.90
C GLU A 24 5.62 12.79 5.38
N ARG A 25 6.34 13.81 5.89
CA ARG A 25 6.35 14.09 7.31
C ARG A 25 4.97 14.54 7.74
N SER A 26 4.29 15.35 6.91
CA SER A 26 2.99 15.87 7.26
C SER A 26 1.97 14.75 7.34
N GLN A 27 2.05 13.76 6.43
CA GLN A 27 1.09 12.67 6.44
C GLN A 27 1.85 11.38 6.30
N PRO A 28 2.48 10.94 7.37
CA PRO A 28 3.26 9.73 7.35
C PRO A 28 2.44 8.48 7.51
N PHE A 29 1.19 8.60 8.00
CA PHE A 29 0.38 7.44 8.22
C PHE A 29 -0.63 7.39 7.12
N ARG A 30 -0.28 6.70 6.03
CA ARG A 30 -1.20 6.57 4.92
C ARG A 30 -1.89 5.25 5.11
N VAL A 31 -3.24 5.29 5.14
CA VAL A 31 -3.99 4.07 5.35
C VAL A 31 -4.68 3.72 4.06
N ILE A 32 -4.46 2.48 3.58
CA ILE A 32 -5.12 2.04 2.36
C ILE A 32 -6.25 1.17 2.79
N SER A 33 -7.41 1.33 2.11
CA SER A 33 -8.56 0.52 2.44
C SER A 33 -8.84 -0.34 1.26
N ILE A 34 -8.79 -1.67 1.45
CA ILE A 34 -9.03 -2.57 0.36
C ILE A 34 -9.73 -3.76 0.91
N ALA A 35 -10.57 -4.41 0.10
CA ALA A 35 -11.29 -5.57 0.56
C ALA A 35 -10.39 -6.75 0.37
N GLU A 36 -10.63 -7.83 1.14
CA GLU A 36 -9.84 -9.04 1.01
C GLU A 36 -10.07 -9.59 -0.37
N GLU A 37 -11.31 -9.42 -0.88
CA GLU A 37 -11.66 -9.94 -2.17
C GLU A 37 -11.40 -8.88 -3.22
N ALA A 38 -10.88 -7.70 -2.81
CA ALA A 38 -10.62 -6.65 -3.76
C ALA A 38 -9.27 -6.89 -4.38
N PRO A 39 -9.09 -6.41 -5.59
CA PRO A 39 -7.84 -6.55 -6.31
C PRO A 39 -6.80 -5.57 -5.84
N LEU A 40 -5.53 -5.84 -6.21
CA LEU A 40 -4.43 -4.99 -5.84
C LEU A 40 -4.59 -3.63 -6.47
N THR A 41 -5.51 -3.48 -7.44
CA THR A 41 -5.72 -2.22 -8.11
C THR A 41 -6.15 -1.17 -7.11
N ALA A 42 -7.01 -1.54 -6.12
CA ALA A 42 -7.49 -0.58 -5.16
C ALA A 42 -6.32 -0.08 -4.35
N ALA A 43 -5.40 -1.00 -3.98
CA ALA A 43 -4.25 -0.61 -3.18
C ALA A 43 -3.38 0.30 -4.00
N LEU A 44 -3.23 0.00 -5.30
CA LEU A 44 -2.40 0.78 -6.19
C LEU A 44 -2.90 2.20 -6.24
N ARG A 45 -4.23 2.40 -6.23
CA ARG A 45 -4.78 3.74 -6.29
C ARG A 45 -4.28 4.54 -5.12
N PHE A 46 -4.34 3.96 -3.89
CA PHE A 46 -3.87 4.67 -2.72
C PHE A 46 -2.36 4.68 -2.73
N ALA A 47 -1.76 3.61 -3.30
CA ALA A 47 -0.32 3.48 -3.37
C ALA A 47 0.25 4.61 -4.19
N ALA A 48 -0.49 5.05 -5.23
CA ALA A 48 -0.01 6.11 -6.09
C ALA A 48 0.22 7.35 -5.26
N GLU A 49 -0.65 7.61 -4.27
CA GLU A 49 -0.49 8.77 -3.43
C GLU A 49 0.74 8.58 -2.58
N GLU A 50 0.97 7.32 -2.14
CA GLU A 50 2.11 7.01 -1.29
C GLU A 50 3.40 7.25 -2.04
N PHE A 51 3.45 6.88 -3.34
CA PHE A 51 4.68 7.06 -4.08
C PHE A 51 4.78 8.49 -4.52
N GLY A 52 3.62 9.15 -4.67
CA GLY A 52 3.59 10.53 -5.08
C GLY A 52 3.73 10.60 -6.57
N ILE A 53 3.98 9.44 -7.24
CA ILE A 53 4.11 9.43 -8.66
C ILE A 53 3.56 8.13 -9.13
N ALA A 54 3.18 8.04 -10.42
CA ALA A 54 2.65 6.81 -10.94
C ALA A 54 3.81 6.00 -11.44
N SER A 55 4.61 5.45 -10.50
CA SER A 55 5.76 4.68 -10.90
C SER A 55 5.94 3.56 -9.92
N VAL A 56 6.05 2.33 -10.45
CA VAL A 56 6.24 1.16 -9.63
C VAL A 56 7.64 1.16 -9.09
N ASP A 57 8.50 2.05 -9.61
CA ASP A 57 9.89 2.08 -9.20
C ASP A 57 9.99 2.63 -7.80
N SER A 58 8.89 3.19 -7.26
CA SER A 58 8.93 3.75 -5.93
C SER A 58 8.47 2.70 -4.95
N MET A 59 8.39 1.42 -5.39
CA MET A 59 7.96 0.36 -4.51
C MET A 59 9.17 -0.17 -3.82
N ALA A 60 9.77 0.66 -2.94
CA ALA A 60 10.92 0.22 -2.20
C ALA A 60 10.50 0.25 -0.77
N ALA A 61 9.72 -0.76 -0.38
CA ALA A 61 9.25 -0.82 0.97
C ALA A 61 10.13 -1.80 1.72
N THR A 62 10.30 -1.55 3.03
CA THR A 62 11.11 -2.42 3.84
C THR A 62 10.29 -2.79 5.03
N THR A 63 10.41 -4.07 5.45
CA THR A 63 9.69 -4.54 6.61
C THR A 63 10.68 -4.57 7.75
N LYS A 64 10.19 -4.89 8.96
CA LYS A 64 11.04 -4.92 10.14
C LYS A 64 12.07 -6.01 10.01
N ASP A 65 11.70 -7.14 9.38
CA ASP A 65 12.63 -8.25 9.26
C ASP A 65 13.70 -7.93 8.24
N GLY A 66 13.42 -7.02 7.28
CA GLY A 66 14.43 -6.70 6.29
C GLY A 66 13.74 -6.14 5.10
N THR A 67 13.94 -6.76 3.92
CA THR A 67 13.31 -6.27 2.70
C THR A 67 11.85 -6.59 2.78
N GLY A 68 11.01 -5.71 2.21
CA GLY A 68 9.59 -5.94 2.24
C GLY A 68 9.00 -5.18 1.09
N ILE A 69 9.45 -5.50 -0.12
CA ILE A 69 8.95 -4.83 -1.30
C ILE A 69 7.62 -5.44 -1.62
N ASN A 70 6.60 -4.58 -1.88
CA ASN A 70 5.27 -5.09 -2.16
C ASN A 70 5.25 -5.59 -3.58
N PRO A 71 4.95 -6.86 -3.77
CA PRO A 71 4.88 -7.46 -5.08
C PRO A 71 3.48 -7.54 -5.63
N ALA A 72 2.67 -8.52 -5.15
CA ALA A 72 1.33 -8.69 -5.65
C ALA A 72 0.46 -7.59 -5.13
N GLN A 73 0.77 -7.09 -3.90
CA GLN A 73 0.02 -6.01 -3.30
C GLN A 73 -1.41 -6.45 -3.05
N THR A 74 -1.63 -7.77 -2.89
CA THR A 74 -2.97 -8.25 -2.63
C THR A 74 -3.23 -8.06 -1.16
N ALA A 75 -4.51 -7.97 -0.77
CA ALA A 75 -4.86 -7.77 0.62
C ALA A 75 -4.40 -8.95 1.46
N GLY A 76 -4.60 -10.18 0.93
CA GLY A 76 -4.22 -11.37 1.66
C GLY A 76 -2.73 -11.45 1.82
N ASN A 77 -1.97 -11.06 0.79
CA ASN A 77 -0.54 -11.14 0.86
C ASN A 77 -0.02 -10.12 1.83
N VAL A 78 -0.53 -8.88 1.79
CA VAL A 78 -0.04 -7.86 2.68
C VAL A 78 -0.34 -8.22 4.11
N PHE A 79 -1.56 -8.72 4.38
CA PHE A 79 -1.94 -9.07 5.73
C PHE A 79 -1.02 -10.11 6.31
N MET A 80 -0.80 -11.22 5.58
CA MET A 80 0.04 -12.28 6.09
C MET A 80 1.50 -11.91 6.03
N LYS A 81 1.93 -11.22 4.96
CA LYS A 81 3.33 -10.91 4.79
C LYS A 81 3.80 -9.84 5.74
N TYR A 82 3.04 -8.73 5.92
CA TYR A 82 3.54 -7.68 6.79
C TYR A 82 2.57 -7.41 7.90
N GLY A 83 1.25 -7.57 7.64
CA GLY A 83 0.27 -7.32 8.69
C GLY A 83 0.38 -5.88 9.12
N GLN A 84 0.58 -4.96 8.13
CA GLN A 84 0.73 -3.55 8.43
C GLN A 84 2.08 -3.34 9.06
N GLU A 85 2.38 -2.07 9.39
CA GLU A 85 3.63 -1.72 10.04
C GLU A 85 4.76 -1.87 9.05
N ILE A 86 4.51 -1.51 7.77
CA ILE A 86 5.54 -1.60 6.77
C ILE A 86 5.92 -0.19 6.40
N ARG A 87 7.23 0.03 6.10
CA ARG A 87 7.68 1.36 5.73
C ARG A 87 7.82 1.38 4.24
N LEU A 88 7.23 2.39 3.57
CA LEU A 88 7.32 2.46 2.13
C LEU A 88 8.11 3.69 1.76
N ILE A 89 9.16 3.52 0.91
CA ILE A 89 9.94 4.66 0.50
C ILE A 89 10.24 4.51 -0.98
N PRO A 90 10.50 5.63 -1.62
CA PRO A 90 10.85 5.66 -3.03
C PRO A 90 12.34 5.64 -3.25
N ARG A 91 12.97 4.51 -2.85
CA ARG A 91 14.41 4.40 -3.00
C ARG A 91 14.73 4.17 -4.45
N ASP A 92 15.80 4.84 -4.93
CA ASP A 92 16.24 4.72 -6.30
C ASP A 92 15.27 5.46 -7.17
N ARG A 93 14.77 6.61 -6.68
CA ARG A 93 13.86 7.40 -7.45
C ARG A 93 14.04 8.83 -7.00
N VAL A 94 13.51 9.15 -5.79
CA VAL A 94 13.64 10.49 -5.26
C VAL A 94 15.10 10.72 -4.96
N GLY A 95 15.76 9.71 -4.36
CA GLY A 95 17.15 9.84 -4.03
C GLY A 95 17.68 8.46 -3.65
N MET A 1 -12.47 14.47 6.51
CA MET A 1 -11.78 14.47 5.19
C MET A 1 -10.29 14.49 5.39
N SER A 2 -9.79 15.37 6.28
CA SER A 2 -8.37 15.47 6.53
C SER A 2 -7.99 14.40 7.52
N GLN A 3 -9.00 13.77 8.15
CA GLN A 3 -8.72 12.75 9.12
C GLN A 3 -9.68 11.63 8.88
N ASN A 4 -9.17 10.39 8.80
CA ASN A 4 -10.03 9.25 8.56
C ASN A 4 -10.49 8.77 9.91
N GLU A 5 -11.71 9.16 10.32
CA GLU A 5 -12.23 8.76 11.61
C GLU A 5 -12.54 7.29 11.58
N GLU A 6 -13.12 6.79 10.48
CA GLU A 6 -13.45 5.39 10.38
C GLU A 6 -13.22 4.97 8.97
N ALA A 7 -12.79 3.71 8.78
CA ALA A 7 -12.53 3.20 7.45
C ALA A 7 -13.88 2.97 6.80
N PRO A 8 -14.01 3.39 5.56
CA PRO A 8 -15.25 3.23 4.83
C PRO A 8 -15.50 1.81 4.40
N ALA A 9 -16.73 1.34 4.59
CA ALA A 9 -17.08 0.01 4.22
C ALA A 9 -18.58 -0.06 4.27
N ARG A 10 -19.19 -0.85 3.38
CA ARG A 10 -20.63 -0.94 3.37
C ARG A 10 -21.01 -2.39 3.45
N SER A 11 -20.68 -3.18 2.41
CA SER A 11 -21.02 -4.58 2.39
C SER A 11 -19.75 -5.36 2.23
N GLY A 12 -19.75 -6.62 2.71
CA GLY A 12 -18.59 -7.47 2.59
C GLY A 12 -17.68 -7.18 3.75
N GLY A 13 -16.50 -7.82 3.76
CA GLY A 13 -15.55 -7.62 4.81
C GLY A 13 -14.37 -6.92 4.22
N LYS A 14 -13.84 -5.92 4.92
CA LYS A 14 -12.71 -5.18 4.42
C LYS A 14 -11.67 -5.14 5.50
N VAL A 15 -10.39 -5.00 5.09
CA VAL A 15 -9.30 -4.97 6.03
C VAL A 15 -8.62 -3.64 5.83
N THR A 16 -8.23 -2.99 6.95
CA THR A 16 -7.57 -1.71 6.86
C THR A 16 -6.14 -1.90 7.22
N PHE A 17 -5.22 -1.41 6.35
CA PHE A 17 -3.81 -1.55 6.61
C PHE A 17 -3.24 -0.18 6.72
N ARG A 18 -2.28 0.00 7.66
CA ARG A 18 -1.65 1.28 7.86
C ARG A 18 -0.36 1.24 7.11
N ILE A 19 -0.10 2.29 6.31
CA ILE A 19 1.11 2.35 5.54
C ILE A 19 1.89 3.53 6.04
N ILE A 20 3.18 3.31 6.39
CA ILE A 20 3.99 4.39 6.89
C ILE A 20 4.71 4.98 5.71
N LEU A 21 4.56 6.31 5.52
CA LEU A 21 5.18 6.97 4.40
C LEU A 21 6.46 7.59 4.89
N THR A 22 7.61 7.02 4.47
CA THR A 22 8.88 7.56 4.86
C THR A 22 9.16 8.77 4.01
N SER A 23 8.66 8.75 2.76
CA SER A 23 8.90 9.84 1.83
C SER A 23 7.99 11.01 2.14
N GLU A 24 6.96 10.79 2.98
CA GLU A 24 6.06 11.88 3.29
C GLU A 24 6.11 12.12 4.78
N ARG A 25 7.27 12.62 5.26
CA ARG A 25 7.44 12.89 6.67
C ARG A 25 6.54 14.03 7.06
N SER A 26 6.16 14.88 6.08
CA SER A 26 5.32 16.02 6.36
C SER A 26 3.98 15.57 6.88
N GLN A 27 3.44 14.45 6.36
CA GLN A 27 2.15 14.01 6.82
C GLN A 27 2.06 12.54 6.51
N PRO A 28 2.68 11.75 7.34
CA PRO A 28 2.69 10.32 7.17
C PRO A 28 1.48 9.65 7.73
N PHE A 29 1.41 8.31 7.50
CA PHE A 29 0.34 7.47 8.00
C PHE A 29 -0.85 7.55 7.07
N ARG A 30 -0.79 6.78 5.96
CA ARG A 30 -1.90 6.72 5.05
C ARG A 30 -2.49 5.36 5.20
N VAL A 31 -3.83 5.27 5.30
CA VAL A 31 -4.46 4.00 5.49
C VAL A 31 -5.18 3.63 4.23
N ILE A 32 -5.05 2.35 3.83
CA ILE A 32 -5.74 1.87 2.66
C ILE A 32 -6.73 0.85 3.15
N SER A 33 -7.95 0.87 2.58
CA SER A 33 -8.94 -0.08 2.97
C SER A 33 -9.17 -0.95 1.78
N ILE A 34 -8.91 -2.25 1.93
CA ILE A 34 -9.09 -3.17 0.83
C ILE A 34 -9.55 -4.46 1.42
N ALA A 35 -10.45 -5.16 0.70
CA ALA A 35 -10.95 -6.42 1.18
C ALA A 35 -9.98 -7.49 0.75
N GLU A 36 -9.99 -8.63 1.46
CA GLU A 36 -9.12 -9.73 1.09
C GLU A 36 -9.57 -10.26 -0.24
N GLU A 37 -10.85 -9.99 -0.58
CA GLU A 37 -11.41 -10.46 -1.82
C GLU A 37 -11.27 -9.37 -2.87
N ALA A 38 -10.80 -8.17 -2.45
CA ALA A 38 -10.67 -7.06 -3.37
C ALA A 38 -9.36 -7.19 -4.09
N PRO A 39 -9.31 -6.64 -5.29
CA PRO A 39 -8.12 -6.66 -6.10
C PRO A 39 -7.09 -5.66 -5.65
N LEU A 40 -5.83 -5.86 -6.11
CA LEU A 40 -4.74 -4.97 -5.77
C LEU A 40 -4.97 -3.61 -6.37
N THR A 41 -5.93 -3.49 -7.31
CA THR A 41 -6.20 -2.23 -7.97
C THR A 41 -6.62 -1.20 -6.95
N ALA A 42 -7.47 -1.59 -5.97
CA ALA A 42 -7.94 -0.63 -4.99
C ALA A 42 -6.77 -0.11 -4.19
N ALA A 43 -5.83 -1.00 -3.82
CA ALA A 43 -4.69 -0.59 -3.04
C ALA A 43 -3.83 0.32 -3.86
N LEU A 44 -3.66 0.00 -5.16
CA LEU A 44 -2.82 0.78 -6.05
C LEU A 44 -3.33 2.20 -6.13
N ARG A 45 -4.66 2.39 -6.14
CA ARG A 45 -5.22 3.73 -6.26
C ARG A 45 -4.74 4.57 -5.10
N PHE A 46 -4.77 4.03 -3.87
CA PHE A 46 -4.33 4.80 -2.72
C PHE A 46 -2.83 4.73 -2.64
N ALA A 47 -2.25 3.62 -3.12
CA ALA A 47 -0.81 3.44 -3.08
C ALA A 47 -0.15 4.50 -3.91
N ALA A 48 -0.77 4.87 -5.06
CA ALA A 48 -0.20 5.87 -5.93
C ALA A 48 -0.07 7.17 -5.18
N GLU A 49 -1.06 7.50 -4.33
CA GLU A 49 -1.01 8.73 -3.57
C GLU A 49 0.10 8.62 -2.57
N GLU A 50 0.27 7.42 -1.99
CA GLU A 50 1.26 7.20 -0.98
C GLU A 50 2.65 7.34 -1.57
N PHE A 51 2.87 6.84 -2.80
CA PHE A 51 4.19 6.93 -3.39
C PHE A 51 4.37 8.32 -3.93
N GLY A 52 3.24 8.98 -4.29
CA GLY A 52 3.27 10.33 -4.80
C GLY A 52 3.59 10.30 -6.27
N ILE A 53 3.91 9.12 -6.83
CA ILE A 53 4.19 9.03 -8.23
C ILE A 53 3.82 7.65 -8.65
N ALA A 54 3.53 7.46 -9.96
CA ALA A 54 3.17 6.17 -10.46
C ALA A 54 4.43 5.60 -11.05
N SER A 55 5.34 5.12 -10.16
CA SER A 55 6.59 4.58 -10.65
C SER A 55 7.05 3.54 -9.67
N VAL A 56 7.75 2.53 -10.21
CA VAL A 56 8.28 1.44 -9.42
C VAL A 56 9.42 1.97 -8.58
N ASP A 57 9.92 3.18 -8.91
CA ASP A 57 11.05 3.74 -8.19
C ASP A 57 10.70 3.97 -6.75
N SER A 58 9.40 4.17 -6.45
CA SER A 58 9.00 4.41 -5.08
C SER A 58 8.58 3.13 -4.43
N MET A 59 8.73 1.99 -5.14
CA MET A 59 8.31 0.72 -4.57
C MET A 59 9.50 0.06 -3.95
N ALA A 60 10.05 0.67 -2.88
CA ALA A 60 11.15 0.07 -2.17
C ALA A 60 10.69 0.05 -0.74
N ALA A 61 9.73 -0.82 -0.44
CA ALA A 61 9.20 -0.90 0.88
C ALA A 61 10.04 -1.86 1.66
N THR A 62 10.10 -1.65 2.99
CA THR A 62 10.87 -2.51 3.85
C THR A 62 10.01 -2.87 5.02
N THR A 63 10.23 -4.08 5.57
CA THR A 63 9.49 -4.53 6.72
C THR A 63 10.37 -4.33 7.91
N LYS A 64 9.81 -4.59 9.11
CA LYS A 64 10.56 -4.46 10.31
C LYS A 64 11.66 -5.47 10.29
N ASP A 65 11.40 -6.66 9.69
CA ASP A 65 12.39 -7.71 9.64
C ASP A 65 13.41 -7.36 8.58
N GLY A 66 13.02 -6.56 7.56
CA GLY A 66 13.98 -6.20 6.53
C GLY A 66 13.30 -6.21 5.20
N THR A 67 13.39 -7.36 4.48
CA THR A 67 12.82 -7.48 3.15
C THR A 67 11.32 -7.33 3.24
N GLY A 68 10.75 -6.46 2.37
CA GLY A 68 9.33 -6.26 2.36
C GLY A 68 9.00 -5.52 1.10
N ILE A 69 9.38 -6.11 -0.06
CA ILE A 69 9.12 -5.47 -1.33
C ILE A 69 7.68 -5.71 -1.69
N ASN A 70 6.99 -4.68 -2.26
CA ASN A 70 5.61 -4.85 -2.63
C ASN A 70 5.59 -5.63 -3.91
N PRO A 71 4.93 -6.77 -3.91
CA PRO A 71 4.84 -7.61 -5.08
C PRO A 71 3.62 -7.34 -5.91
N ALA A 72 2.48 -7.96 -5.54
CA ALA A 72 1.26 -7.77 -6.28
C ALA A 72 0.41 -6.77 -5.55
N GLN A 73 0.73 -6.53 -4.26
CA GLN A 73 -0.01 -5.58 -3.44
C GLN A 73 -1.42 -6.08 -3.25
N THR A 74 -1.62 -7.42 -3.22
CA THR A 74 -2.95 -7.95 -3.01
C THR A 74 -3.19 -7.85 -1.53
N ALA A 75 -4.47 -7.82 -1.12
CA ALA A 75 -4.80 -7.70 0.29
C ALA A 75 -4.29 -8.90 1.05
N GLY A 76 -4.43 -10.11 0.46
CA GLY A 76 -4.00 -11.31 1.13
C GLY A 76 -2.52 -11.32 1.32
N ASN A 77 -1.76 -10.86 0.30
CA ASN A 77 -0.32 -10.87 0.39
C ASN A 77 0.13 -9.84 1.39
N VAL A 78 -0.53 -8.66 1.40
CA VAL A 78 -0.14 -7.59 2.30
C VAL A 78 -0.36 -8.04 3.72
N PHE A 79 -1.50 -8.72 3.98
CA PHE A 79 -1.83 -9.15 5.32
C PHE A 79 -0.76 -10.05 5.90
N MET A 80 -0.31 -11.07 5.13
CA MET A 80 0.65 -12.00 5.66
C MET A 80 2.06 -11.51 5.46
N LYS A 81 2.31 -10.53 4.57
CA LYS A 81 3.68 -10.10 4.35
C LYS A 81 4.09 -9.07 5.37
N TYR A 82 3.39 -7.91 5.42
CA TYR A 82 3.79 -6.88 6.36
C TYR A 82 2.62 -6.45 7.21
N GLY A 83 1.39 -6.57 6.69
CA GLY A 83 0.23 -6.16 7.44
C GLY A 83 0.26 -4.66 7.53
N GLN A 84 0.05 -4.13 8.75
CA GLN A 84 0.05 -2.70 8.97
C GLN A 84 1.43 -2.24 9.34
N GLU A 85 2.45 -3.11 9.22
CA GLU A 85 3.80 -2.73 9.58
C GLU A 85 4.63 -2.71 8.34
N ILE A 86 4.47 -1.64 7.52
CA ILE A 86 5.22 -1.54 6.30
C ILE A 86 5.67 -0.12 6.14
N ARG A 87 6.95 0.06 5.70
CA ARG A 87 7.50 1.38 5.48
C ARG A 87 7.74 1.51 4.00
N LEU A 88 7.36 2.66 3.41
CA LEU A 88 7.57 2.85 1.99
C LEU A 88 8.75 3.76 1.83
N ILE A 89 9.78 3.30 1.06
CA ILE A 89 10.95 4.10 0.85
C ILE A 89 11.18 4.13 -0.64
N PRO A 90 11.51 5.29 -1.18
CA PRO A 90 11.81 5.42 -2.59
C PRO A 90 13.26 5.15 -2.88
N ARG A 91 13.55 4.64 -4.10
CA ARG A 91 14.93 4.36 -4.46
C ARG A 91 15.26 5.19 -5.66
N ASP A 92 16.56 5.51 -5.80
CA ASP A 92 17.04 6.31 -6.92
C ASP A 92 16.36 7.66 -6.89
N ARG A 93 16.05 8.17 -5.68
CA ARG A 93 15.41 9.45 -5.56
C ARG A 93 16.02 10.15 -4.39
N VAL A 94 16.20 9.42 -3.26
CA VAL A 94 16.79 10.00 -2.07
C VAL A 94 18.20 10.41 -2.39
N GLY A 95 18.94 9.53 -3.09
CA GLY A 95 20.31 9.84 -3.44
C GLY A 95 20.85 8.69 -4.29
N MET A 1 -6.88 9.19 -14.81
CA MET A 1 -6.50 9.66 -16.17
C MET A 1 -6.55 8.54 -17.17
N SER A 2 -6.02 7.37 -16.78
CA SER A 2 -6.02 6.24 -17.67
C SER A 2 -6.01 5.01 -16.81
N GLN A 3 -6.70 3.94 -17.27
CA GLN A 3 -6.77 2.70 -16.52
C GLN A 3 -7.54 2.98 -15.26
N ASN A 4 -8.73 3.60 -15.40
CA ASN A 4 -9.55 3.90 -14.26
C ASN A 4 -10.28 2.65 -13.88
N GLU A 5 -10.26 2.31 -12.58
CA GLU A 5 -10.93 1.12 -12.12
C GLU A 5 -11.64 1.48 -10.84
N GLU A 6 -12.76 0.79 -10.57
CA GLU A 6 -13.52 1.06 -9.37
C GLU A 6 -13.22 -0.04 -8.40
N ALA A 7 -12.99 0.34 -7.12
CA ALA A 7 -12.70 -0.64 -6.11
C ALA A 7 -13.99 -1.34 -5.76
N PRO A 8 -13.94 -2.66 -5.71
CA PRO A 8 -15.11 -3.45 -5.38
C PRO A 8 -15.34 -3.55 -3.89
N ALA A 9 -15.77 -2.43 -3.28
CA ALA A 9 -16.01 -2.42 -1.86
C ALA A 9 -17.34 -3.09 -1.61
N ARG A 10 -18.12 -3.35 -2.69
CA ARG A 10 -19.39 -3.99 -2.55
C ARG A 10 -19.17 -5.43 -2.19
N SER A 11 -18.00 -5.99 -2.57
CA SER A 11 -17.70 -7.37 -2.27
C SER A 11 -17.47 -7.49 -0.79
N GLY A 12 -17.84 -8.65 -0.21
CA GLY A 12 -17.67 -8.85 1.20
C GLY A 12 -16.21 -9.06 1.48
N GLY A 13 -15.78 -8.65 2.70
CA GLY A 13 -14.40 -8.79 3.08
C GLY A 13 -13.76 -7.45 2.94
N LYS A 14 -13.19 -6.93 4.04
CA LYS A 14 -12.57 -5.64 4.00
C LYS A 14 -11.37 -5.69 4.90
N VAL A 15 -10.26 -5.07 4.45
CA VAL A 15 -9.05 -5.06 5.22
C VAL A 15 -8.41 -3.72 5.04
N THR A 16 -7.73 -3.24 6.10
CA THR A 16 -7.07 -1.96 6.02
C THR A 16 -5.63 -2.19 6.38
N PHE A 17 -4.73 -1.36 5.82
CA PHE A 17 -3.33 -1.52 6.11
C PHE A 17 -2.76 -0.15 6.35
N ARG A 18 -1.76 -0.08 7.26
CA ARG A 18 -1.14 1.18 7.56
C ARG A 18 0.20 1.16 6.90
N ILE A 19 0.46 2.17 6.06
CA ILE A 19 1.72 2.25 5.36
C ILE A 19 2.41 3.50 5.85
N ILE A 20 3.66 3.36 6.33
CA ILE A 20 4.36 4.51 6.83
C ILE A 20 5.35 4.94 5.79
N LEU A 21 5.12 6.14 5.20
CA LEU A 21 6.02 6.66 4.21
C LEU A 21 6.89 7.65 4.92
N THR A 22 8.22 7.40 4.91
CA THR A 22 9.13 8.29 5.60
C THR A 22 9.49 9.45 4.71
N SER A 23 9.10 9.38 3.42
CA SER A 23 9.42 10.46 2.51
C SER A 23 8.36 11.51 2.62
N GLU A 24 7.25 11.20 3.34
CA GLU A 24 6.18 12.17 3.49
C GLU A 24 6.00 12.39 4.96
N ARG A 25 6.98 13.08 5.59
CA ARG A 25 6.91 13.35 7.01
C ARG A 25 5.77 14.29 7.26
N SER A 26 5.34 15.04 6.23
CA SER A 26 4.26 15.98 6.39
C SER A 26 2.96 15.26 6.57
N GLN A 27 2.84 13.98 6.11
CA GLN A 27 1.59 13.28 6.28
C GLN A 27 1.88 11.81 6.21
N PRO A 28 2.48 11.30 7.26
CA PRO A 28 2.82 9.90 7.35
C PRO A 28 1.70 9.06 7.87
N PHE A 29 1.85 7.74 7.72
CA PHE A 29 0.86 6.79 8.20
C PHE A 29 -0.40 6.93 7.39
N ARG A 30 -0.36 6.52 6.10
CA ARG A 30 -1.53 6.60 5.29
C ARG A 30 -2.21 5.27 5.41
N VAL A 31 -3.54 5.28 5.54
CA VAL A 31 -4.28 4.04 5.70
C VAL A 31 -4.96 3.75 4.40
N ILE A 32 -4.71 2.54 3.85
CA ILE A 32 -5.35 2.15 2.62
C ILE A 32 -6.44 1.21 3.01
N SER A 33 -7.62 1.36 2.36
CA SER A 33 -8.73 0.49 2.66
C SER A 33 -9.05 -0.22 1.39
N ILE A 34 -8.97 -1.57 1.42
CA ILE A 34 -9.25 -2.33 0.23
C ILE A 34 -10.04 -3.52 0.64
N ALA A 35 -10.79 -4.10 -0.31
CA ALA A 35 -11.57 -5.27 0.00
C ALA A 35 -10.62 -6.43 -0.02
N GLU A 36 -10.96 -7.52 0.71
CA GLU A 36 -10.10 -8.68 0.76
C GLU A 36 -10.05 -9.28 -0.63
N GLU A 37 -11.19 -9.24 -1.35
CA GLU A 37 -11.25 -9.80 -2.67
C GLU A 37 -10.93 -8.73 -3.69
N ALA A 38 -10.50 -7.53 -3.23
CA ALA A 38 -10.20 -6.46 -4.15
C ALA A 38 -8.82 -6.68 -4.69
N PRO A 39 -8.58 -6.18 -5.88
CA PRO A 39 -7.28 -6.29 -6.54
C PRO A 39 -6.26 -5.36 -5.97
N LEU A 40 -4.98 -5.66 -6.26
CA LEU A 40 -3.87 -4.85 -5.77
C LEU A 40 -3.94 -3.45 -6.33
N THR A 41 -4.77 -3.23 -7.38
CA THR A 41 -4.85 -1.91 -7.97
C THR A 41 -5.46 -0.93 -7.00
N ALA A 42 -6.34 -1.41 -6.08
CA ALA A 42 -6.95 -0.51 -5.14
C ALA A 42 -5.88 0.03 -4.23
N ALA A 43 -4.95 -0.85 -3.79
CA ALA A 43 -3.89 -0.42 -2.91
C ALA A 43 -2.98 0.51 -3.67
N LEU A 44 -2.72 0.19 -4.95
CA LEU A 44 -1.86 0.99 -5.78
C LEU A 44 -2.41 2.38 -5.89
N ARG A 45 -3.74 2.53 -6.00
CA ARG A 45 -4.34 3.84 -6.12
C ARG A 45 -3.99 4.67 -4.91
N PHE A 46 -4.13 4.10 -3.69
CA PHE A 46 -3.82 4.85 -2.49
C PHE A 46 -2.32 4.97 -2.36
N ALA A 47 -1.59 3.91 -2.76
CA ALA A 47 -0.15 3.91 -2.67
C ALA A 47 0.41 5.01 -3.55
N ALA A 48 -0.20 5.19 -4.74
CA ALA A 48 0.25 6.20 -5.67
C ALA A 48 0.08 7.57 -5.04
N GLU A 49 -0.89 7.73 -4.12
CA GLU A 49 -1.11 9.02 -3.50
C GLU A 49 0.07 9.35 -2.62
N GLU A 50 0.66 8.32 -1.97
CA GLU A 50 1.76 8.54 -1.07
C GLU A 50 2.95 9.11 -1.80
N PHE A 51 3.26 8.60 -3.01
CA PHE A 51 4.41 9.10 -3.74
C PHE A 51 3.98 10.23 -4.63
N GLY A 52 2.68 10.28 -4.95
CA GLY A 52 2.15 11.33 -5.79
C GLY A 52 2.24 10.94 -7.24
N ILE A 53 2.86 9.78 -7.56
CA ILE A 53 2.93 9.39 -8.95
C ILE A 53 2.70 7.90 -8.99
N ALA A 54 2.20 7.42 -10.14
CA ALA A 54 1.96 6.01 -10.28
C ALA A 54 3.20 5.45 -10.92
N SER A 55 4.09 4.86 -10.10
CA SER A 55 5.31 4.34 -10.64
C SER A 55 5.77 3.23 -9.75
N VAL A 56 6.52 2.28 -10.33
CA VAL A 56 7.05 1.16 -9.60
C VAL A 56 8.12 1.65 -8.66
N ASP A 57 8.57 2.91 -8.84
CA ASP A 57 9.62 3.46 -8.02
C ASP A 57 9.17 3.48 -6.57
N SER A 58 7.87 3.77 -6.35
CA SER A 58 7.35 3.84 -5.01
C SER A 58 7.22 2.47 -4.42
N MET A 59 7.41 1.40 -5.21
CA MET A 59 7.26 0.06 -4.68
C MET A 59 8.57 -0.42 -4.17
N ALA A 60 9.09 0.23 -3.11
CA ALA A 60 10.31 -0.23 -2.50
C ALA A 60 10.03 -0.22 -1.03
N ALA A 61 9.18 -1.16 -0.59
CA ALA A 61 8.80 -1.22 0.79
C ALA A 61 9.83 -2.03 1.51
N THR A 62 10.01 -1.75 2.83
CA THR A 62 10.96 -2.48 3.60
C THR A 62 10.31 -2.82 4.92
N THR A 63 10.78 -3.94 5.52
CA THR A 63 10.27 -4.37 6.79
C THR A 63 11.27 -3.96 7.82
N LYS A 64 10.90 -4.12 9.11
CA LYS A 64 11.78 -3.77 10.20
C LYS A 64 12.96 -4.71 10.16
N ASP A 65 12.75 -5.91 9.58
CA ASP A 65 13.79 -6.90 9.52
C ASP A 65 14.66 -6.65 8.32
N GLY A 66 14.14 -5.99 7.27
CA GLY A 66 14.97 -5.73 6.11
C GLY A 66 14.09 -5.66 4.90
N THR A 67 14.25 -6.65 3.98
CA THR A 67 13.50 -6.67 2.76
C THR A 67 12.03 -6.84 3.08
N GLY A 68 11.18 -6.00 2.45
CA GLY A 68 9.76 -6.09 2.69
C GLY A 68 9.08 -5.45 1.53
N ILE A 69 9.51 -5.80 0.31
CA ILE A 69 8.93 -5.23 -0.88
C ILE A 69 7.64 -5.96 -1.15
N ASN A 70 6.57 -5.21 -1.49
CA ASN A 70 5.30 -5.84 -1.75
C ASN A 70 5.35 -6.44 -3.13
N PRO A 71 5.14 -7.74 -3.23
CA PRO A 71 5.16 -8.41 -4.52
C PRO A 71 3.82 -8.50 -5.19
N ALA A 72 2.95 -9.42 -4.73
CA ALA A 72 1.65 -9.58 -5.33
C ALA A 72 0.81 -8.39 -4.98
N GLN A 73 1.05 -7.80 -3.79
CA GLN A 73 0.33 -6.64 -3.33
C GLN A 73 -1.13 -6.98 -3.15
N THR A 74 -1.46 -8.28 -3.01
CA THR A 74 -2.85 -8.67 -2.82
C THR A 74 -3.17 -8.43 -1.37
N ALA A 75 -4.47 -8.27 -1.05
CA ALA A 75 -4.87 -8.01 0.32
C ALA A 75 -4.50 -9.17 1.21
N GLY A 76 -4.77 -10.41 0.74
CA GLY A 76 -4.51 -11.58 1.56
C GLY A 76 -3.03 -11.77 1.79
N ASN A 77 -2.20 -11.55 0.74
CA ASN A 77 -0.78 -11.77 0.88
C ASN A 77 -0.17 -10.71 1.76
N VAL A 78 -0.59 -9.44 1.59
CA VAL A 78 -0.03 -8.37 2.37
C VAL A 78 -0.40 -8.54 3.82
N PHE A 79 -1.67 -8.91 4.10
CA PHE A 79 -2.11 -9.06 5.47
C PHE A 79 -1.27 -10.08 6.20
N MET A 80 -1.09 -11.27 5.61
CA MET A 80 -0.34 -12.31 6.27
C MET A 80 1.14 -11.99 6.29
N LYS A 81 1.68 -11.41 5.20
CA LYS A 81 3.10 -11.16 5.13
C LYS A 81 3.54 -9.95 5.93
N TYR A 82 2.84 -8.79 5.80
CA TYR A 82 3.31 -7.60 6.51
C TYR A 82 2.25 -7.09 7.42
N GLY A 83 0.96 -7.32 7.10
CA GLY A 83 -0.10 -6.83 7.93
C GLY A 83 -0.16 -5.35 7.78
N GLN A 84 -0.54 -4.65 8.86
CA GLN A 84 -0.63 -3.22 8.83
C GLN A 84 0.65 -2.63 9.36
N GLU A 85 1.80 -3.28 9.07
CA GLU A 85 3.05 -2.77 9.55
C GLU A 85 4.05 -2.92 8.44
N ILE A 86 4.11 -1.91 7.56
CA ILE A 86 5.04 -1.95 6.45
C ILE A 86 5.54 -0.54 6.21
N ARG A 87 6.86 -0.41 5.93
CA ARG A 87 7.42 0.89 5.65
C ARG A 87 7.51 1.00 4.17
N LEU A 88 7.17 2.17 3.61
CA LEU A 88 7.22 2.34 2.19
C LEU A 88 8.31 3.30 1.85
N ILE A 89 9.21 2.91 0.90
CA ILE A 89 10.28 3.78 0.50
C ILE A 89 10.22 3.84 -1.02
N PRO A 90 10.40 5.02 -1.57
CA PRO A 90 10.42 5.20 -3.00
C PRO A 90 11.84 5.29 -3.53
N ARG A 91 12.25 4.33 -4.38
CA ARG A 91 13.58 4.36 -4.92
C ARG A 91 13.45 4.42 -6.40
N ASP A 92 14.34 5.20 -7.05
CA ASP A 92 14.30 5.33 -8.49
C ASP A 92 15.32 4.38 -9.05
N ARG A 93 15.48 3.22 -8.38
CA ARG A 93 16.43 2.23 -8.79
C ARG A 93 16.01 1.65 -10.11
N VAL A 94 14.69 1.69 -10.41
CA VAL A 94 14.19 1.16 -11.65
C VAL A 94 14.73 1.99 -12.79
N GLY A 95 14.72 3.33 -12.62
CA GLY A 95 15.23 4.18 -13.66
C GLY A 95 15.15 5.63 -13.17
N MET A 1 -7.42 1.98 19.26
CA MET A 1 -8.54 1.26 19.94
C MET A 1 -9.62 0.94 18.96
N SER A 2 -10.11 1.97 18.23
CA SER A 2 -11.15 1.75 17.26
C SER A 2 -10.99 2.79 16.21
N GLN A 3 -11.28 2.43 14.94
CA GLN A 3 -11.16 3.38 13.86
C GLN A 3 -12.46 3.35 13.11
N ASN A 4 -13.12 4.53 12.99
CA ASN A 4 -14.37 4.59 12.29
C ASN A 4 -14.07 4.99 10.88
N GLU A 5 -14.09 4.02 9.95
CA GLU A 5 -13.83 4.32 8.57
C GLU A 5 -14.62 3.36 7.75
N GLU A 6 -15.39 3.88 6.77
CA GLU A 6 -16.18 3.02 5.92
C GLU A 6 -15.35 2.76 4.70
N ALA A 7 -14.79 1.54 4.60
CA ALA A 7 -13.99 1.19 3.46
C ALA A 7 -14.90 0.78 2.35
N PRO A 8 -14.48 1.04 1.13
CA PRO A 8 -15.26 0.66 -0.04
C PRO A 8 -15.14 -0.81 -0.32
N ALA A 9 -16.17 -1.39 -1.00
CA ALA A 9 -16.16 -2.78 -1.32
C ALA A 9 -16.28 -3.57 -0.03
N ARG A 10 -17.48 -3.50 0.60
CA ARG A 10 -17.72 -4.21 1.84
C ARG A 10 -17.72 -5.68 1.54
N SER A 11 -18.33 -6.08 0.39
CA SER A 11 -18.37 -7.47 0.04
C SER A 11 -16.98 -7.87 -0.37
N GLY A 12 -16.56 -9.10 0.04
CA GLY A 12 -15.25 -9.57 -0.29
C GLY A 12 -14.39 -9.48 0.94
N GLY A 13 -14.99 -9.05 2.07
CA GLY A 13 -14.23 -8.96 3.31
C GLY A 13 -13.68 -7.57 3.43
N LYS A 14 -12.93 -7.32 4.51
CA LYS A 14 -12.36 -6.01 4.72
C LYS A 14 -10.97 -6.21 5.24
N VAL A 15 -10.01 -5.48 4.67
CA VAL A 15 -8.65 -5.60 5.08
C VAL A 15 -8.07 -4.21 5.10
N THR A 16 -7.26 -3.90 6.13
CA THR A 16 -6.65 -2.59 6.23
C THR A 16 -5.18 -2.79 6.12
N PHE A 17 -4.48 -1.80 5.53
CA PHE A 17 -3.06 -1.89 5.37
C PHE A 17 -2.53 -0.50 5.60
N ARG A 18 -1.52 -0.37 6.49
CA ARG A 18 -0.98 0.93 6.79
C ARG A 18 0.43 0.96 6.31
N ILE A 19 0.80 2.02 5.56
CA ILE A 19 2.13 2.13 5.04
C ILE A 19 2.69 3.44 5.52
N ILE A 20 3.92 3.42 6.09
CA ILE A 20 4.53 4.63 6.57
C ILE A 20 5.32 5.20 5.44
N LEU A 21 5.00 6.45 5.05
CA LEU A 21 5.69 7.10 3.96
C LEU A 21 6.72 8.01 4.56
N THR A 22 7.99 7.84 4.13
CA THR A 22 9.04 8.69 4.65
C THR A 22 9.10 9.94 3.83
N SER A 23 8.42 9.94 2.66
CA SER A 23 8.43 11.10 1.80
C SER A 23 7.33 12.03 2.22
N GLU A 24 6.42 11.56 3.10
CA GLU A 24 5.33 12.39 3.55
C GLU A 24 5.61 12.74 4.98
N ARG A 25 6.38 13.83 5.19
CA ARG A 25 6.72 14.26 6.52
C ARG A 25 5.47 14.72 7.24
N SER A 26 4.57 15.41 6.51
CA SER A 26 3.35 15.92 7.12
C SER A 26 2.48 14.79 7.58
N GLN A 27 2.45 13.66 6.86
CA GLN A 27 1.61 12.56 7.28
C GLN A 27 2.29 11.27 6.88
N PRO A 28 3.14 10.77 7.73
CA PRO A 28 3.85 9.53 7.46
C PRO A 28 3.05 8.33 7.87
N PHE A 29 1.79 8.25 7.38
CA PHE A 29 0.95 7.15 7.72
C PHE A 29 -0.25 7.19 6.81
N ARG A 30 -0.17 6.50 5.66
CA ARG A 30 -1.28 6.47 4.75
C ARG A 30 -1.95 5.15 4.94
N VAL A 31 -3.28 5.16 5.12
CA VAL A 31 -4.00 3.93 5.35
C VAL A 31 -4.83 3.64 4.15
N ILE A 32 -4.62 2.45 3.54
CA ILE A 32 -5.40 2.04 2.41
C ILE A 32 -6.30 0.94 2.91
N SER A 33 -7.57 0.95 2.49
CA SER A 33 -8.48 -0.07 2.93
C SER A 33 -9.09 -0.67 1.71
N ILE A 34 -8.98 -2.01 1.58
CA ILE A 34 -9.52 -2.67 0.42
C ILE A 34 -10.09 -3.97 0.89
N ALA A 35 -10.97 -4.59 0.07
CA ALA A 35 -11.56 -5.85 0.43
C ALA A 35 -10.48 -6.90 0.33
N GLU A 36 -10.66 -8.02 1.06
CA GLU A 36 -9.69 -9.09 1.03
C GLU A 36 -9.64 -9.65 -0.37
N GLU A 37 -10.82 -9.77 -1.02
CA GLU A 37 -10.88 -10.31 -2.35
C GLU A 37 -10.76 -9.21 -3.36
N ALA A 38 -10.51 -7.95 -2.90
CA ALA A 38 -10.40 -6.84 -3.82
C ALA A 38 -9.04 -6.93 -4.48
N PRO A 39 -8.95 -6.41 -5.68
CA PRO A 39 -7.71 -6.43 -6.44
C PRO A 39 -6.71 -5.42 -5.94
N LEU A 40 -5.42 -5.64 -6.28
CA LEU A 40 -4.36 -4.76 -5.89
C LEU A 40 -4.53 -3.42 -6.56
N THR A 41 -5.42 -3.33 -7.57
CA THR A 41 -5.64 -2.09 -8.28
C THR A 41 -6.13 -1.03 -7.33
N ALA A 42 -7.01 -1.38 -6.37
CA ALA A 42 -7.54 -0.40 -5.45
C ALA A 42 -6.40 0.14 -4.62
N ALA A 43 -5.48 -0.74 -4.20
CA ALA A 43 -4.36 -0.32 -3.38
C ALA A 43 -3.48 0.60 -4.18
N LEU A 44 -3.27 0.27 -5.47
CA LEU A 44 -2.44 1.06 -6.35
C LEU A 44 -2.99 2.45 -6.45
N ARG A 45 -4.34 2.60 -6.53
CA ARG A 45 -4.93 3.91 -6.65
C ARG A 45 -4.55 4.74 -5.45
N PHE A 46 -4.66 4.15 -4.23
CA PHE A 46 -4.31 4.89 -3.03
C PHE A 46 -2.81 5.00 -2.96
N ALA A 47 -2.09 4.00 -3.52
CA ALA A 47 -0.65 3.99 -3.50
C ALA A 47 -0.14 5.19 -4.26
N ALA A 48 -0.85 5.55 -5.36
CA ALA A 48 -0.46 6.69 -6.17
C ALA A 48 -0.49 7.93 -5.32
N GLU A 49 -1.46 8.02 -4.39
CA GLU A 49 -1.60 9.19 -3.53
C GLU A 49 -0.42 9.26 -2.59
N GLU A 50 0.10 8.09 -2.17
CA GLU A 50 1.18 8.04 -1.22
C GLU A 50 2.41 8.75 -1.73
N PHE A 51 2.77 8.58 -3.02
CA PHE A 51 3.97 9.22 -3.52
C PHE A 51 3.62 10.34 -4.45
N GLY A 52 2.40 10.32 -5.04
CA GLY A 52 2.02 11.36 -5.97
C GLY A 52 2.57 11.02 -7.32
N ILE A 53 3.26 9.87 -7.41
CA ILE A 53 3.85 9.44 -8.66
C ILE A 53 3.65 7.97 -8.76
N ALA A 54 4.30 7.32 -9.75
CA ALA A 54 4.17 5.89 -9.91
C ALA A 54 4.87 5.27 -8.73
N SER A 55 4.07 4.62 -7.86
CA SER A 55 4.60 3.99 -6.68
C SER A 55 5.38 2.76 -7.04
N VAL A 56 5.25 2.29 -8.31
CA VAL A 56 5.95 1.09 -8.73
C VAL A 56 7.44 1.37 -8.69
N ASP A 57 7.85 2.60 -9.07
CA ASP A 57 9.25 2.94 -9.10
C ASP A 57 9.73 3.22 -7.69
N SER A 58 8.79 3.35 -6.73
CA SER A 58 9.16 3.64 -5.36
C SER A 58 8.79 2.48 -4.50
N MET A 59 8.60 1.29 -5.12
CA MET A 59 8.19 0.13 -4.35
C MET A 59 9.40 -0.52 -3.78
N ALA A 60 10.07 0.18 -2.83
CA ALA A 60 11.21 -0.38 -2.17
C ALA A 60 10.89 -0.28 -0.71
N ALA A 61 9.96 -1.11 -0.25
CA ALA A 61 9.56 -1.07 1.13
C ALA A 61 10.38 -2.06 1.89
N THR A 62 10.56 -1.80 3.20
CA THR A 62 11.31 -2.69 4.01
C THR A 62 10.49 -2.96 5.24
N THR A 63 10.53 -4.23 5.71
CA THR A 63 9.81 -4.59 6.91
C THR A 63 10.82 -4.66 8.01
N LYS A 64 10.34 -4.90 9.25
CA LYS A 64 11.23 -5.00 10.39
C LYS A 64 12.08 -6.23 10.20
N ASP A 65 11.61 -7.17 9.35
CA ASP A 65 12.34 -8.39 9.11
C ASP A 65 13.37 -8.14 8.02
N GLY A 66 13.28 -6.98 7.35
CA GLY A 66 14.24 -6.67 6.31
C GLY A 66 13.52 -6.54 5.00
N THR A 67 13.26 -7.68 4.32
CA THR A 67 12.59 -7.66 3.04
C THR A 67 11.16 -7.27 3.26
N GLY A 68 10.70 -6.25 2.51
CA GLY A 68 9.32 -5.81 2.63
C GLY A 68 8.89 -5.27 1.31
N ILE A 69 9.35 -5.91 0.23
CA ILE A 69 9.02 -5.46 -1.10
C ILE A 69 7.63 -5.95 -1.39
N ASN A 70 6.72 -5.05 -1.82
CA ASN A 70 5.37 -5.47 -2.11
C ASN A 70 5.34 -5.98 -3.52
N PRO A 71 4.98 -7.24 -3.70
CA PRO A 71 4.92 -7.84 -5.02
C PRO A 71 3.55 -7.81 -5.63
N ALA A 72 2.66 -8.75 -5.23
CA ALA A 72 1.34 -8.82 -5.78
C ALA A 72 0.53 -7.65 -5.26
N GLN A 73 0.87 -7.18 -4.04
CA GLN A 73 0.17 -6.06 -3.43
C GLN A 73 -1.26 -6.44 -3.14
N THR A 74 -1.54 -7.75 -2.96
CA THR A 74 -2.90 -8.14 -2.66
C THR A 74 -3.11 -7.87 -1.19
N ALA A 75 -4.38 -7.64 -0.78
CA ALA A 75 -4.66 -7.35 0.61
C ALA A 75 -4.29 -8.51 1.49
N GLY A 76 -4.66 -9.74 1.07
CA GLY A 76 -4.40 -10.91 1.87
C GLY A 76 -2.92 -11.22 1.91
N ASN A 77 -2.23 -11.02 0.78
CA ASN A 77 -0.83 -11.37 0.71
C ASN A 77 0.01 -10.43 1.55
N VAL A 78 -0.27 -9.12 1.54
CA VAL A 78 0.54 -8.20 2.31
C VAL A 78 0.12 -8.22 3.76
N PHE A 79 -1.17 -8.44 4.03
CA PHE A 79 -1.66 -8.46 5.40
C PHE A 79 -0.94 -9.52 6.20
N MET A 80 -0.85 -10.74 5.65
CA MET A 80 -0.23 -11.83 6.36
C MET A 80 1.26 -11.62 6.53
N LYS A 81 1.96 -11.10 5.50
CA LYS A 81 3.41 -10.98 5.59
C LYS A 81 3.84 -9.71 6.29
N TYR A 82 3.16 -8.56 6.09
CA TYR A 82 3.65 -7.33 6.68
C TYR A 82 2.64 -6.78 7.63
N GLY A 83 1.35 -7.03 7.38
CA GLY A 83 0.33 -6.52 8.26
C GLY A 83 0.30 -5.03 8.11
N GLN A 84 -0.16 -4.32 9.15
CA GLN A 84 -0.21 -2.89 9.08
C GLN A 84 1.06 -2.34 9.68
N GLU A 85 2.23 -2.75 9.13
CA GLU A 85 3.48 -2.26 9.65
C GLU A 85 4.53 -2.48 8.60
N ILE A 86 4.63 -1.52 7.66
CA ILE A 86 5.63 -1.61 6.61
C ILE A 86 6.10 -0.20 6.33
N ARG A 87 7.40 -0.04 6.00
CA ARG A 87 7.93 1.28 5.73
C ARG A 87 8.25 1.33 4.25
N LEU A 88 7.75 2.37 3.53
CA LEU A 88 8.01 2.45 2.10
C LEU A 88 9.15 3.40 1.86
N ILE A 89 10.11 2.98 1.01
CA ILE A 89 11.24 3.81 0.68
C ILE A 89 11.29 3.89 -0.83
N PRO A 90 11.56 5.08 -1.35
CA PRO A 90 11.69 5.27 -2.78
C PRO A 90 13.10 5.07 -3.24
N ARG A 91 13.57 3.81 -3.15
CA ARG A 91 14.91 3.47 -3.56
C ARG A 91 14.97 3.46 -5.06
N ASP A 92 16.12 3.90 -5.63
CA ASP A 92 16.32 3.92 -7.07
C ASP A 92 15.59 5.12 -7.61
N ARG A 93 15.63 6.24 -6.86
CA ARG A 93 14.99 7.44 -7.30
C ARG A 93 15.60 8.57 -6.51
N VAL A 94 15.23 8.67 -5.22
CA VAL A 94 15.76 9.71 -4.37
C VAL A 94 17.23 9.44 -4.19
N GLY A 95 17.58 8.16 -3.94
CA GLY A 95 18.96 7.81 -3.76
C GLY A 95 19.08 6.28 -3.84
N MET A 1 -1.36 -7.03 -14.29
CA MET A 1 -1.60 -7.23 -12.83
C MET A 1 -2.83 -6.49 -12.38
N SER A 2 -2.93 -5.19 -12.77
CA SER A 2 -4.08 -4.41 -12.38
C SER A 2 -5.19 -4.75 -13.33
N GLN A 3 -6.41 -4.88 -12.79
CA GLN A 3 -7.56 -5.21 -13.60
C GLN A 3 -8.65 -4.24 -13.25
N ASN A 4 -9.54 -3.94 -14.21
CA ASN A 4 -10.61 -3.02 -13.94
C ASN A 4 -11.76 -3.82 -13.39
N GLU A 5 -11.91 -3.80 -12.05
CA GLU A 5 -12.98 -4.54 -11.42
C GLU A 5 -13.31 -3.81 -10.16
N GLU A 6 -14.63 -3.71 -9.85
CA GLU A 6 -15.05 -3.02 -8.66
C GLU A 6 -14.71 -3.90 -7.49
N ALA A 7 -14.23 -3.29 -6.39
CA ALA A 7 -13.87 -4.05 -5.22
C ALA A 7 -15.13 -4.33 -4.45
N PRO A 8 -15.31 -5.57 -4.06
CA PRO A 8 -16.48 -5.98 -3.30
C PRO A 8 -16.29 -5.76 -1.82
N ALA A 9 -16.21 -4.48 -1.41
CA ALA A 9 -16.03 -4.18 -0.01
C ALA A 9 -17.35 -4.24 0.69
N ARG A 10 -18.46 -4.18 -0.09
CA ARG A 10 -19.78 -4.22 0.51
C ARG A 10 -20.03 -5.60 1.04
N SER A 11 -19.63 -6.65 0.28
CA SER A 11 -19.84 -8.00 0.73
C SER A 11 -18.50 -8.67 0.77
N GLY A 12 -18.01 -9.01 1.98
CA GLY A 12 -16.73 -9.65 2.08
C GLY A 12 -16.10 -9.17 3.35
N GLY A 13 -14.77 -9.39 3.46
CA GLY A 13 -14.06 -8.96 4.65
C GLY A 13 -13.28 -7.75 4.27
N LYS A 14 -13.19 -6.78 5.19
CA LYS A 14 -12.46 -5.56 4.92
C LYS A 14 -11.23 -5.56 5.76
N VAL A 15 -10.11 -5.09 5.19
CA VAL A 15 -8.86 -5.07 5.91
C VAL A 15 -8.30 -3.67 5.78
N THR A 16 -7.75 -3.13 6.87
CA THR A 16 -7.19 -1.80 6.85
C THR A 16 -5.70 -1.95 6.92
N PHE A 17 -4.98 -1.31 5.99
CA PHE A 17 -3.54 -1.40 5.97
C PHE A 17 -2.99 -0.03 6.20
N ARG A 18 -1.88 0.04 6.97
CA ARG A 18 -1.28 1.31 7.26
C ARG A 18 0.09 1.28 6.65
N ILE A 19 0.43 2.34 5.90
CA ILE A 19 1.72 2.41 5.25
C ILE A 19 2.42 3.60 5.82
N ILE A 20 3.68 3.42 6.28
CA ILE A 20 4.41 4.52 6.85
C ILE A 20 5.18 5.17 5.73
N LEU A 21 4.89 6.45 5.46
CA LEU A 21 5.58 7.15 4.40
C LEU A 21 6.65 7.99 5.02
N THR A 22 7.89 7.86 4.49
CA THR A 22 9.00 8.64 5.02
C THR A 22 9.15 9.86 4.17
N SER A 23 8.61 9.83 2.93
CA SER A 23 8.75 10.96 2.03
C SER A 23 7.75 12.02 2.42
N GLU A 24 6.73 11.66 3.22
CA GLU A 24 5.75 12.64 3.62
C GLU A 24 5.77 12.69 5.11
N ARG A 25 6.70 13.51 5.68
CA ARG A 25 6.80 13.64 7.11
C ARG A 25 5.56 14.31 7.66
N SER A 26 4.82 15.04 6.80
CA SER A 26 3.62 15.72 7.23
C SER A 26 2.60 14.69 7.65
N GLN A 27 2.54 13.55 6.93
CA GLN A 27 1.60 12.52 7.27
C GLN A 27 2.24 11.20 6.96
N PRO A 28 2.99 10.67 7.91
CA PRO A 28 3.65 9.40 7.74
C PRO A 28 2.77 8.23 8.05
N PHE A 29 1.46 8.39 7.81
CA PHE A 29 0.52 7.32 8.08
C PHE A 29 -0.56 7.40 7.04
N ARG A 30 -0.37 6.72 5.89
CA ARG A 30 -1.37 6.73 4.87
C ARG A 30 -2.06 5.40 4.98
N VAL A 31 -3.40 5.41 5.16
CA VAL A 31 -4.10 4.16 5.32
C VAL A 31 -4.92 3.89 4.10
N ILE A 32 -4.93 2.61 3.67
CA ILE A 32 -5.71 2.22 2.53
C ILE A 32 -6.63 1.14 3.02
N SER A 33 -7.91 1.17 2.57
CA SER A 33 -8.84 0.16 2.98
C SER A 33 -9.06 -0.70 1.80
N ILE A 34 -8.71 -2.00 1.92
CA ILE A 34 -8.86 -2.90 0.81
C ILE A 34 -9.54 -4.12 1.34
N ALA A 35 -10.48 -4.69 0.55
CA ALA A 35 -11.15 -5.88 1.00
C ALA A 35 -10.17 -7.02 0.87
N GLU A 36 -10.34 -8.06 1.70
CA GLU A 36 -9.44 -9.19 1.65
C GLU A 36 -9.53 -9.83 0.29
N GLU A 37 -10.76 -9.90 -0.28
CA GLU A 37 -10.96 -10.52 -1.57
C GLU A 37 -10.92 -9.46 -2.64
N ALA A 38 -10.55 -8.21 -2.30
CA ALA A 38 -10.51 -7.16 -3.28
C ALA A 38 -9.19 -7.21 -3.99
N PRO A 39 -9.19 -6.72 -5.22
CA PRO A 39 -7.98 -6.68 -6.04
C PRO A 39 -7.02 -5.61 -5.63
N LEU A 40 -5.76 -5.75 -6.07
CA LEU A 40 -4.71 -4.79 -5.77
C LEU A 40 -5.02 -3.48 -6.44
N THR A 41 -5.98 -3.46 -7.39
CA THR A 41 -6.30 -2.26 -8.12
C THR A 41 -6.74 -1.18 -7.17
N ALA A 42 -7.55 -1.52 -6.14
CA ALA A 42 -8.04 -0.52 -5.22
C ALA A 42 -6.87 0.07 -4.47
N ALA A 43 -5.89 -0.77 -4.11
CA ALA A 43 -4.74 -0.30 -3.38
C ALA A 43 -3.93 0.63 -4.25
N LEU A 44 -3.80 0.31 -5.55
CA LEU A 44 -3.01 1.12 -6.46
C LEU A 44 -3.55 2.53 -6.52
N ARG A 45 -4.88 2.70 -6.40
CA ARG A 45 -5.46 4.02 -6.49
C ARG A 45 -4.93 4.89 -5.37
N PHE A 46 -4.85 4.35 -4.14
CA PHE A 46 -4.36 5.13 -3.02
C PHE A 46 -2.87 5.01 -2.96
N ALA A 47 -2.33 3.90 -3.50
CA ALA A 47 -0.90 3.66 -3.47
C ALA A 47 -0.21 4.72 -4.28
N ALA A 48 -0.88 5.24 -5.34
CA ALA A 48 -0.29 6.26 -6.18
C ALA A 48 0.04 7.46 -5.33
N GLU A 49 -0.84 7.80 -4.36
CA GLU A 49 -0.60 8.93 -3.50
C GLU A 49 0.56 8.59 -2.60
N GLU A 50 0.64 7.33 -2.16
CA GLU A 50 1.69 6.89 -1.27
C GLU A 50 3.03 6.98 -1.95
N PHE A 51 3.10 6.61 -3.25
CA PHE A 51 4.37 6.65 -3.94
C PHE A 51 4.65 8.08 -4.33
N GLY A 52 3.57 8.86 -4.53
CA GLY A 52 3.70 10.25 -4.89
C GLY A 52 3.93 10.37 -6.37
N ILE A 53 4.14 9.21 -7.07
CA ILE A 53 4.35 9.24 -8.49
C ILE A 53 3.84 7.94 -9.01
N ALA A 54 3.56 7.87 -10.33
CA ALA A 54 3.08 6.66 -10.91
C ALA A 54 4.27 5.93 -11.45
N SER A 55 5.08 5.33 -10.55
CA SER A 55 6.24 4.61 -11.01
C SER A 55 6.52 3.50 -10.03
N VAL A 56 6.95 2.35 -10.57
CA VAL A 56 7.27 1.19 -9.78
C VAL A 56 8.55 1.42 -9.02
N ASP A 57 9.32 2.47 -9.35
CA ASP A 57 10.60 2.69 -8.71
C ASP A 57 10.39 3.16 -7.30
N SER A 58 9.14 3.41 -6.89
CA SER A 58 8.87 3.87 -5.56
C SER A 58 8.43 2.69 -4.72
N MET A 59 8.53 1.47 -5.27
CA MET A 59 8.12 0.30 -4.53
C MET A 59 9.31 -0.25 -3.83
N ALA A 60 9.85 0.50 -2.85
CA ALA A 60 10.97 0.03 -2.09
C ALA A 60 10.52 0.03 -0.67
N ALA A 61 9.70 -0.98 -0.32
CA ALA A 61 9.19 -1.07 1.02
C ALA A 61 10.06 -2.02 1.78
N THR A 62 10.23 -1.75 3.09
CA THR A 62 11.04 -2.61 3.91
C THR A 62 10.25 -2.89 5.16
N THR A 63 10.44 -4.11 5.70
CA THR A 63 9.76 -4.50 6.92
C THR A 63 10.75 -4.37 8.03
N LYS A 64 10.27 -4.51 9.27
CA LYS A 64 11.14 -4.43 10.43
C LYS A 64 12.10 -5.60 10.39
N ASP A 65 11.66 -6.72 9.78
CA ASP A 65 12.49 -7.90 9.71
C ASP A 65 13.57 -7.70 8.67
N GLY A 66 13.32 -6.83 7.67
CA GLY A 66 14.33 -6.60 6.66
C GLY A 66 13.64 -6.23 5.38
N THR A 67 13.68 -7.16 4.39
CA THR A 67 13.06 -6.87 3.12
C THR A 67 11.57 -6.98 3.26
N GLY A 68 10.83 -6.15 2.50
CA GLY A 68 9.39 -6.18 2.57
C GLY A 68 8.88 -5.40 1.41
N ILE A 69 9.36 -5.74 0.20
CA ILE A 69 8.94 -5.05 -0.99
C ILE A 69 7.61 -5.61 -1.39
N ASN A 70 6.64 -4.72 -1.71
CA ASN A 70 5.33 -5.17 -2.08
C ASN A 70 5.38 -5.64 -3.52
N PRO A 71 4.96 -6.86 -3.76
CA PRO A 71 4.96 -7.41 -5.11
C PRO A 71 3.69 -7.15 -5.86
N ALA A 72 2.62 -7.93 -5.58
CA ALA A 72 1.37 -7.76 -6.28
C ALA A 72 0.52 -6.79 -5.52
N GLN A 73 0.86 -6.55 -4.24
CA GLN A 73 0.14 -5.62 -3.39
C GLN A 73 -1.27 -6.14 -3.18
N THR A 74 -1.44 -7.49 -3.10
CA THR A 74 -2.77 -8.01 -2.88
C THR A 74 -3.03 -7.88 -1.39
N ALA A 75 -4.31 -7.80 -0.99
CA ALA A 75 -4.64 -7.66 0.41
C ALA A 75 -4.19 -8.87 1.18
N GLY A 76 -4.42 -10.08 0.62
CA GLY A 76 -4.06 -11.29 1.32
C GLY A 76 -2.58 -11.42 1.50
N ASN A 77 -1.79 -11.08 0.45
CA ASN A 77 -0.36 -11.24 0.54
C ASN A 77 0.23 -10.22 1.49
N VAL A 78 -0.24 -8.97 1.43
CA VAL A 78 0.31 -7.94 2.29
C VAL A 78 -0.04 -8.23 3.72
N PHE A 79 -1.30 -8.64 3.98
CA PHE A 79 -1.73 -8.89 5.34
C PHE A 79 -0.88 -9.96 6.00
N MET A 80 -0.70 -11.10 5.32
CA MET A 80 0.05 -12.19 5.92
C MET A 80 1.53 -11.89 6.01
N LYS A 81 2.11 -11.23 4.98
CA LYS A 81 3.54 -11.00 4.99
C LYS A 81 3.96 -9.76 5.74
N TYR A 82 3.21 -8.64 5.63
CA TYR A 82 3.67 -7.42 6.27
C TYR A 82 2.63 -6.90 7.22
N GLY A 83 1.34 -7.19 6.95
CA GLY A 83 0.31 -6.70 7.82
C GLY A 83 0.17 -5.23 7.58
N GLN A 84 -0.32 -4.50 8.59
CA GLN A 84 -0.49 -3.08 8.46
C GLN A 84 0.71 -2.40 9.07
N GLU A 85 1.90 -3.04 9.01
CA GLU A 85 3.07 -2.44 9.58
C GLU A 85 4.20 -2.61 8.60
N ILE A 86 4.29 -1.67 7.63
CA ILE A 86 5.33 -1.74 6.64
C ILE A 86 5.77 -0.32 6.33
N ARG A 87 7.09 -0.15 6.04
CA ARG A 87 7.59 1.17 5.73
C ARG A 87 7.77 1.23 4.24
N LEU A 88 7.25 2.30 3.60
CA LEU A 88 7.36 2.41 2.16
C LEU A 88 8.26 3.58 1.85
N ILE A 89 9.32 3.35 1.04
CA ILE A 89 10.20 4.43 0.65
C ILE A 89 10.52 4.23 -0.81
N PRO A 90 10.87 5.31 -1.48
CA PRO A 90 11.22 5.27 -2.88
C PRO A 90 12.64 4.83 -3.11
N ARG A 91 12.93 4.34 -4.34
CA ARG A 91 14.26 3.89 -4.66
C ARG A 91 14.77 4.74 -5.78
N ASP A 92 16.04 5.20 -5.66
CA ASP A 92 16.66 6.01 -6.68
C ASP A 92 16.03 7.38 -6.67
N ARG A 93 15.68 7.89 -5.47
CA ARG A 93 15.10 9.21 -5.37
C ARG A 93 15.63 9.83 -4.11
N VAL A 94 15.11 9.41 -2.95
CA VAL A 94 15.59 9.95 -1.69
C VAL A 94 17.01 9.51 -1.50
N GLY A 95 17.29 8.23 -1.81
CA GLY A 95 18.64 7.73 -1.66
C GLY A 95 18.74 6.42 -2.43
N MET A 1 -18.93 -10.50 -16.17
CA MET A 1 -17.69 -11.30 -15.98
C MET A 1 -16.52 -10.63 -16.62
N SER A 2 -15.65 -10.01 -15.79
CA SER A 2 -14.49 -9.34 -16.32
C SER A 2 -13.31 -9.83 -15.55
N GLN A 3 -12.13 -9.85 -16.20
CA GLN A 3 -10.93 -10.32 -15.53
C GLN A 3 -10.59 -9.37 -14.41
N ASN A 4 -10.77 -8.07 -14.67
CA ASN A 4 -10.48 -7.08 -13.65
C ASN A 4 -11.79 -6.57 -13.14
N GLU A 5 -12.03 -6.71 -11.82
CA GLU A 5 -13.26 -6.24 -11.25
C GLU A 5 -12.91 -5.55 -9.96
N GLU A 6 -13.69 -4.52 -9.59
CA GLU A 6 -13.43 -3.80 -8.37
C GLU A 6 -14.40 -4.31 -7.35
N ALA A 7 -13.87 -4.80 -6.20
CA ALA A 7 -14.72 -5.31 -5.16
C ALA A 7 -15.28 -4.13 -4.42
N PRO A 8 -16.57 -4.13 -4.19
CA PRO A 8 -17.22 -3.05 -3.47
C PRO A 8 -16.92 -3.09 -2.00
N ALA A 9 -16.87 -1.91 -1.35
CA ALA A 9 -16.59 -1.87 0.06
C ALA A 9 -17.88 -1.92 0.82
N ARG A 10 -19.02 -1.68 0.12
CA ARG A 10 -20.31 -1.70 0.78
C ARG A 10 -20.65 -3.12 1.16
N SER A 11 -20.38 -4.08 0.24
CA SER A 11 -20.67 -5.46 0.52
C SER A 11 -19.40 -6.24 0.37
N GLY A 12 -18.99 -6.97 1.43
CA GLY A 12 -17.78 -7.76 1.36
C GLY A 12 -17.01 -7.50 2.61
N GLY A 13 -15.76 -8.02 2.65
CA GLY A 13 -14.93 -7.82 3.80
C GLY A 13 -14.14 -6.57 3.59
N LYS A 14 -13.44 -6.11 4.63
CA LYS A 14 -12.64 -4.91 4.51
C LYS A 14 -11.44 -5.10 5.38
N VAL A 15 -10.26 -4.71 4.85
CA VAL A 15 -9.04 -4.84 5.60
C VAL A 15 -8.30 -3.53 5.42
N THR A 16 -7.67 -3.03 6.50
CA THR A 16 -6.96 -1.78 6.41
C THR A 16 -5.50 -2.07 6.65
N PHE A 17 -4.63 -1.31 5.96
CA PHE A 17 -3.21 -1.50 6.12
C PHE A 17 -2.63 -0.13 6.32
N ARG A 18 -1.59 -0.04 7.18
CA ARG A 18 -0.97 1.24 7.45
C ARG A 18 0.37 1.21 6.80
N ILE A 19 0.65 2.23 5.95
CA ILE A 19 1.90 2.30 5.26
C ILE A 19 2.60 3.55 5.74
N ILE A 20 3.86 3.41 6.22
CA ILE A 20 4.58 4.56 6.70
C ILE A 20 5.37 5.11 5.55
N LEU A 21 5.10 6.39 5.22
CA LEU A 21 5.79 7.05 4.14
C LEU A 21 6.84 7.92 4.78
N THR A 22 8.11 7.77 4.33
CA THR A 22 9.17 8.57 4.89
C THR A 22 9.31 9.81 4.06
N SER A 23 8.68 9.84 2.87
CA SER A 23 8.79 11.01 2.02
C SER A 23 7.68 11.97 2.38
N GLU A 24 6.72 11.51 3.21
CA GLU A 24 5.63 12.36 3.62
C GLU A 24 5.70 12.48 5.11
N ARG A 25 6.77 13.12 5.62
CA ARG A 25 6.92 13.28 7.05
C ARG A 25 5.84 14.20 7.57
N SER A 26 5.22 14.99 6.66
CA SER A 26 4.18 15.90 7.07
C SER A 26 2.88 15.16 7.24
N GLN A 27 2.78 13.92 6.71
CA GLN A 27 1.55 13.18 6.85
C GLN A 27 1.88 11.72 6.71
N PRO A 28 2.50 11.18 7.73
CA PRO A 28 2.88 9.78 7.73
C PRO A 28 1.76 8.89 8.11
N PHE A 29 1.91 7.58 7.77
CA PHE A 29 0.92 6.58 8.11
C PHE A 29 -0.31 6.80 7.28
N ARG A 30 -0.24 6.42 5.98
CA ARG A 30 -1.38 6.55 5.11
C ARG A 30 -2.07 5.23 5.21
N VAL A 31 -3.39 5.24 5.48
CA VAL A 31 -4.12 4.01 5.64
C VAL A 31 -4.85 3.72 4.36
N ILE A 32 -4.61 2.52 3.80
CA ILE A 32 -5.29 2.12 2.59
C ILE A 32 -6.33 1.13 3.02
N SER A 33 -7.54 1.22 2.41
CA SER A 33 -8.59 0.31 2.78
C SER A 33 -8.93 -0.46 1.56
N ILE A 34 -8.77 -1.80 1.62
CA ILE A 34 -9.08 -2.63 0.49
C ILE A 34 -9.67 -3.89 1.03
N ALA A 35 -10.55 -4.55 0.25
CA ALA A 35 -11.15 -5.77 0.70
C ALA A 35 -10.18 -6.88 0.46
N GLU A 36 -10.38 -8.02 1.15
CA GLU A 36 -9.51 -9.17 0.97
C GLU A 36 -9.66 -9.65 -0.44
N GLU A 37 -10.89 -9.52 -0.98
CA GLU A 37 -11.19 -9.98 -2.31
C GLU A 37 -10.97 -8.83 -3.28
N ALA A 38 -10.46 -7.68 -2.81
CA ALA A 38 -10.24 -6.56 -3.68
C ALA A 38 -8.90 -6.74 -4.35
N PRO A 39 -8.77 -6.19 -5.54
CA PRO A 39 -7.53 -6.27 -6.30
C PRO A 39 -6.48 -5.32 -5.81
N LEU A 40 -5.22 -5.57 -6.23
CA LEU A 40 -4.11 -4.73 -5.85
C LEU A 40 -4.28 -3.35 -6.44
N THR A 41 -5.21 -3.20 -7.41
CA THR A 41 -5.44 -1.92 -8.06
C THR A 41 -5.89 -0.91 -7.04
N ALA A 42 -6.75 -1.31 -6.08
CA ALA A 42 -7.25 -0.37 -5.10
C ALA A 42 -6.11 0.14 -4.27
N ALA A 43 -5.16 -0.76 -3.91
CA ALA A 43 -4.03 -0.36 -3.09
C ALA A 43 -3.18 0.59 -3.89
N LEU A 44 -3.01 0.30 -5.20
CA LEU A 44 -2.21 1.13 -6.07
C LEU A 44 -2.78 2.51 -6.13
N ARG A 45 -4.12 2.65 -6.17
CA ARG A 45 -4.73 3.97 -6.24
C ARG A 45 -4.37 4.75 -5.00
N PHE A 46 -4.45 4.12 -3.81
CA PHE A 46 -4.13 4.84 -2.59
C PHE A 46 -2.64 5.02 -2.51
N ALA A 47 -1.88 4.00 -2.98
CA ALA A 47 -0.44 4.04 -2.96
C ALA A 47 0.04 5.20 -3.81
N ALA A 48 -0.63 5.41 -4.97
CA ALA A 48 -0.25 6.47 -5.87
C ALA A 48 -0.41 7.81 -5.19
N GLU A 49 -1.33 7.91 -4.22
CA GLU A 49 -1.56 9.16 -3.53
C GLU A 49 -0.36 9.48 -2.68
N GLU A 50 0.28 8.44 -2.12
CA GLU A 50 1.40 8.62 -1.22
C GLU A 50 2.55 9.33 -1.90
N PHE A 51 2.89 8.98 -3.16
CA PHE A 51 4.03 9.62 -3.81
C PHE A 51 3.55 10.56 -4.89
N GLY A 52 2.34 10.36 -5.44
CA GLY A 52 1.84 11.24 -6.47
C GLY A 52 2.40 10.82 -7.80
N ILE A 53 3.15 9.70 -7.83
CA ILE A 53 3.74 9.22 -9.06
C ILE A 53 3.50 7.75 -9.15
N ALA A 54 4.08 7.11 -10.20
CA ALA A 54 3.94 5.70 -10.36
C ALA A 54 4.61 5.06 -9.18
N SER A 55 3.89 4.15 -8.52
CA SER A 55 4.40 3.49 -7.35
C SER A 55 5.31 2.37 -7.74
N VAL A 56 5.49 2.12 -9.06
CA VAL A 56 6.36 1.05 -9.49
C VAL A 56 7.78 1.42 -9.13
N ASP A 57 8.13 2.72 -9.26
CA ASP A 57 9.48 3.15 -8.95
C ASP A 57 9.64 3.23 -7.45
N SER A 58 8.52 3.38 -6.73
CA SER A 58 8.59 3.52 -5.28
C SER A 58 8.29 2.20 -4.65
N MET A 59 8.41 1.09 -5.40
CA MET A 59 8.11 -0.21 -4.87
C MET A 59 9.33 -0.72 -4.15
N ALA A 60 9.71 -0.04 -3.05
CA ALA A 60 10.82 -0.49 -2.27
C ALA A 60 10.34 -0.48 -0.84
N ALA A 61 9.46 -1.43 -0.50
CA ALA A 61 8.94 -1.49 0.85
C ALA A 61 9.90 -2.31 1.66
N THR A 62 10.02 -1.99 2.96
CA THR A 62 10.91 -2.72 3.81
C THR A 62 10.19 -2.96 5.11
N THR A 63 10.51 -4.11 5.74
CA THR A 63 9.92 -4.46 7.00
C THR A 63 10.94 -4.15 8.05
N LYS A 64 10.52 -4.14 9.32
CA LYS A 64 11.43 -3.89 10.41
C LYS A 64 12.44 -5.01 10.49
N ASP A 65 12.12 -6.17 9.87
CA ASP A 65 13.02 -7.30 9.91
C ASP A 65 14.00 -7.21 8.77
N GLY A 66 13.64 -6.51 7.67
CA GLY A 66 14.55 -6.41 6.56
C GLY A 66 13.77 -6.21 5.30
N THR A 67 14.01 -7.09 4.30
CA THR A 67 13.34 -6.98 3.03
C THR A 67 11.87 -7.22 3.23
N GLY A 68 11.03 -6.34 2.65
CA GLY A 68 9.60 -6.49 2.78
C GLY A 68 8.98 -5.75 1.63
N ILE A 69 9.44 -6.09 0.41
CA ILE A 69 8.95 -5.44 -0.78
C ILE A 69 7.63 -6.08 -1.14
N ASN A 70 6.64 -5.23 -1.53
CA ASN A 70 5.33 -5.76 -1.88
C ASN A 70 5.40 -6.19 -3.32
N PRO A 71 5.16 -7.47 -3.59
CA PRO A 71 5.19 -7.97 -4.94
C PRO A 71 3.85 -7.94 -5.64
N ALA A 72 2.95 -8.89 -5.32
CA ALA A 72 1.66 -8.93 -5.96
C ALA A 72 0.82 -7.80 -5.44
N GLN A 73 1.08 -7.39 -4.17
CA GLN A 73 0.35 -6.31 -3.55
C GLN A 73 -1.10 -6.70 -3.37
N THR A 74 -1.37 -8.02 -3.26
CA THR A 74 -2.75 -8.44 -3.07
C THR A 74 -3.07 -8.22 -1.62
N ALA A 75 -4.37 -8.06 -1.29
CA ALA A 75 -4.76 -7.82 0.08
C ALA A 75 -4.40 -9.01 0.94
N GLY A 76 -4.66 -10.23 0.45
CA GLY A 76 -4.40 -11.43 1.24
C GLY A 76 -2.92 -11.61 1.45
N ASN A 77 -2.10 -11.36 0.41
CA ASN A 77 -0.67 -11.57 0.55
C ASN A 77 -0.08 -10.53 1.46
N VAL A 78 -0.50 -9.26 1.33
CA VAL A 78 0.06 -8.22 2.14
C VAL A 78 -0.31 -8.47 3.59
N PHE A 79 -1.58 -8.86 3.84
CA PHE A 79 -2.02 -9.08 5.20
C PHE A 79 -1.18 -10.13 5.88
N MET A 80 -0.99 -11.29 5.22
CA MET A 80 -0.24 -12.36 5.82
C MET A 80 1.23 -12.03 5.91
N LYS A 81 1.78 -11.33 4.90
CA LYS A 81 3.21 -11.08 4.90
C LYS A 81 3.59 -9.90 5.77
N TYR A 82 2.95 -8.72 5.61
CA TYR A 82 3.38 -7.55 6.38
C TYR A 82 2.26 -6.98 7.18
N GLY A 83 1.01 -7.09 6.69
CA GLY A 83 -0.12 -6.55 7.40
C GLY A 83 0.08 -5.07 7.54
N GLN A 84 -0.11 -4.55 8.77
CA GLN A 84 0.07 -3.16 9.03
C GLN A 84 1.47 -2.98 9.56
N GLU A 85 2.01 -1.76 9.38
CA GLU A 85 3.34 -1.43 9.87
C GLU A 85 4.37 -1.77 8.82
N ILE A 86 4.04 -1.49 7.53
CA ILE A 86 4.97 -1.74 6.46
C ILE A 86 5.51 -0.38 6.06
N ARG A 87 6.86 -0.27 5.86
CA ARG A 87 7.42 1.00 5.49
C ARG A 87 7.59 1.00 4.00
N LEU A 88 7.15 2.09 3.33
CA LEU A 88 7.30 2.15 1.89
C LEU A 88 8.26 3.25 1.56
N ILE A 89 9.34 2.94 0.80
CA ILE A 89 10.29 3.95 0.42
C ILE A 89 10.56 3.77 -1.05
N PRO A 90 10.97 4.86 -1.69
CA PRO A 90 11.27 4.84 -3.10
C PRO A 90 12.64 4.30 -3.42
N ARG A 91 12.78 3.69 -4.63
CA ARG A 91 14.03 3.13 -5.04
C ARG A 91 14.44 3.85 -6.29
N ASP A 92 15.77 3.97 -6.52
CA ASP A 92 16.29 4.62 -7.70
C ASP A 92 15.83 6.06 -7.71
N ARG A 93 15.72 6.68 -6.52
CA ARG A 93 15.30 8.06 -6.45
C ARG A 93 16.00 8.67 -5.28
N VAL A 94 15.41 8.51 -4.07
CA VAL A 94 16.01 9.06 -2.88
C VAL A 94 17.32 8.35 -2.64
N GLY A 95 17.32 7.01 -2.79
CA GLY A 95 18.55 6.27 -2.59
C GLY A 95 18.38 4.91 -3.27
N MET A 1 -13.69 6.35 -16.03
CA MET A 1 -15.09 6.78 -15.85
C MET A 1 -15.79 5.89 -14.86
N SER A 2 -16.18 6.46 -13.70
CA SER A 2 -16.85 5.68 -12.69
C SER A 2 -17.77 6.61 -11.96
N GLN A 3 -18.97 6.11 -11.61
CA GLN A 3 -19.94 6.93 -10.90
C GLN A 3 -19.38 7.24 -9.54
N ASN A 4 -18.74 6.23 -8.91
CA ASN A 4 -18.18 6.43 -7.60
C ASN A 4 -16.70 6.56 -7.76
N GLU A 5 -16.11 7.66 -7.23
CA GLU A 5 -14.70 7.86 -7.34
C GLU A 5 -13.99 6.80 -6.55
N GLU A 6 -14.54 6.45 -5.37
CA GLU A 6 -13.93 5.44 -4.54
C GLU A 6 -15.01 4.47 -4.17
N ALA A 7 -14.65 3.19 -4.02
CA ALA A 7 -15.62 2.18 -3.67
C ALA A 7 -15.94 2.35 -2.21
N PRO A 8 -17.21 2.35 -1.87
CA PRO A 8 -17.66 2.48 -0.50
C PRO A 8 -17.43 1.24 0.30
N ALA A 9 -17.30 1.39 1.64
CA ALA A 9 -17.07 0.25 2.48
C ALA A 9 -18.40 -0.31 2.89
N ARG A 10 -19.28 -0.57 1.88
CA ARG A 10 -20.59 -1.12 2.16
C ARG A 10 -20.39 -2.55 2.61
N SER A 11 -19.47 -3.26 1.92
CA SER A 11 -19.21 -4.65 2.27
C SER A 11 -18.43 -4.66 3.56
N GLY A 12 -18.72 -5.65 4.42
CA GLY A 12 -18.02 -5.75 5.69
C GLY A 12 -16.75 -6.51 5.47
N GLY A 13 -16.52 -6.97 4.22
CA GLY A 13 -15.32 -7.72 3.92
C GLY A 13 -14.29 -6.74 3.46
N LYS A 14 -13.77 -5.92 4.41
CA LYS A 14 -12.78 -4.93 4.08
C LYS A 14 -11.62 -5.10 5.01
N VAL A 15 -10.43 -4.78 4.48
CA VAL A 15 -9.21 -4.89 5.25
C VAL A 15 -8.48 -3.59 5.08
N THR A 16 -7.89 -3.07 6.18
CA THR A 16 -7.16 -1.84 6.09
C THR A 16 -5.70 -2.17 6.20
N PHE A 17 -4.85 -1.38 5.51
CA PHE A 17 -3.44 -1.63 5.54
C PHE A 17 -2.79 -0.29 5.74
N ARG A 18 -1.83 -0.21 6.70
CA ARG A 18 -1.18 1.04 6.98
C ARG A 18 0.21 0.99 6.44
N ILE A 19 0.59 2.05 5.70
CA ILE A 19 1.92 2.13 5.14
C ILE A 19 2.55 3.36 5.73
N ILE A 20 3.79 3.22 6.24
CA ILE A 20 4.45 4.35 6.84
C ILE A 20 5.26 5.01 5.76
N LEU A 21 4.91 6.27 5.43
CA LEU A 21 5.63 6.99 4.41
C LEU A 21 6.58 7.91 5.12
N THR A 22 7.90 7.72 4.89
CA THR A 22 8.88 8.55 5.55
C THR A 22 9.13 9.79 4.74
N SER A 23 8.55 9.87 3.53
CA SER A 23 8.75 11.03 2.69
C SER A 23 7.76 12.09 3.09
N GLU A 24 6.77 11.75 3.94
CA GLU A 24 5.79 12.72 4.36
C GLU A 24 5.85 12.80 5.86
N ARG A 25 6.59 13.79 6.38
CA ARG A 25 6.73 13.96 7.81
C ARG A 25 5.41 14.34 8.42
N SER A 26 4.61 15.16 7.69
CA SER A 26 3.34 15.63 8.21
C SER A 26 2.42 14.47 8.48
N GLN A 27 2.43 13.44 7.62
CA GLN A 27 1.56 12.32 7.83
C GLN A 27 2.25 11.08 7.33
N PRO A 28 3.01 10.46 8.21
CA PRO A 28 3.73 9.25 7.86
C PRO A 28 2.92 8.01 8.10
N PHE A 29 1.59 8.09 7.95
CA PHE A 29 0.74 6.94 8.15
C PHE A 29 -0.41 7.07 7.21
N ARG A 30 -0.30 6.43 6.02
CA ARG A 30 -1.38 6.46 5.08
C ARG A 30 -2.12 5.17 5.20
N VAL A 31 -3.47 5.24 5.24
CA VAL A 31 -4.25 4.04 5.39
C VAL A 31 -4.95 3.79 4.09
N ILE A 32 -4.74 2.59 3.50
CA ILE A 32 -5.39 2.24 2.27
C ILE A 32 -6.45 1.26 2.62
N SER A 33 -7.63 1.40 1.97
CA SER A 33 -8.73 0.49 2.22
C SER A 33 -8.83 -0.40 1.02
N ILE A 34 -8.69 -1.71 1.24
CA ILE A 34 -8.74 -2.66 0.15
C ILE A 34 -9.48 -3.86 0.65
N ALA A 35 -9.96 -4.72 -0.26
CA ALA A 35 -10.67 -5.89 0.15
C ALA A 35 -9.89 -7.07 -0.35
N GLU A 36 -10.07 -8.24 0.31
CA GLU A 36 -9.38 -9.44 -0.10
C GLU A 36 -9.92 -9.86 -1.44
N GLU A 37 -11.18 -9.45 -1.73
CA GLU A 37 -11.80 -9.79 -2.97
C GLU A 37 -11.48 -8.72 -3.99
N ALA A 38 -10.99 -7.55 -3.50
CA ALA A 38 -10.68 -6.46 -4.39
C ALA A 38 -9.29 -6.69 -4.92
N PRO A 39 -9.02 -6.17 -6.10
CA PRO A 39 -7.72 -6.30 -6.72
C PRO A 39 -6.69 -5.38 -6.12
N LEU A 40 -5.40 -5.71 -6.34
CA LEU A 40 -4.30 -4.91 -5.85
C LEU A 40 -4.34 -3.54 -6.46
N THR A 41 -5.15 -3.36 -7.52
CA THR A 41 -5.24 -2.08 -8.21
C THR A 41 -5.70 -1.01 -7.24
N ALA A 42 -6.65 -1.36 -6.33
CA ALA A 42 -7.16 -0.38 -5.40
C ALA A 42 -6.03 0.11 -4.52
N ALA A 43 -5.15 -0.82 -4.09
CA ALA A 43 -4.05 -0.45 -3.24
C ALA A 43 -3.12 0.45 -4.01
N LEU A 44 -2.87 0.10 -5.30
CA LEU A 44 -1.98 0.86 -6.14
C LEU A 44 -2.49 2.26 -6.29
N ARG A 45 -3.83 2.43 -6.43
CA ARG A 45 -4.38 3.77 -6.60
C ARG A 45 -4.07 4.60 -5.38
N PHE A 46 -4.24 4.01 -4.16
CA PHE A 46 -3.96 4.75 -2.96
C PHE A 46 -2.46 4.87 -2.81
N ALA A 47 -1.71 3.85 -3.26
CA ALA A 47 -0.27 3.84 -3.17
C ALA A 47 0.26 5.00 -3.97
N ALA A 48 -0.39 5.28 -5.13
CA ALA A 48 0.02 6.35 -6.00
C ALA A 48 -0.08 7.67 -5.27
N GLU A 49 -0.98 7.75 -4.26
CA GLU A 49 -1.15 8.99 -3.52
C GLU A 49 0.08 9.28 -2.71
N GLU A 50 0.77 8.23 -2.22
CA GLU A 50 1.92 8.43 -1.36
C GLU A 50 3.00 9.23 -2.06
N PHE A 51 3.35 8.92 -3.33
CA PHE A 51 4.41 9.66 -3.99
C PHE A 51 3.84 10.51 -5.09
N GLY A 52 2.55 10.34 -5.42
CA GLY A 52 1.95 11.13 -6.47
C GLY A 52 2.18 10.44 -7.79
N ILE A 53 2.94 9.31 -7.80
CA ILE A 53 3.18 8.61 -9.02
C ILE A 53 2.97 7.15 -8.74
N ALA A 54 2.61 6.37 -9.78
CA ALA A 54 2.39 4.95 -9.60
C ALA A 54 3.29 4.27 -10.58
N SER A 55 4.36 3.61 -10.07
CA SER A 55 5.27 2.93 -10.95
C SER A 55 6.23 2.17 -10.08
N VAL A 56 7.34 1.71 -10.68
CA VAL A 56 8.34 0.97 -9.94
C VAL A 56 9.05 1.91 -8.99
N ASP A 57 8.90 3.24 -9.20
CA ASP A 57 9.59 4.19 -8.35
C ASP A 57 8.87 4.27 -7.03
N SER A 58 7.67 3.67 -6.93
CA SER A 58 6.93 3.72 -5.70
C SER A 58 6.87 2.33 -5.09
N MET A 59 7.73 1.39 -5.56
CA MET A 59 7.68 0.06 -5.03
C MET A 59 9.02 -0.31 -4.43
N ALA A 60 9.42 0.35 -3.33
CA ALA A 60 10.64 -0.02 -2.67
C ALA A 60 10.30 -0.05 -1.21
N ALA A 61 9.49 -1.04 -0.80
CA ALA A 61 9.08 -1.13 0.57
C ALA A 61 10.03 -2.04 1.28
N THR A 62 10.24 -1.78 2.58
CA THR A 62 11.13 -2.60 3.36
C THR A 62 10.46 -2.90 4.66
N THR A 63 10.79 -4.07 5.24
CA THR A 63 10.24 -4.46 6.51
C THR A 63 11.26 -4.16 7.56
N LYS A 64 10.88 -4.33 8.84
CA LYS A 64 11.79 -4.09 9.93
C LYS A 64 12.91 -5.09 9.83
N ASP A 65 12.57 -6.31 9.37
CA ASP A 65 13.54 -7.36 9.25
C ASP A 65 14.44 -7.09 8.07
N GLY A 66 13.97 -6.32 7.07
CA GLY A 66 14.81 -6.02 5.93
C GLY A 66 13.98 -6.07 4.68
N THR A 67 14.02 -7.22 3.97
CA THR A 67 13.28 -7.36 2.74
C THR A 67 11.82 -7.27 3.02
N GLY A 68 11.11 -6.41 2.25
CA GLY A 68 9.70 -6.25 2.43
C GLY A 68 9.15 -5.62 1.19
N ILE A 69 9.58 -6.14 0.02
CA ILE A 69 9.13 -5.60 -1.23
C ILE A 69 7.75 -6.15 -1.49
N ASN A 70 6.82 -5.26 -1.93
CA ASN A 70 5.47 -5.69 -2.17
C ASN A 70 5.45 -6.46 -3.46
N PRO A 71 4.92 -7.68 -3.42
CA PRO A 71 4.83 -8.50 -4.60
C PRO A 71 3.58 -8.25 -5.39
N ALA A 72 2.44 -8.81 -4.93
CA ALA A 72 1.19 -8.61 -5.62
C ALA A 72 0.47 -7.47 -4.97
N GLN A 73 0.72 -7.26 -3.66
CA GLN A 73 0.10 -6.19 -2.92
C GLN A 73 -1.36 -6.49 -2.71
N THR A 74 -1.72 -7.80 -2.61
CA THR A 74 -3.11 -8.14 -2.38
C THR A 74 -3.37 -7.93 -0.91
N ALA A 75 -4.66 -7.72 -0.55
CA ALA A 75 -5.01 -7.47 0.84
C ALA A 75 -4.67 -8.65 1.69
N GLY A 76 -4.92 -9.87 1.20
CA GLY A 76 -4.66 -11.06 1.99
C GLY A 76 -3.18 -11.23 2.23
N ASN A 77 -2.34 -10.95 1.22
CA ASN A 77 -0.92 -11.14 1.37
C ASN A 77 -0.33 -10.11 2.30
N VAL A 78 -0.74 -8.83 2.18
CA VAL A 78 -0.13 -7.81 3.01
C VAL A 78 -0.65 -7.89 4.43
N PHE A 79 -1.90 -8.38 4.61
CA PHE A 79 -2.49 -8.46 5.92
C PHE A 79 -1.64 -9.31 6.84
N MET A 80 -1.23 -10.51 6.39
CA MET A 80 -0.46 -11.39 7.27
C MET A 80 1.01 -11.21 7.07
N LYS A 81 1.45 -10.86 5.84
CA LYS A 81 2.87 -10.74 5.58
C LYS A 81 3.47 -9.59 6.36
N TYR A 82 2.78 -8.44 6.43
CA TYR A 82 3.38 -7.30 7.13
C TYR A 82 2.64 -7.03 8.41
N GLY A 83 1.33 -7.36 8.48
CA GLY A 83 0.60 -7.12 9.70
C GLY A 83 0.39 -5.65 9.89
N GLN A 84 0.15 -4.89 8.79
CA GLN A 84 -0.07 -3.46 8.88
C GLN A 84 1.15 -2.79 9.46
N GLU A 85 2.36 -3.24 9.04
CA GLU A 85 3.56 -2.63 9.56
C GLU A 85 4.61 -2.75 8.48
N ILE A 86 4.67 -1.74 7.58
CA ILE A 86 5.65 -1.77 6.52
C ILE A 86 6.08 -0.36 6.26
N ARG A 87 7.36 -0.17 5.85
CA ARG A 87 7.84 1.15 5.55
C ARG A 87 7.90 1.25 4.06
N LEU A 88 7.40 2.37 3.50
CA LEU A 88 7.39 2.55 2.08
C LEU A 88 8.49 3.51 1.73
N ILE A 89 9.40 3.09 0.81
CA ILE A 89 10.50 3.94 0.39
C ILE A 89 10.42 3.99 -1.13
N PRO A 90 10.73 5.14 -1.70
CA PRO A 90 10.76 5.29 -3.15
C PRO A 90 11.96 4.64 -3.76
N ARG A 91 11.91 4.37 -5.08
CA ARG A 91 13.02 3.74 -5.74
C ARG A 91 13.52 4.68 -6.80
N ASP A 92 14.85 4.92 -6.79
CA ASP A 92 15.49 5.79 -7.76
C ASP A 92 15.08 7.22 -7.51
N ARG A 93 14.39 7.49 -6.37
CA ARG A 93 13.98 8.84 -6.07
C ARG A 93 14.32 9.11 -4.63
N VAL A 94 15.11 8.20 -4.02
CA VAL A 94 15.49 8.35 -2.64
C VAL A 94 16.34 9.59 -2.52
N GLY A 95 17.30 9.77 -3.46
CA GLY A 95 18.15 10.93 -3.42
C GLY A 95 19.21 10.78 -4.50
N MET A 1 -18.01 20.60 3.25
CA MET A 1 -19.15 20.21 4.13
C MET A 1 -19.10 18.73 4.43
N SER A 2 -18.89 17.91 3.38
CA SER A 2 -18.84 16.48 3.58
C SER A 2 -17.95 15.94 2.50
N GLN A 3 -17.18 14.87 2.82
CA GLN A 3 -16.30 14.29 1.85
C GLN A 3 -17.04 13.18 1.19
N ASN A 4 -17.17 13.25 -0.15
CA ASN A 4 -17.87 12.22 -0.89
C ASN A 4 -16.84 11.20 -1.31
N GLU A 5 -16.85 10.03 -0.64
CA GLU A 5 -15.91 9.00 -0.98
C GLU A 5 -16.65 7.69 -0.91
N GLU A 6 -16.50 6.86 -1.96
CA GLU A 6 -17.18 5.59 -1.99
C GLU A 6 -16.17 4.59 -2.46
N ALA A 7 -16.04 3.47 -1.71
CA ALA A 7 -15.09 2.46 -2.09
C ALA A 7 -15.73 1.61 -3.15
N PRO A 8 -14.92 1.11 -4.07
CA PRO A 8 -15.41 0.27 -5.15
C PRO A 8 -15.79 -1.11 -4.70
N ALA A 9 -15.30 -1.52 -3.52
CA ALA A 9 -15.61 -2.83 -3.01
C ALA A 9 -16.89 -2.73 -2.23
N ARG A 10 -18.03 -2.66 -2.94
CA ARG A 10 -19.31 -2.57 -2.28
C ARG A 10 -19.60 -3.89 -1.62
N SER A 11 -19.27 -5.00 -2.32
CA SER A 11 -19.52 -6.31 -1.78
C SER A 11 -18.20 -7.03 -1.74
N GLY A 12 -17.99 -7.84 -0.69
CA GLY A 12 -16.75 -8.58 -0.56
C GLY A 12 -16.21 -8.31 0.80
N GLY A 13 -14.94 -8.72 1.03
CA GLY A 13 -14.32 -8.49 2.30
C GLY A 13 -13.50 -7.25 2.16
N LYS A 14 -13.63 -6.34 3.15
CA LYS A 14 -12.90 -5.10 3.09
C LYS A 14 -11.88 -5.12 4.20
N VAL A 15 -10.66 -4.64 3.90
CA VAL A 15 -9.61 -4.61 4.88
C VAL A 15 -8.99 -3.25 4.83
N THR A 16 -8.68 -2.68 6.02
CA THR A 16 -8.08 -1.38 6.09
C THR A 16 -6.65 -1.58 6.51
N PHE A 17 -5.69 -1.02 5.74
CA PHE A 17 -4.31 -1.17 6.08
C PHE A 17 -3.73 0.19 6.31
N ARG A 18 -2.85 0.28 7.33
CA ARG A 18 -2.20 1.51 7.65
C ARG A 18 -0.83 1.43 7.04
N ILE A 19 -0.44 2.49 6.31
CA ILE A 19 0.84 2.50 5.66
C ILE A 19 1.65 3.58 6.28
N ILE A 20 2.91 3.26 6.67
CA ILE A 20 3.75 4.25 7.29
C ILE A 20 4.72 4.69 6.24
N LEU A 21 4.73 6.01 5.94
CA LEU A 21 5.64 6.52 4.95
C LEU A 21 6.80 7.13 5.68
N THR A 22 8.02 6.62 5.42
CA THR A 22 9.19 7.17 6.07
C THR A 22 9.79 8.18 5.13
N SER A 23 9.25 8.26 3.89
CA SER A 23 9.77 9.20 2.92
C SER A 23 9.00 10.48 3.05
N GLU A 24 7.81 10.43 3.69
CA GLU A 24 7.02 11.63 3.85
C GLU A 24 6.93 11.89 5.33
N ARG A 25 7.96 12.58 5.88
CA ARG A 25 7.99 12.87 7.29
C ARG A 25 6.90 13.86 7.64
N SER A 26 6.37 14.58 6.62
CA SER A 26 5.34 15.56 6.88
C SER A 26 4.10 14.85 7.38
N GLN A 27 3.82 13.65 6.83
CA GLN A 27 2.66 12.91 7.26
C GLN A 27 2.94 11.45 7.02
N PRO A 28 3.56 10.81 7.99
CA PRO A 28 3.89 9.41 7.89
C PRO A 28 2.75 8.53 8.33
N PHE A 29 1.56 8.72 7.71
CA PHE A 29 0.43 7.94 8.10
C PHE A 29 -0.61 8.09 7.04
N ARG A 30 -0.73 7.09 6.14
CA ARG A 30 -1.73 7.12 5.11
C ARG A 30 -2.51 5.85 5.25
N VAL A 31 -3.84 5.93 5.10
CA VAL A 31 -4.66 4.76 5.26
C VAL A 31 -5.19 4.36 3.91
N ILE A 32 -4.94 3.10 3.51
CA ILE A 32 -5.45 2.62 2.24
C ILE A 32 -6.53 1.63 2.58
N SER A 33 -7.65 1.67 1.83
CA SER A 33 -8.72 0.75 2.08
C SER A 33 -8.85 -0.07 0.84
N ILE A 34 -8.66 -1.39 0.96
CA ILE A 34 -8.74 -2.24 -0.19
C ILE A 34 -9.44 -3.50 0.21
N ALA A 35 -10.05 -4.19 -0.77
CA ALA A 35 -10.74 -5.42 -0.46
C ALA A 35 -9.70 -6.49 -0.22
N GLU A 36 -10.06 -7.50 0.59
CA GLU A 36 -9.15 -8.58 0.88
C GLU A 36 -8.86 -9.30 -0.40
N GLU A 37 -9.89 -9.45 -1.25
CA GLU A 37 -9.73 -10.16 -2.50
C GLU A 37 -9.38 -9.17 -3.60
N ALA A 38 -9.12 -7.89 -3.24
CA ALA A 38 -8.81 -6.90 -4.24
C ALA A 38 -7.34 -6.97 -4.54
N PRO A 39 -6.98 -6.56 -5.73
CA PRO A 39 -5.60 -6.55 -6.17
C PRO A 39 -4.85 -5.34 -5.68
N LEU A 40 -3.51 -5.32 -5.97
CA LEU A 40 -2.67 -4.22 -5.55
C LEU A 40 -3.08 -2.97 -6.28
N THR A 41 -3.87 -3.09 -7.35
CA THR A 41 -4.29 -1.95 -8.13
C THR A 41 -5.06 -1.00 -7.25
N ALA A 42 -5.91 -1.52 -6.34
CA ALA A 42 -6.71 -0.68 -5.48
C ALA A 42 -5.79 0.09 -4.58
N ALA A 43 -4.72 -0.58 -4.09
CA ALA A 43 -3.77 0.06 -3.21
C ALA A 43 -3.07 1.17 -3.95
N LEU A 44 -2.73 0.93 -5.23
CA LEU A 44 -2.02 1.91 -6.04
C LEU A 44 -2.82 3.18 -6.13
N ARG A 45 -4.17 3.09 -6.16
CA ARG A 45 -4.99 4.27 -6.26
C ARG A 45 -4.70 5.18 -5.08
N PHE A 46 -4.62 4.62 -3.86
CA PHE A 46 -4.35 5.43 -2.70
C PHE A 46 -2.87 5.64 -2.58
N ALA A 47 -2.09 4.68 -3.12
CA ALA A 47 -0.64 4.75 -3.07
C ALA A 47 -0.18 5.95 -3.86
N ALA A 48 -0.96 6.34 -4.89
CA ALA A 48 -0.60 7.47 -5.72
C ALA A 48 -0.46 8.69 -4.85
N GLU A 49 -1.34 8.83 -3.82
CA GLU A 49 -1.25 9.98 -2.94
C GLU A 49 -0.01 9.86 -2.09
N GLU A 50 0.33 8.61 -1.71
CA GLU A 50 1.46 8.37 -0.84
C GLU A 50 2.77 8.76 -1.48
N PHE A 51 2.96 8.49 -2.79
CA PHE A 51 4.24 8.79 -3.41
C PHE A 51 4.10 9.99 -4.31
N GLY A 52 2.86 10.31 -4.73
CA GLY A 52 2.64 11.44 -5.60
C GLY A 52 2.79 10.97 -7.02
N ILE A 53 3.19 9.70 -7.23
CA ILE A 53 3.33 9.18 -8.56
C ILE A 53 2.78 7.78 -8.53
N ALA A 54 2.40 7.26 -9.71
CA ALA A 54 1.88 5.92 -9.79
C ALA A 54 2.67 5.22 -10.84
N SER A 55 3.68 4.44 -10.42
CA SER A 55 4.50 3.74 -11.37
C SER A 55 5.25 2.68 -10.63
N VAL A 56 6.34 2.18 -11.27
CA VAL A 56 7.16 1.15 -10.68
C VAL A 56 7.91 1.72 -9.51
N ASP A 57 8.13 3.06 -9.51
CA ASP A 57 8.88 3.69 -8.45
C ASP A 57 8.02 3.77 -7.22
N SER A 58 6.74 3.37 -7.35
CA SER A 58 5.82 3.42 -6.24
C SER A 58 5.83 2.10 -5.52
N MET A 59 6.80 1.20 -5.81
CA MET A 59 6.80 -0.09 -5.16
C MET A 59 8.15 -0.34 -4.52
N ALA A 60 8.50 0.42 -3.46
CA ALA A 60 9.73 0.14 -2.76
C ALA A 60 9.33 -0.03 -1.34
N ALA A 61 8.74 -1.20 -1.03
CA ALA A 61 8.29 -1.47 0.30
C ALA A 61 9.44 -2.00 1.09
N THR A 62 9.48 -1.64 2.39
CA THR A 62 10.54 -2.10 3.24
C THR A 62 9.91 -2.49 4.53
N THR A 63 10.40 -3.59 5.12
CA THR A 63 9.88 -4.05 6.39
C THR A 63 10.89 -3.63 7.42
N LYS A 64 10.47 -3.62 8.70
CA LYS A 64 11.37 -3.25 9.77
C LYS A 64 12.46 -4.28 9.90
N ASP A 65 12.25 -5.49 9.33
CA ASP A 65 13.24 -6.54 9.45
C ASP A 65 14.23 -6.43 8.31
N GLY A 66 13.81 -5.82 7.18
CA GLY A 66 14.73 -5.72 6.06
C GLY A 66 13.94 -5.30 4.85
N THR A 67 14.57 -5.34 3.68
CA THR A 67 13.90 -4.94 2.46
C THR A 67 12.88 -6.00 2.13
N GLY A 68 11.62 -5.55 1.91
CA GLY A 68 10.56 -6.48 1.59
C GLY A 68 9.73 -5.81 0.55
N ILE A 69 10.10 -6.01 -0.73
CA ILE A 69 9.38 -5.40 -1.82
C ILE A 69 8.13 -6.22 -2.06
N ASN A 70 6.99 -5.54 -2.38
CA ASN A 70 5.76 -6.26 -2.57
C ASN A 70 5.77 -6.93 -3.91
N PRO A 71 5.72 -8.26 -3.93
CA PRO A 71 5.69 -9.02 -5.15
C PRO A 71 4.30 -9.54 -5.51
N ALA A 72 3.62 -10.16 -4.53
CA ALA A 72 2.31 -10.70 -4.75
C ALA A 72 1.54 -10.40 -3.51
N GLN A 73 2.10 -9.47 -2.69
CA GLN A 73 1.52 -9.10 -1.42
C GLN A 73 0.22 -8.38 -1.65
N THR A 74 -0.81 -9.15 -2.07
CA THR A 74 -2.14 -8.64 -2.26
C THR A 74 -2.67 -8.40 -0.88
N ALA A 75 -3.89 -7.87 -0.72
CA ALA A 75 -4.40 -7.59 0.61
C ALA A 75 -4.38 -8.87 1.43
N GLY A 76 -4.75 -10.01 0.82
CA GLY A 76 -4.76 -11.27 1.56
C GLY A 76 -3.36 -11.71 1.90
N ASN A 77 -2.40 -11.57 0.96
CA ASN A 77 -1.05 -12.04 1.21
C ASN A 77 -0.34 -11.18 2.23
N VAL A 78 -0.50 -9.84 2.15
CA VAL A 78 0.18 -8.95 3.07
C VAL A 78 -0.46 -9.02 4.43
N PHE A 79 -1.80 -9.25 4.49
CA PHE A 79 -2.49 -9.28 5.76
C PHE A 79 -1.89 -10.32 6.68
N MET A 80 -1.67 -11.55 6.17
CA MET A 80 -1.14 -12.59 7.00
C MET A 80 0.36 -12.51 7.08
N LYS A 81 1.01 -11.75 6.16
CA LYS A 81 2.46 -11.68 6.20
C LYS A 81 2.93 -10.62 7.14
N TYR A 82 2.56 -9.34 6.91
CA TYR A 82 3.05 -8.28 7.75
C TYR A 82 1.90 -7.49 8.31
N GLY A 83 0.76 -7.47 7.59
CA GLY A 83 -0.36 -6.70 8.06
C GLY A 83 -0.06 -5.26 7.78
N GLN A 84 -0.62 -4.34 8.58
CA GLN A 84 -0.38 -2.94 8.37
C GLN A 84 0.92 -2.55 9.06
N GLU A 85 2.00 -3.31 8.78
CA GLU A 85 3.29 -3.01 9.37
C GLU A 85 4.27 -2.80 8.26
N ILE A 86 3.77 -2.28 7.12
CA ILE A 86 4.62 -2.05 5.96
C ILE A 86 5.01 -0.59 5.88
N ARG A 87 6.32 -0.36 5.65
CA ARG A 87 6.82 0.97 5.49
C ARG A 87 6.97 1.13 4.01
N LEU A 88 6.37 2.18 3.41
CA LEU A 88 6.46 2.32 1.97
C LEU A 88 7.29 3.52 1.62
N ILE A 89 8.21 3.33 0.65
CA ILE A 89 9.04 4.41 0.19
C ILE A 89 9.14 4.24 -1.30
N PRO A 90 9.43 5.33 -1.99
CA PRO A 90 9.60 5.30 -3.42
C PRO A 90 10.92 4.74 -3.84
N ARG A 91 10.98 4.17 -5.06
CA ARG A 91 12.20 3.59 -5.54
C ARG A 91 12.80 4.54 -6.54
N ASP A 92 14.15 4.67 -6.53
CA ASP A 92 14.84 5.53 -7.46
C ASP A 92 14.49 6.97 -7.19
N ARG A 93 14.15 7.30 -5.92
CA ARG A 93 13.83 8.66 -5.59
C ARG A 93 14.48 8.99 -4.28
N VAL A 94 14.43 8.04 -3.31
CA VAL A 94 15.04 8.26 -2.02
C VAL A 94 16.53 8.39 -2.22
N GLY A 95 17.10 7.49 -3.05
CA GLY A 95 18.52 7.55 -3.29
C GLY A 95 18.86 6.50 -4.34
N MET A 1 -6.38 10.66 -15.31
CA MET A 1 -5.35 10.17 -14.35
C MET A 1 -5.99 9.50 -13.17
N SER A 2 -7.02 10.15 -12.60
CA SER A 2 -7.70 9.59 -11.46
C SER A 2 -9.17 9.58 -11.77
N GLN A 3 -9.87 8.55 -11.28
CA GLN A 3 -11.30 8.44 -11.51
C GLN A 3 -11.93 8.16 -10.19
N ASN A 4 -13.20 8.58 -10.03
CA ASN A 4 -13.89 8.35 -8.78
C ASN A 4 -14.54 7.01 -8.88
N GLU A 5 -13.90 5.98 -8.28
CA GLU A 5 -14.45 4.66 -8.31
C GLU A 5 -14.12 4.02 -7.00
N GLU A 6 -15.12 3.33 -6.39
CA GLU A 6 -14.89 2.69 -5.12
C GLU A 6 -15.11 1.22 -5.34
N ALA A 7 -14.32 0.38 -4.65
CA ALA A 7 -14.46 -1.05 -4.79
C ALA A 7 -15.71 -1.46 -4.06
N PRO A 8 -16.36 -2.49 -4.56
CA PRO A 8 -17.57 -2.99 -3.96
C PRO A 8 -17.31 -3.95 -2.83
N ALA A 9 -16.78 -3.42 -1.70
CA ALA A 9 -16.49 -4.25 -0.58
C ALA A 9 -17.74 -4.37 0.25
N ARG A 10 -18.77 -5.01 -0.33
CA ARG A 10 -20.02 -5.18 0.38
C ARG A 10 -20.05 -6.58 0.92
N SER A 11 -19.46 -7.53 0.17
CA SER A 11 -19.43 -8.91 0.60
C SER A 11 -17.99 -9.32 0.68
N GLY A 12 -17.70 -10.34 1.51
CA GLY A 12 -16.35 -10.81 1.65
C GLY A 12 -15.85 -10.33 2.98
N GLY A 13 -15.15 -9.19 2.98
CA GLY A 13 -14.63 -8.67 4.21
C GLY A 13 -13.91 -7.40 3.89
N LYS A 14 -13.35 -6.74 4.92
CA LYS A 14 -12.64 -5.50 4.72
C LYS A 14 -11.37 -5.60 5.50
N VAL A 15 -10.27 -5.05 4.94
CA VAL A 15 -9.00 -5.09 5.62
C VAL A 15 -8.43 -3.70 5.57
N THR A 16 -7.82 -3.26 6.69
CA THR A 16 -7.23 -1.94 6.75
C THR A 16 -5.75 -2.16 6.80
N PHE A 17 -5.00 -1.50 5.89
CA PHE A 17 -3.57 -1.67 5.87
C PHE A 17 -2.97 -0.29 6.03
N ARG A 18 -2.01 -0.16 6.98
CA ARG A 18 -1.41 1.12 7.23
C ARG A 18 0.01 1.07 6.75
N ILE A 19 0.42 2.11 5.98
CA ILE A 19 1.77 2.17 5.45
C ILE A 19 2.37 3.45 5.94
N ILE A 20 3.61 3.36 6.50
CA ILE A 20 4.26 4.54 6.99
C ILE A 20 5.09 5.09 5.86
N LEU A 21 4.76 6.33 5.43
CA LEU A 21 5.48 6.94 4.35
C LEU A 21 6.45 7.91 4.96
N THR A 22 7.77 7.68 4.74
CA THR A 22 8.78 8.54 5.32
C THR A 22 9.01 9.72 4.43
N SER A 23 8.39 9.74 3.24
CA SER A 23 8.59 10.84 2.32
C SER A 23 7.73 12.00 2.77
N GLU A 24 6.75 11.75 3.66
CA GLU A 24 5.91 12.82 4.13
C GLU A 24 6.05 12.86 5.62
N ARG A 25 6.96 13.71 6.12
CA ARG A 25 7.18 13.83 7.55
C ARG A 25 5.95 14.40 8.19
N SER A 26 5.27 15.34 7.50
CA SER A 26 4.08 15.97 8.04
C SER A 26 2.99 14.96 8.24
N GLN A 27 2.89 13.94 7.37
CA GLN A 27 1.84 12.96 7.52
C GLN A 27 2.38 11.62 7.09
N PRO A 28 3.08 10.96 7.98
CA PRO A 28 3.65 9.66 7.71
C PRO A 28 2.72 8.54 8.07
N PHE A 29 1.45 8.64 7.64
CA PHE A 29 0.49 7.61 7.95
C PHE A 29 -0.53 7.60 6.86
N ARG A 30 -0.32 6.72 5.85
CA ARG A 30 -1.28 6.62 4.78
C ARG A 30 -1.95 5.30 4.95
N VAL A 31 -3.30 5.31 5.00
CA VAL A 31 -4.03 4.09 5.19
C VAL A 31 -4.75 3.77 3.91
N ILE A 32 -4.74 2.48 3.54
CA ILE A 32 -5.43 2.05 2.35
C ILE A 32 -6.46 1.06 2.82
N SER A 33 -7.67 1.14 2.23
CA SER A 33 -8.73 0.24 2.61
C SER A 33 -8.92 -0.68 1.44
N ILE A 34 -8.77 -1.99 1.68
CA ILE A 34 -8.95 -2.93 0.60
C ILE A 34 -9.58 -4.15 1.17
N ALA A 35 -10.47 -4.78 0.39
CA ALA A 35 -11.11 -5.99 0.85
C ALA A 35 -10.13 -7.11 0.65
N GLU A 36 -10.29 -8.20 1.41
CA GLU A 36 -9.41 -9.34 1.27
C GLU A 36 -9.58 -9.89 -0.11
N GLU A 37 -10.83 -9.88 -0.60
CA GLU A 37 -11.13 -10.41 -1.92
C GLU A 37 -11.03 -9.30 -2.95
N ALA A 38 -10.57 -8.10 -2.55
CA ALA A 38 -10.47 -7.00 -3.50
C ALA A 38 -9.18 -7.14 -4.24
N PRO A 39 -9.14 -6.59 -5.44
CA PRO A 39 -7.95 -6.62 -6.27
C PRO A 39 -6.90 -5.66 -5.82
N LEU A 40 -5.64 -5.91 -6.25
CA LEU A 40 -4.53 -5.06 -5.88
C LEU A 40 -4.68 -3.69 -6.50
N THR A 41 -5.58 -3.54 -7.49
CA THR A 41 -5.76 -2.27 -8.15
C THR A 41 -6.35 -1.25 -7.20
N ALA A 42 -7.16 -1.69 -6.21
CA ALA A 42 -7.76 -0.75 -5.29
C ALA A 42 -6.67 -0.17 -4.44
N ALA A 43 -5.73 -1.02 -3.99
CA ALA A 43 -4.64 -0.57 -3.17
C ALA A 43 -3.75 0.33 -3.98
N LEU A 44 -3.54 -0.03 -5.26
CA LEU A 44 -2.68 0.74 -6.14
C LEU A 44 -3.18 2.15 -6.27
N ARG A 45 -4.53 2.34 -6.33
CA ARG A 45 -5.07 3.68 -6.48
C ARG A 45 -4.64 4.52 -5.30
N PHE A 46 -4.77 3.98 -4.06
CA PHE A 46 -4.37 4.74 -2.89
C PHE A 46 -2.86 4.77 -2.82
N ALA A 47 -2.23 3.70 -3.31
CA ALA A 47 -0.78 3.58 -3.31
C ALA A 47 -0.19 4.69 -4.15
N ALA A 48 -0.91 5.11 -5.21
CA ALA A 48 -0.42 6.15 -6.09
C ALA A 48 -0.17 7.40 -5.29
N GLU A 49 -1.04 7.69 -4.30
CA GLU A 49 -0.86 8.88 -3.49
C GLU A 49 0.37 8.69 -2.65
N GLU A 50 0.58 7.45 -2.16
CA GLU A 50 1.71 7.15 -1.31
C GLU A 50 2.99 7.30 -2.08
N PHE A 51 3.03 6.86 -3.35
CA PHE A 51 4.25 6.95 -4.12
C PHE A 51 4.41 8.36 -4.60
N GLY A 52 3.28 9.06 -4.80
CA GLY A 52 3.30 10.42 -5.25
C GLY A 52 3.51 10.45 -6.74
N ILE A 53 3.77 9.27 -7.36
CA ILE A 53 3.97 9.21 -8.79
C ILE A 53 3.50 7.85 -9.22
N ALA A 54 3.21 7.70 -10.52
CA ALA A 54 2.76 6.43 -11.03
C ALA A 54 3.99 5.71 -11.52
N SER A 55 4.81 5.18 -10.59
CA SER A 55 6.00 4.49 -11.00
C SER A 55 6.30 3.43 -9.98
N VAL A 56 6.74 2.27 -10.48
CA VAL A 56 7.09 1.14 -9.64
C VAL A 56 8.38 1.44 -8.91
N ASP A 57 9.09 2.52 -9.32
CA ASP A 57 10.36 2.84 -8.72
C ASP A 57 10.17 3.22 -7.28
N SER A 58 8.93 3.58 -6.88
CA SER A 58 8.70 3.98 -5.51
C SER A 58 8.21 2.79 -4.72
N MET A 59 8.26 1.58 -5.31
CA MET A 59 7.80 0.40 -4.60
C MET A 59 8.97 -0.23 -3.93
N ALA A 60 9.56 0.46 -2.93
CA ALA A 60 10.66 -0.10 -2.21
C ALA A 60 10.25 -0.09 -0.78
N ALA A 61 9.37 -1.03 -0.41
CA ALA A 61 8.90 -1.09 0.95
C ALA A 61 9.83 -1.98 1.71
N THR A 62 10.08 -1.63 2.98
CA THR A 62 10.96 -2.42 3.79
C THR A 62 10.22 -2.73 5.05
N THR A 63 10.37 -3.98 5.54
CA THR A 63 9.73 -4.39 6.76
C THR A 63 10.79 -4.31 7.85
N LYS A 64 10.35 -4.29 9.12
CA LYS A 64 11.28 -4.22 10.23
C LYS A 64 12.11 -5.46 10.24
N ASP A 65 11.49 -6.61 9.91
CA ASP A 65 12.17 -7.87 9.93
C ASP A 65 13.13 -8.00 8.77
N GLY A 66 12.89 -7.26 7.67
CA GLY A 66 13.79 -7.37 6.54
C GLY A 66 13.16 -6.73 5.36
N THR A 67 13.77 -6.92 4.17
CA THR A 67 13.23 -6.33 2.96
C THR A 67 11.88 -6.92 2.71
N GLY A 68 10.88 -6.04 2.47
CA GLY A 68 9.54 -6.52 2.23
C GLY A 68 8.92 -5.64 1.19
N ILE A 69 9.36 -5.82 -0.06
CA ILE A 69 8.85 -5.03 -1.15
C ILE A 69 7.53 -5.64 -1.55
N ASN A 70 6.51 -4.78 -1.85
CA ASN A 70 5.21 -5.31 -2.19
C ASN A 70 5.27 -5.82 -3.61
N PRO A 71 4.98 -7.10 -3.80
CA PRO A 71 5.01 -7.70 -5.12
C PRO A 71 3.66 -7.71 -5.80
N ALA A 72 2.77 -8.65 -5.40
CA ALA A 72 1.46 -8.74 -6.02
C ALA A 72 0.62 -7.58 -5.55
N GLN A 73 0.91 -7.10 -4.32
CA GLN A 73 0.20 -5.98 -3.74
C GLN A 73 -1.23 -6.40 -3.47
N THR A 74 -1.47 -7.71 -3.24
CA THR A 74 -2.81 -8.16 -2.95
C THR A 74 -3.07 -7.84 -1.50
N ALA A 75 -4.36 -7.65 -1.14
CA ALA A 75 -4.69 -7.32 0.22
C ALA A 75 -4.31 -8.44 1.16
N GLY A 76 -4.63 -9.70 0.78
CA GLY A 76 -4.36 -10.83 1.64
C GLY A 76 -2.88 -11.09 1.76
N ASN A 77 -2.14 -10.99 0.64
CA ASN A 77 -0.71 -11.31 0.69
C ASN A 77 0.04 -10.26 1.45
N VAL A 78 -0.25 -8.98 1.21
CA VAL A 78 0.48 -7.93 1.88
C VAL A 78 0.11 -7.87 3.34
N PHE A 79 -1.19 -8.01 3.66
CA PHE A 79 -1.64 -7.93 5.03
C PHE A 79 -0.98 -9.00 5.86
N MET A 80 -1.03 -10.26 5.41
CA MET A 80 -0.46 -11.34 6.20
C MET A 80 1.05 -11.30 6.19
N LYS A 81 1.66 -10.98 5.04
CA LYS A 81 3.10 -11.01 4.93
C LYS A 81 3.77 -9.90 5.70
N TYR A 82 3.25 -8.64 5.66
CA TYR A 82 3.97 -7.57 6.33
C TYR A 82 3.14 -6.99 7.44
N GLY A 83 1.81 -7.04 7.33
CA GLY A 83 0.99 -6.48 8.38
C GLY A 83 0.97 -5.00 8.18
N GLN A 84 0.11 -4.29 8.93
CA GLN A 84 0.04 -2.85 8.79
C GLN A 84 1.18 -2.22 9.56
N GLU A 85 2.42 -2.72 9.36
CA GLU A 85 3.56 -2.18 10.04
C GLU A 85 4.71 -2.28 9.08
N ILE A 86 4.56 -1.66 7.89
CA ILE A 86 5.60 -1.67 6.90
C ILE A 86 5.90 -0.24 6.52
N ARG A 87 7.19 0.04 6.17
CA ARG A 87 7.58 1.37 5.79
C ARG A 87 7.76 1.37 4.30
N LEU A 88 7.31 2.45 3.64
CA LEU A 88 7.43 2.54 2.20
C LEU A 88 8.40 3.63 1.86
N ILE A 89 9.43 3.31 1.02
CA ILE A 89 10.37 4.32 0.62
C ILE A 89 10.56 4.18 -0.88
N PRO A 90 10.95 5.27 -1.51
CA PRO A 90 11.21 5.30 -2.93
C PRO A 90 12.66 5.12 -3.29
N ARG A 91 12.92 4.61 -4.52
CA ARG A 91 14.29 4.43 -4.96
C ARG A 91 14.49 5.26 -6.19
N ASP A 92 15.75 5.71 -6.40
CA ASP A 92 16.09 6.53 -7.55
C ASP A 92 15.39 7.85 -7.42
N ARG A 93 15.23 8.33 -6.16
CA ARG A 93 14.59 9.60 -5.93
C ARG A 93 15.25 10.18 -4.72
N VAL A 94 14.77 9.79 -3.51
CA VAL A 94 15.34 10.29 -2.28
C VAL A 94 16.74 9.74 -2.18
N GLY A 95 16.90 8.45 -2.49
CA GLY A 95 18.21 7.84 -2.42
C GLY A 95 18.09 6.41 -2.94
#